data_2WI6
# 
_entry.id   2WI6 
# 
_audit_conform.dict_name       mmcif_pdbx.dic 
_audit_conform.dict_version    5.382 
_audit_conform.dict_location   http://mmcif.pdb.org/dictionaries/ascii/mmcif_pdbx.dic 
# 
loop_
_database_2.database_id 
_database_2.database_code 
_database_2.pdbx_database_accession 
_database_2.pdbx_DOI 
PDB   2WI6         pdb_00002wi6 10.2210/pdb2wi6/pdb 
PDBE  EBI-39760    ?            ?                   
WWPDB D_1290039760 ?            ?                   
# 
loop_
_pdbx_database_related.db_name 
_pdbx_database_related.db_id 
_pdbx_database_related.content_type 
_pdbx_database_related.details 
PDB 1YES unspecified 
;HUMAN HSP90 GELDANAMYCIN-BINDING DOMAIN, "OPEN " CONFORMATION
;
PDB 1UY9 unspecified 'HUMAN HSP90-ALPHA WITH 8-BENZO[1,3] DIOXOL-,5-YLMETHYL-9-BUTYL-9H-PURIN-6- YLAMINE' 
PDB 2CDD unspecified 
'HUMAN HSP90 WITH 4-(4-(2,3-DIHYDRO- BENZOL(1,4)DIOXIN-6-YL)-5-METHYL-1H- PYRAZOL-3-YL)-6-ETHYL-BENZENE-1,3-DIOL' 
PDB 1BYQ unspecified 'HSP90 N-TERMINAL DOMAIN BOUND TO ADP-MG' 
PDB 1OSF unspecified 'HUMAN HSP90 IN COMPLEX WITH 17-DESMETHOXY- 17-N,N-DIMETHYLAMINOETHYLAMINO-GELDANAMYCIN' 
PDB 2BSM unspecified 
'NOVEL, POTENT SMALL MOLECULE INHIBITORS OF THE MOLECULAR CHAPERONE HSP90 DISCOVERED THROUGH STRUCTURE-BASED DESIGN' 
PDB 1UY8 unspecified 'HUMAN HSP90-ALPHA WITH 9-BUTYL-8-(3- TRIMETHOXY-BENZYL)-9H-PURIN-6YLAMINE' 
PDB 2BUG unspecified 'SOLUTION STRUCTURE OF THE TPR DOMAIN FROM PROTEIN PHOSPHATASE 5 IN COMPLEX WITH HSP90 DERIVED PEPTIDE' 
PDB 2UWD unspecified 
;INHIBITION OF THE HSP90 MOLECULAR CHAPERONE IN VITRO AND IN VIVO BY NOVEL, SYNTHETIC , POTENT RESORCINYLIC PYRAZOLE, ISOXAZOLE AMIDE ANALOGS
;
PDB 2BT0 unspecified 
'NOVEL, POTENT SMALL MOLECULE INHIBITORS OF THE MOLECULAR CHAPERONE HSP90 DISCOVERED THROUGH STRUCTURE-BASED DESIGN' 
PDB 1YER unspecified 
;HUMAN HSP90 GELDANAMYCIN-BINDING DOMAIN, " CLOSED" CONFORMATION
;
PDB 1UYG unspecified 'HUMAN HSP90-ALPHA WITH 8-(2,5-DIMETHOXY- BENZYL)-2-FLUORO-9H-PURIN-6-YLAMINE' 
PDB 2CCU unspecified 
'HUMAN HSP90 WITH 4-CHLORO-6-(4-(4-(4- METHANESULPHONYL-BENZYL)-PIERAZIN-1-YL)-1H- PYRAZOL-3-YL)-BENZENE-1,3-DIOL' 
PDB 2BZ5 unspecified 'STRUCTURE-BASED DISCOVERY OF A NEW CLASS OF HSP90 INHIBITORS' 
PDB 2CCS unspecified 'HUMAN HSP90 WITH 4-CHLORO-6-(4-PIPERAZIN- 1-YL-1H-PYRAZOL-3-YL)-BENZENE-1,2-DIOL' 
PDB 1UYF unspecified 'HUMAN HSP90-ALPHA WITH 8-(2-CHLORO-3,4, 5-TRIMETHOXY-BENZYL)-2-FLUORO-9-PENT-4- YLNYL-9H-PURIN-6-YLAMINE' 
PDB 1YC3 unspecified 'CRYSTAL STRUCTURE OF HUMAN HSP90ALPHA COMPLEXED WITHDIHYDROXYPHENYLPYRAZOLES' 
PDB 1UYI unspecified 'HUMAN HSP90-ALPHA WITH 8-(2,5-DIMETHOXY- BENZYL)-2-FLUORO-9-PENT-9H-PURIN-6- YLAMINE' 
PDB 1UYD unspecified 'HUMAN HSP90-ALPHA WITH 9-BUTYL-8-(2- CHLORO-3,4,5-TRIMETHOXY-BENZYL)-9H-PURIN- 6-YLAMINE' 
PDB 2BYI unspecified '3-(5-CHLORO-2,4-DIHYDROXYPHENYL)-PYRAZOLE- 4-CARBOXAMIDES AS INHIBITORS OF THE HSP90 MOLECULAR CHAPERONE' 
PDB 1UY6 unspecified 'HUMAN HSP90-ALPHA WITH 9-BUTYL-8-(3,4, 5-TRIMETHOXY-BENZYL)-9H-PURIN-6-YLAMINE' 
PDB 2VCI unspecified '4,5 DIARYL ISOXAZOLE HSP90 CHAPERONE INHIBITORS: POTENTIAL THERAPEUTIC AGENTS FOR THE TREATMENT OF CANCER' 
PDB 2VCJ unspecified '4,5 DIARYL ISOXAZOLE HSP90 CHAPERONE INHIBITORS: POTENTIAL THERAPEUTIC AGENTS FOR THE TREATMENT OF CANCER' 
PDB 1YC4 unspecified 'CRYSTAL STRUCTURE OF HUMAN HSP90ALPHA COMPLEXED WITHDIHYDROXYPHENYLPYRAZOLES' 
PDB 2C2L unspecified 'CRYSTAL STRUCTURE OF THE CHIP U-BOX E3 UBIQUITIN LIGASE' 
PDB 1UYH unspecified 'HUMAN HSP90-ALPHA WITH 9-BUTYL-8-(2,5- DIMETHOXY-BENZYL)-2-FLUORO-9H-PURIN-6- YLAMINE' 
PDB 1UYK unspecified 'HUMAN HSP90-ALPHA WITH 8-BENZO[1,3] DIOXOL-,5-YLMETHYL-9-BUTYL-2-FLUORO-9H- PURIN-6-YLAMINE' 
PDB 2CCT unspecified 
'HUMAN HSP90 WITH 5-(5-CHLORO-2,4- DIHYDROXY-PHENYL)-4-PIPERAZIN-1-YL-2H- PYRAZOLE-3-CARBOXYLIC ACID ETHYLAMIDE' 
PDB 1UYL unspecified 'STRUCTURE-ACTIVITY RELATIONSHIPS IN PURINE- BASED INHIBITOR BINDING TO HSP90 ISOFORMS' 
PDB 1UYE unspecified 'HUMAN HSP90-ALPHA WITH 8-(2-CHLORO-3,4, 5-TRIMETHOXY-BENZYL)-9-PENT-4-YLNYL-9H- PURIN-6-YLAMINE' 
PDB 1YC1 unspecified 'CRYSTAL STRUCTURES OF HUMAN HSP90ALPHA COMPLEXED WITHDIHYDROXYPHENYLPYRAZOLES' 
PDB 1UY7 unspecified 'HUMAN HSP90-ALPHA WITH 9-BUTYL-8-(4- METHOXY-BENZYL)-9H-PURIN-6-YLAMINE' 
PDB 1UYC unspecified 'HUMAN HSP90-ALPHA WITH 9-BUTYL-8-(2,5- DIMETHOXY-BENZYL)-9H-PURIN-6-YLAMINE' 
PDB 1YET unspecified 'GELDANAMYCIN BOUND TO THE HSP90 GELDANAMYCIN- BINDING DOMAIN' 
PDB 2JJC unspecified 'HSP90 ALPHA ATPASE DOMAIN WITH BOUND SMALL MOLECULE FRAGMENT' 
PDB 2BYH unspecified '3-(5-CHLORO-2,4-DIHYDROXYPHENYL)-PYRAZOLE- 4-CARBOXAMIDES AS INHIBITORS OF THE HSP90 MOLECULAR CHAPERONE' 
PDB 2WI4 unspecified 'ORALLY ACTIVE 2-AMINO THIENOPYRIMIDINE INHIBITORS OF THE HSP90 CHAPERONE' 
PDB 2WI2 unspecified 'ORALLY ACTIVE 2-AMINO THIENOPYRIMIDINE INHIBITORS OF THE HSP90 CHAPERONE' 
PDB 2WI7 unspecified 'ORALLY ACTIVE 2-AMINO THIENOPYRIMIDINE INHIBITORS OF THE HSP90 CHAPERONE' 
PDB 2WI3 unspecified 'ORALLY ACTIVE 2-AMINO THIENOPYRIMIDINE INHIBITORS OF THE HSP90 CHAPERONE' 
PDB 2WI1 unspecified 'ORALLY ACTIVE 2-AMINO THIENOPYRIMIDINE INHIBITORS OF THE HSP90 CHAPERONE' 
PDB 2WI5 unspecified 'ORALLY ACTIVE 2-AMINO THIENOPYRIMIDINE INHIBITORS OF THE HSP90 CHAPERONE' 
# 
_pdbx_database_status.status_code                     REL 
_pdbx_database_status.entry_id                        2WI6 
_pdbx_database_status.deposit_site                    PDBE 
_pdbx_database_status.process_site                    PDBE 
_pdbx_database_status.SG_entry                        . 
_pdbx_database_status.recvd_initial_deposition_date   2009-05-08 
_pdbx_database_status.pdb_format_compatible           Y 
_pdbx_database_status.status_code_sf                  REL 
_pdbx_database_status.status_code_mr                  ? 
_pdbx_database_status.status_code_cs                  ? 
_pdbx_database_status.methods_development_category    ? 
_pdbx_database_status.status_code_nmr_data            ? 
# 
loop_
_audit_author.name 
_audit_author.pdbx_ordinal 
'Brough, P.A.'          1  
'Barril, X.'            2  
'Borgognoni, J.'        3  
'Chene, P.'             4  
'Davies, N.G.M.'        5  
'Davis, B.'             6  
'Drysdale, M.J.'        7  
'Dymock, B.'            8  
'Eccles, S.A.'          9  
'Garcia-Echeverria, C.' 10 
'Fromont, C.'           11 
'Hayes, A.'             12 
'Hubbard, R.E.'         13 
'Jordan, A.M.'          14 
'Rugaard-Jensen, M.'    15 
'Massey, A.'            16 
'Merret, A.'            17 
'Padfield, A.'          18 
'Parsons, R.'           19 
'Radimerski, T.'        20 
'Raynaud, F.I.'         21 
'Robertson, A.'         22 
'Roughley, S.D.'        23 
'Schoepfer, J.'         24 
'Simmonite, H.'         25 
'Surgenor, A.'          26 
'Valenti, M.'           27 
'Walls, S.'             28 
'Webb, P.'              29 
'Wood, M.'              30 
'Workman, P.'           31 
'Wright, L.M.'          32 
# 
_citation.id                        primary 
_citation.title                     
;Combining Hit Identification Strategies: Fragment- Based and in Silico Approaches to Orally Active 2-Aminothieno[2,3-D]Pyrimidine Inhibitors of the Hsp90 Molecular Chaperone.
;
_citation.journal_abbrev            J.Med.Chem. 
_citation.journal_volume            52 
_citation.page_first                4794 
_citation.page_last                 ? 
_citation.year                      2009 
_citation.journal_id_ASTM           JMCMAR 
_citation.country                   US 
_citation.journal_id_ISSN           0022-2623 
_citation.journal_id_CSD            0151 
_citation.book_publisher            ? 
_citation.pdbx_database_id_PubMed   19610616 
_citation.pdbx_database_id_DOI      10.1021/JM900357Y 
# 
loop_
_citation_author.citation_id 
_citation_author.name 
_citation_author.ordinal 
_citation_author.identifier_ORCID 
primary 'Brough, P.A.'          1  ? 
primary 'Barril, X.'            2  ? 
primary 'Borgognoni, J.'        3  ? 
primary 'Chene, P.'             4  ? 
primary 'Davies, N.G.M.'        5  ? 
primary 'Davis, B.'             6  ? 
primary 'Drysdale, M.J.'        7  ? 
primary 'Dymock, B.'            8  ? 
primary 'Eccles, S.A.'          9  ? 
primary 'Garcia-Echeverria, C.' 10 ? 
primary 'Fromont, C.'           11 ? 
primary 'Hayes, A.'             12 ? 
primary 'Hubbard, R.E.'         13 ? 
primary 'Jordan, A.M.'          14 ? 
primary 'Jensen, M.R.'          15 ? 
primary 'Massey, A.'            16 ? 
primary 'Merrett, A.'           17 ? 
primary 'Padfield, A.'          18 ? 
primary 'Parsons, R.'           19 ? 
primary 'Radimerski, T.'        20 ? 
primary 'Raynaud, F.I.'         21 ? 
primary 'Robertson, A.'         22 ? 
primary 'Roughley, S.D.'        23 ? 
primary 'Schoepfer, J.'         24 ? 
primary 'Simmonite, H.'         25 ? 
primary 'Sharp, S.Y.'           26 ? 
primary 'Surgenor, A.'          27 ? 
primary 'Valenti, M.'           28 ? 
primary 'Walls, S.'             29 ? 
primary 'Webb, P.'              30 ? 
primary 'Wood, M.'              31 ? 
primary 'Workman, P.'           32 ? 
primary 'Wright, L.M.'          33 ? 
# 
_cell.entry_id           2WI6 
_cell.length_a           64.930 
_cell.length_b           87.957 
_cell.length_c           99.132 
_cell.angle_alpha        90.00 
_cell.angle_beta         90.00 
_cell.angle_gamma        90.00 
_cell.Z_PDB              8 
_cell.pdbx_unique_axis   ? 
# 
_symmetry.entry_id                         2WI6 
_symmetry.space_group_name_H-M             'I 2 2 2' 
_symmetry.pdbx_full_space_group_name_H-M   ? 
_symmetry.cell_setting                     ? 
_symmetry.Int_Tables_number                23 
# 
loop_
_entity.id 
_entity.type 
_entity.src_method 
_entity.pdbx_description 
_entity.formula_weight 
_entity.pdbx_number_of_molecules 
_entity.pdbx_ec 
_entity.pdbx_mutation 
_entity.pdbx_fragment 
_entity.details 
1 polymer     man 'HEAT SHOCK PROTEIN, HSP90-ALPHA'                                             26601.773 1  ? ? 
'N-TERMINAL ATP-BINDING DOMAIN, RESIDUES 1-236' ? 
2 non-polymer syn '2-AMINO-4-(2,4-DICHLOROPHENYL)-N-ETHYLTHIENO[2,3-D]PYRIMIDINE-6-CARBOXAMIDE' 367.253   1  ? ? ? ? 
3 water       nat water                                                                         18.015    31 ? ? ? ? 
# 
_entity_name_com.entity_id   1 
_entity_name_com.name        'HSP 86, RENAL CARCINOMA ANTIGEN NY-REN-38' 
# 
_entity_poly.entity_id                      1 
_entity_poly.type                           'polypeptide(L)' 
_entity_poly.nstd_linkage                   no 
_entity_poly.nstd_monomer                   no 
_entity_poly.pdbx_seq_one_letter_code       
;MPEETQTQDQPMEEEEVETFAFQAEIAQLMSLIINTFYSNKEIFLRELISNSSDALDKIRYESLTDPSKLDSGKELHINL
IPNKQDRTLTIVDTGIGMTKADLINNLGTIAKSGTKAFMEALQAGADISMIGQFGVGFYSAYLVAEKVTVITKHNDDEQY
AWESSAGGSFTVRTDTGEPMGRGTKVILHLKEDQTEYLEERRIKEIVKKHSQFIGYPITLFVEKERDKEVSDDEAE
;
_entity_poly.pdbx_seq_one_letter_code_can   
;MPEETQTQDQPMEEEEVETFAFQAEIAQLMSLIINTFYSNKEIFLRELISNSSDALDKIRYESLTDPSKLDSGKELHINL
IPNKQDRTLTIVDTGIGMTKADLINNLGTIAKSGTKAFMEALQAGADISMIGQFGVGFYSAYLVAEKVTVITKHNDDEQY
AWESSAGGSFTVRTDTGEPMGRGTKVILHLKEDQTEYLEERRIKEIVKKHSQFIGYPITLFVEKERDKEVSDDEAE
;
_entity_poly.pdbx_strand_id                 A 
_entity_poly.pdbx_target_identifier         ? 
# 
loop_
_entity_poly_seq.entity_id 
_entity_poly_seq.num 
_entity_poly_seq.mon_id 
_entity_poly_seq.hetero 
1 1   MET n 
1 2   PRO n 
1 3   GLU n 
1 4   GLU n 
1 5   THR n 
1 6   GLN n 
1 7   THR n 
1 8   GLN n 
1 9   ASP n 
1 10  GLN n 
1 11  PRO n 
1 12  MET n 
1 13  GLU n 
1 14  GLU n 
1 15  GLU n 
1 16  GLU n 
1 17  VAL n 
1 18  GLU n 
1 19  THR n 
1 20  PHE n 
1 21  ALA n 
1 22  PHE n 
1 23  GLN n 
1 24  ALA n 
1 25  GLU n 
1 26  ILE n 
1 27  ALA n 
1 28  GLN n 
1 29  LEU n 
1 30  MET n 
1 31  SER n 
1 32  LEU n 
1 33  ILE n 
1 34  ILE n 
1 35  ASN n 
1 36  THR n 
1 37  PHE n 
1 38  TYR n 
1 39  SER n 
1 40  ASN n 
1 41  LYS n 
1 42  GLU n 
1 43  ILE n 
1 44  PHE n 
1 45  LEU n 
1 46  ARG n 
1 47  GLU n 
1 48  LEU n 
1 49  ILE n 
1 50  SER n 
1 51  ASN n 
1 52  SER n 
1 53  SER n 
1 54  ASP n 
1 55  ALA n 
1 56  LEU n 
1 57  ASP n 
1 58  LYS n 
1 59  ILE n 
1 60  ARG n 
1 61  TYR n 
1 62  GLU n 
1 63  SER n 
1 64  LEU n 
1 65  THR n 
1 66  ASP n 
1 67  PRO n 
1 68  SER n 
1 69  LYS n 
1 70  LEU n 
1 71  ASP n 
1 72  SER n 
1 73  GLY n 
1 74  LYS n 
1 75  GLU n 
1 76  LEU n 
1 77  HIS n 
1 78  ILE n 
1 79  ASN n 
1 80  LEU n 
1 81  ILE n 
1 82  PRO n 
1 83  ASN n 
1 84  LYS n 
1 85  GLN n 
1 86  ASP n 
1 87  ARG n 
1 88  THR n 
1 89  LEU n 
1 90  THR n 
1 91  ILE n 
1 92  VAL n 
1 93  ASP n 
1 94  THR n 
1 95  GLY n 
1 96  ILE n 
1 97  GLY n 
1 98  MET n 
1 99  THR n 
1 100 LYS n 
1 101 ALA n 
1 102 ASP n 
1 103 LEU n 
1 104 ILE n 
1 105 ASN n 
1 106 ASN n 
1 107 LEU n 
1 108 GLY n 
1 109 THR n 
1 110 ILE n 
1 111 ALA n 
1 112 LYS n 
1 113 SER n 
1 114 GLY n 
1 115 THR n 
1 116 LYS n 
1 117 ALA n 
1 118 PHE n 
1 119 MET n 
1 120 GLU n 
1 121 ALA n 
1 122 LEU n 
1 123 GLN n 
1 124 ALA n 
1 125 GLY n 
1 126 ALA n 
1 127 ASP n 
1 128 ILE n 
1 129 SER n 
1 130 MET n 
1 131 ILE n 
1 132 GLY n 
1 133 GLN n 
1 134 PHE n 
1 135 GLY n 
1 136 VAL n 
1 137 GLY n 
1 138 PHE n 
1 139 TYR n 
1 140 SER n 
1 141 ALA n 
1 142 TYR n 
1 143 LEU n 
1 144 VAL n 
1 145 ALA n 
1 146 GLU n 
1 147 LYS n 
1 148 VAL n 
1 149 THR n 
1 150 VAL n 
1 151 ILE n 
1 152 THR n 
1 153 LYS n 
1 154 HIS n 
1 155 ASN n 
1 156 ASP n 
1 157 ASP n 
1 158 GLU n 
1 159 GLN n 
1 160 TYR n 
1 161 ALA n 
1 162 TRP n 
1 163 GLU n 
1 164 SER n 
1 165 SER n 
1 166 ALA n 
1 167 GLY n 
1 168 GLY n 
1 169 SER n 
1 170 PHE n 
1 171 THR n 
1 172 VAL n 
1 173 ARG n 
1 174 THR n 
1 175 ASP n 
1 176 THR n 
1 177 GLY n 
1 178 GLU n 
1 179 PRO n 
1 180 MET n 
1 181 GLY n 
1 182 ARG n 
1 183 GLY n 
1 184 THR n 
1 185 LYS n 
1 186 VAL n 
1 187 ILE n 
1 188 LEU n 
1 189 HIS n 
1 190 LEU n 
1 191 LYS n 
1 192 GLU n 
1 193 ASP n 
1 194 GLN n 
1 195 THR n 
1 196 GLU n 
1 197 TYR n 
1 198 LEU n 
1 199 GLU n 
1 200 GLU n 
1 201 ARG n 
1 202 ARG n 
1 203 ILE n 
1 204 LYS n 
1 205 GLU n 
1 206 ILE n 
1 207 VAL n 
1 208 LYS n 
1 209 LYS n 
1 210 HIS n 
1 211 SER n 
1 212 GLN n 
1 213 PHE n 
1 214 ILE n 
1 215 GLY n 
1 216 TYR n 
1 217 PRO n 
1 218 ILE n 
1 219 THR n 
1 220 LEU n 
1 221 PHE n 
1 222 VAL n 
1 223 GLU n 
1 224 LYS n 
1 225 GLU n 
1 226 ARG n 
1 227 ASP n 
1 228 LYS n 
1 229 GLU n 
1 230 VAL n 
1 231 SER n 
1 232 ASP n 
1 233 ASP n 
1 234 GLU n 
1 235 ALA n 
1 236 GLU n 
# 
_entity_src_gen.entity_id                          1 
_entity_src_gen.pdbx_src_id                        1 
_entity_src_gen.pdbx_alt_source_flag               sample 
_entity_src_gen.pdbx_seq_type                      ? 
_entity_src_gen.pdbx_beg_seq_num                   ? 
_entity_src_gen.pdbx_end_seq_num                   ? 
_entity_src_gen.gene_src_common_name               HUMAN 
_entity_src_gen.gene_src_genus                     ? 
_entity_src_gen.pdbx_gene_src_gene                 ? 
_entity_src_gen.gene_src_species                   ? 
_entity_src_gen.gene_src_strain                    ? 
_entity_src_gen.gene_src_tissue                    MELANOMA 
_entity_src_gen.gene_src_tissue_fraction           ? 
_entity_src_gen.gene_src_details                   ? 
_entity_src_gen.pdbx_gene_src_fragment             ? 
_entity_src_gen.pdbx_gene_src_scientific_name      'HOMO SAPIENS' 
_entity_src_gen.pdbx_gene_src_ncbi_taxonomy_id     9606 
_entity_src_gen.pdbx_gene_src_variant              ? 
_entity_src_gen.pdbx_gene_src_cell_line            ? 
_entity_src_gen.pdbx_gene_src_atcc                 ? 
_entity_src_gen.pdbx_gene_src_organ                SKIN 
_entity_src_gen.pdbx_gene_src_organelle            ? 
_entity_src_gen.pdbx_gene_src_cell                 ? 
_entity_src_gen.pdbx_gene_src_cellular_location    ? 
_entity_src_gen.host_org_common_name               ? 
_entity_src_gen.pdbx_host_org_scientific_name      'ESCHERICHIA COLI' 
_entity_src_gen.pdbx_host_org_ncbi_taxonomy_id     469008 
_entity_src_gen.host_org_genus                     ? 
_entity_src_gen.pdbx_host_org_gene                 ? 
_entity_src_gen.pdbx_host_org_organ                ? 
_entity_src_gen.host_org_species                   ? 
_entity_src_gen.pdbx_host_org_tissue               ? 
_entity_src_gen.pdbx_host_org_tissue_fraction      ? 
_entity_src_gen.pdbx_host_org_strain               'BL21(DE3)' 
_entity_src_gen.pdbx_host_org_variant              ? 
_entity_src_gen.pdbx_host_org_cell_line            ? 
_entity_src_gen.pdbx_host_org_atcc                 ? 
_entity_src_gen.pdbx_host_org_culture_collection   ? 
_entity_src_gen.pdbx_host_org_cell                 ? 
_entity_src_gen.pdbx_host_org_organelle            ? 
_entity_src_gen.pdbx_host_org_cellular_location    ? 
_entity_src_gen.pdbx_host_org_vector_type          ? 
_entity_src_gen.pdbx_host_org_vector               ? 
_entity_src_gen.host_org_details                   ? 
_entity_src_gen.expression_system_id               ? 
_entity_src_gen.plasmid_name                       PET19 
_entity_src_gen.plasmid_details                    ? 
_entity_src_gen.pdbx_description                   'CLONED FROM IMAGE\:4026275' 
# 
_struct_ref.id                         1 
_struct_ref.db_name                    UNP 
_struct_ref.db_code                    HS90A_HUMAN 
_struct_ref.entity_id                  1 
_struct_ref.pdbx_seq_one_letter_code   ? 
_struct_ref.pdbx_align_begin           ? 
_struct_ref.pdbx_db_accession          P07900 
_struct_ref.pdbx_db_isoform            ? 
# 
_struct_ref_seq.align_id                      1 
_struct_ref_seq.ref_id                        1 
_struct_ref_seq.pdbx_PDB_id_code              2WI6 
_struct_ref_seq.pdbx_strand_id                A 
_struct_ref_seq.seq_align_beg                 1 
_struct_ref_seq.pdbx_seq_align_beg_ins_code   ? 
_struct_ref_seq.seq_align_end                 236 
_struct_ref_seq.pdbx_seq_align_end_ins_code   ? 
_struct_ref_seq.pdbx_db_accession             P07900 
_struct_ref_seq.db_align_beg                  1 
_struct_ref_seq.pdbx_db_align_beg_ins_code    ? 
_struct_ref_seq.db_align_end                  236 
_struct_ref_seq.pdbx_db_align_end_ins_code    ? 
_struct_ref_seq.pdbx_auth_seq_align_beg       1 
_struct_ref_seq.pdbx_auth_seq_align_end       236 
# 
loop_
_chem_comp.id 
_chem_comp.type 
_chem_comp.mon_nstd_flag 
_chem_comp.name 
_chem_comp.pdbx_synonyms 
_chem_comp.formula 
_chem_comp.formula_weight 
ALA 'L-peptide linking' y ALANINE                                                                       ? 'C3 H7 N O2'         
89.093  
ARG 'L-peptide linking' y ARGININE                                                                      ? 'C6 H15 N4 O2 1'     
175.209 
ASN 'L-peptide linking' y ASPARAGINE                                                                    ? 'C4 H8 N2 O3'        
132.118 
ASP 'L-peptide linking' y 'ASPARTIC ACID'                                                               ? 'C4 H7 N O4'         
133.103 
GLN 'L-peptide linking' y GLUTAMINE                                                                     ? 'C5 H10 N2 O3'       
146.144 
GLU 'L-peptide linking' y 'GLUTAMIC ACID'                                                               ? 'C5 H9 N O4'         
147.129 
GLY 'peptide linking'   y GLYCINE                                                                       ? 'C2 H5 N O2'         
75.067  
HIS 'L-peptide linking' y HISTIDINE                                                                     ? 'C6 H10 N3 O2 1'     
156.162 
HOH non-polymer         . WATER                                                                         ? 'H2 O'               
18.015  
ILE 'L-peptide linking' y ISOLEUCINE                                                                    ? 'C6 H13 N O2'        
131.173 
LEU 'L-peptide linking' y LEUCINE                                                                       ? 'C6 H13 N O2'        
131.173 
LYS 'L-peptide linking' y LYSINE                                                                        ? 'C6 H15 N2 O2 1'     
147.195 
MET 'L-peptide linking' y METHIONINE                                                                    ? 'C5 H11 N O2 S'      
149.211 
PHE 'L-peptide linking' y PHENYLALANINE                                                                 ? 'C9 H11 N O2'        
165.189 
PRO 'L-peptide linking' y PROLINE                                                                       ? 'C5 H9 N O2'         
115.130 
SER 'L-peptide linking' y SERINE                                                                        ? 'C3 H7 N O3'         
105.093 
THR 'L-peptide linking' y THREONINE                                                                     ? 'C4 H9 N O3'         
119.119 
TRP 'L-peptide linking' y TRYPTOPHAN                                                                    ? 'C11 H12 N2 O2'      
204.225 
TYR 'L-peptide linking' y TYROSINE                                                                      ? 'C9 H11 N O3'        
181.189 
VAL 'L-peptide linking' y VALINE                                                                        ? 'C5 H11 N O2'        
117.146 
ZZ6 non-polymer         . '2-AMINO-4-(2,4-DICHLOROPHENYL)-N-ETHYLTHIENO[2,3-D]PYRIMIDINE-6-CARBOXAMIDE' ? 'C15 H12 Cl2 N4 O S' 
367.253 
# 
_exptl.entry_id          2WI6 
_exptl.method            'X-RAY DIFFRACTION' 
_exptl.crystals_number   1 
# 
_exptl_crystal.id                    1 
_exptl_crystal.density_meas          ? 
_exptl_crystal.density_Matthews      2.9 
_exptl_crystal.density_percent_sol   59.9 
_exptl_crystal.description           NONE 
# 
_exptl_crystal_grow.crystal_id      1 
_exptl_crystal_grow.method          ? 
_exptl_crystal_grow.temp            ? 
_exptl_crystal_grow.temp_details    ? 
_exptl_crystal_grow.pH              6.5 
_exptl_crystal_grow.pdbx_pH_range   ? 
_exptl_crystal_grow.pdbx_details    'pH 6.5' 
# 
_diffrn.id                     1 
_diffrn.ambient_temp           100 
_diffrn.ambient_temp_details   ? 
_diffrn.crystal_id             1 
# 
_diffrn_detector.diffrn_id              1 
_diffrn_detector.detector               'IMAGE PLATE' 
_diffrn_detector.type                   'RIGAKU RAXIS IV' 
_diffrn_detector.pdbx_collection_date   2007-11-09 
_diffrn_detector.details                'OSMIC BLUE MIRRORS' 
# 
_diffrn_radiation.diffrn_id                        1 
_diffrn_radiation.wavelength_id                    1 
_diffrn_radiation.pdbx_monochromatic_or_laue_m_l   M 
_diffrn_radiation.monochromator                    ? 
_diffrn_radiation.pdbx_diffrn_protocol             'SINGLE WAVELENGTH' 
_diffrn_radiation.pdbx_scattering_type             x-ray 
# 
_diffrn_radiation_wavelength.id           1 
_diffrn_radiation_wavelength.wavelength   1.5418 
_diffrn_radiation_wavelength.wt           1.0 
# 
_diffrn_source.diffrn_id                   1 
_diffrn_source.source                      'ROTATING ANODE' 
_diffrn_source.type                        'RIGAKU RUH3R' 
_diffrn_source.pdbx_synchrotron_site       ? 
_diffrn_source.pdbx_synchrotron_beamline   ? 
_diffrn_source.pdbx_wavelength             1.5418 
_diffrn_source.pdbx_wavelength_list        ? 
# 
_reflns.pdbx_diffrn_id               1 
_reflns.pdbx_ordinal                 1 
_reflns.entry_id                     2WI6 
_reflns.observed_criterion_sigma_I   3.0 
_reflns.observed_criterion_sigma_F   ? 
_reflns.d_resolution_low             30.00 
_reflns.d_resolution_high            2.18 
_reflns.number_obs                   14988 
_reflns.number_all                   ? 
_reflns.percent_possible_obs         86.3 
_reflns.pdbx_Rmerge_I_obs            0.05 
_reflns.pdbx_Rsym_value              ? 
_reflns.pdbx_netI_over_sigmaI        31.30 
_reflns.B_iso_Wilson_estimate        ? 
_reflns.pdbx_redundancy              3 
# 
_reflns_shell.pdbx_diffrn_id         1 
_reflns_shell.pdbx_ordinal           1 
_reflns_shell.d_res_high             2.18 
_reflns_shell.d_res_low              2.90 
_reflns_shell.percent_possible_all   58.3 
_reflns_shell.Rmerge_I_obs           0.27 
_reflns_shell.pdbx_Rsym_value        ? 
_reflns_shell.meanI_over_sigI_obs    3.80 
_reflns_shell.pdbx_redundancy        2 
# 
_refine.pdbx_refine_id                           'X-RAY DIFFRACTION' 
_refine.entry_id                                 2WI6 
_refine.pdbx_diffrn_id                           1 
_refine.pdbx_TLS_residual_ADP_flag               ? 
_refine.ls_number_reflns_obs                     12290 
_refine.ls_number_reflns_all                     ? 
_refine.pdbx_ls_sigma_I                          ? 
_refine.pdbx_ls_sigma_F                          ? 
_refine.pdbx_data_cutoff_high_absF               ? 
_refine.pdbx_data_cutoff_low_absF                ? 
_refine.pdbx_data_cutoff_high_rms_absF           ? 
_refine.ls_d_res_low                             65.80 
_refine.ls_d_res_high                            2.18 
_refine.ls_percent_reflns_obs                    85.5 
_refine.ls_R_factor_obs                          0.237 
_refine.ls_R_factor_all                          ? 
_refine.ls_R_factor_R_work                       0.233 
_refine.ls_R_factor_R_free                       0.304 
_refine.ls_R_factor_R_free_error                 ? 
_refine.ls_R_factor_R_free_error_details         ? 
_refine.ls_percent_reflns_R_free                 4.900 
_refine.ls_number_reflns_R_free                  631 
_refine.ls_number_parameters                     ? 
_refine.ls_number_restraints                     ? 
_refine.occupancy_min                            ? 
_refine.occupancy_max                            ? 
_refine.correlation_coeff_Fo_to_Fc               0.945 
_refine.correlation_coeff_Fo_to_Fc_free          0.901 
_refine.B_iso_mean                               57.70 
_refine.aniso_B[1][1]                            -0.35000 
_refine.aniso_B[2][2]                            4.63000 
_refine.aniso_B[3][3]                            -4.28000 
_refine.aniso_B[1][2]                            0.00000 
_refine.aniso_B[1][3]                            0.00000 
_refine.aniso_B[2][3]                            0.00000 
_refine.solvent_model_details                    MASK 
_refine.solvent_model_param_ksol                 ? 
_refine.solvent_model_param_bsol                 ? 
_refine.pdbx_solvent_vdw_probe_radii             1.40 
_refine.pdbx_solvent_ion_probe_radii             0.80 
_refine.pdbx_solvent_shrinkage_radii             0.80 
_refine.pdbx_ls_cross_valid_method               THROUGHOUT 
_refine.details                                  'HYDROGENS HAVE BEEN ADDED IN THE RIDING POSITIONS.' 
_refine.pdbx_starting_model                      'PDB ENTRY 1UY6' 
_refine.pdbx_method_to_determine_struct          'MOLECULAR REPLACEMENT' 
_refine.pdbx_isotropic_thermal_model             ? 
_refine.pdbx_stereochemistry_target_values       'MAXIMUM LIKELIHOOD' 
_refine.pdbx_stereochem_target_val_spec_case     ? 
_refine.pdbx_R_Free_selection_details            RANDOM 
_refine.pdbx_overall_ESU_R                       0.300 
_refine.pdbx_overall_ESU_R_Free                  0.263 
_refine.overall_SU_ML                            0.196 
_refine.pdbx_overall_phase_error                 ? 
_refine.overall_SU_B                             7.864 
_refine.overall_SU_R_Cruickshank_DPI             ? 
_refine.pdbx_overall_SU_R_free_Cruickshank_DPI   ? 
_refine.pdbx_overall_SU_R_Blow_DPI               ? 
_refine.pdbx_overall_SU_R_free_Blow_DPI          ? 
# 
_refine_hist.pdbx_refine_id                   'X-RAY DIFFRACTION' 
_refine_hist.cycle_id                         LAST 
_refine_hist.pdbx_number_atoms_protein        1629 
_refine_hist.pdbx_number_atoms_nucleic_acid   0 
_refine_hist.pdbx_number_atoms_ligand         23 
_refine_hist.number_atoms_solvent             31 
_refine_hist.number_atoms_total               1683 
_refine_hist.d_res_high                       2.18 
_refine_hist.d_res_low                        65.80 
# 
loop_
_refine_ls_restr.type 
_refine_ls_restr.dev_ideal 
_refine_ls_restr.dev_ideal_target 
_refine_ls_restr.weight 
_refine_ls_restr.number 
_refine_ls_restr.pdbx_refine_id 
_refine_ls_restr.pdbx_restraint_function 
r_bond_refined_d             0.020  0.022  ? 1680 'X-RAY DIFFRACTION' ? 
r_bond_other_d               ?      ?      ? ?    'X-RAY DIFFRACTION' ? 
r_angle_refined_deg          2.096  1.979  ? 2270 'X-RAY DIFFRACTION' ? 
r_angle_other_deg            ?      ?      ? ?    'X-RAY DIFFRACTION' ? 
r_dihedral_angle_1_deg       8.265  5.000  ? 207  'X-RAY DIFFRACTION' ? 
r_dihedral_angle_2_deg       34.659 25.200 ? 75   'X-RAY DIFFRACTION' ? 
r_dihedral_angle_3_deg       19.085 15.000 ? 302  'X-RAY DIFFRACTION' ? 
r_dihedral_angle_4_deg       21.356 15.000 ? 7    'X-RAY DIFFRACTION' ? 
r_chiral_restr               0.136  0.200  ? 257  'X-RAY DIFFRACTION' ? 
r_gen_planes_refined         0.009  0.020  ? 1252 'X-RAY DIFFRACTION' ? 
r_gen_planes_other           ?      ?      ? ?    'X-RAY DIFFRACTION' ? 
r_nbd_refined                ?      ?      ? ?    'X-RAY DIFFRACTION' ? 
r_nbd_other                  ?      ?      ? ?    'X-RAY DIFFRACTION' ? 
r_nbtor_refined              ?      ?      ? ?    'X-RAY DIFFRACTION' ? 
r_nbtor_other                ?      ?      ? ?    'X-RAY DIFFRACTION' ? 
r_xyhbond_nbd_refined        ?      ?      ? ?    'X-RAY DIFFRACTION' ? 
r_xyhbond_nbd_other          ?      ?      ? ?    'X-RAY DIFFRACTION' ? 
r_metal_ion_refined          ?      ?      ? ?    'X-RAY DIFFRACTION' ? 
r_metal_ion_other            ?      ?      ? ?    'X-RAY DIFFRACTION' ? 
r_symmetry_vdw_refined       ?      ?      ? ?    'X-RAY DIFFRACTION' ? 
r_symmetry_vdw_other         ?      ?      ? ?    'X-RAY DIFFRACTION' ? 
r_symmetry_hbond_refined     ?      ?      ? ?    'X-RAY DIFFRACTION' ? 
r_symmetry_hbond_other       ?      ?      ? ?    'X-RAY DIFFRACTION' ? 
r_symmetry_metal_ion_refined ?      ?      ? ?    'X-RAY DIFFRACTION' ? 
r_symmetry_metal_ion_other   ?      ?      ? ?    'X-RAY DIFFRACTION' ? 
r_mcbond_it                  1.134  1.500  ? 1029 'X-RAY DIFFRACTION' ? 
r_mcbond_other               ?      ?      ? ?    'X-RAY DIFFRACTION' ? 
r_mcangle_it                 2.040  2.000  ? 1660 'X-RAY DIFFRACTION' ? 
r_mcangle_other              ?      ?      ? ?    'X-RAY DIFFRACTION' ? 
r_scbond_it                  2.851  3.000  ? 651  'X-RAY DIFFRACTION' ? 
r_scbond_other               ?      ?      ? ?    'X-RAY DIFFRACTION' ? 
r_scangle_it                 4.699  4.500  ? 610  'X-RAY DIFFRACTION' ? 
r_scangle_other              ?      ?      ? ?    'X-RAY DIFFRACTION' ? 
r_long_range_B_refined       ?      ?      ? ?    'X-RAY DIFFRACTION' ? 
r_long_range_B_other         ?      ?      ? ?    'X-RAY DIFFRACTION' ? 
r_rigid_bond_restr           ?      ?      ? ?    'X-RAY DIFFRACTION' ? 
r_sphericity_free            ?      ?      ? ?    'X-RAY DIFFRACTION' ? 
r_sphericity_bonded          ?      ?      ? ?    'X-RAY DIFFRACTION' ? 
# 
_refine_ls_shell.pdbx_refine_id                   'X-RAY DIFFRACTION' 
_refine_ls_shell.pdbx_total_number_of_bins_used   20 
_refine_ls_shell.d_res_high                       2.18 
_refine_ls_shell.d_res_low                        2.24 
_refine_ls_shell.number_reflns_R_work             538 
_refine_ls_shell.R_factor_R_work                  0.2910 
_refine_ls_shell.percent_reflns_obs               51.90 
_refine_ls_shell.R_factor_R_free                  0.3610 
_refine_ls_shell.R_factor_R_free_error            ? 
_refine_ls_shell.percent_reflns_R_free            ? 
_refine_ls_shell.number_reflns_R_free             36 
_refine_ls_shell.number_reflns_all                ? 
_refine_ls_shell.R_factor_all                     ? 
# 
_struct.entry_id                  2WI6 
_struct.title                     'Orally Active 2-Amino Thienopyrimidine Inhibitors of the Hsp90 Chaperone' 
_struct.pdbx_model_details        ? 
_struct.pdbx_CASP_flag            ? 
_struct.pdbx_model_type_details   ? 
# 
_struct_keywords.entry_id        2WI6 
_struct_keywords.pdbx_keywords   CHAPERONE 
_struct_keywords.text            
'ATP-BINDING, ATPASE, CHAPERONE, HEAT SHOCK, HSP90, NUCLEOTIDE-BINDING, PHOSPHORYLATION, PU3, STRESS RESPONSE' 
# 
loop_
_struct_asym.id 
_struct_asym.pdbx_blank_PDB_chainid_flag 
_struct_asym.pdbx_modified 
_struct_asym.entity_id 
_struct_asym.details 
A N N 1 ? 
B N N 2 ? 
C N N 3 ? 
# 
_struct_biol.id   1 
# 
loop_
_struct_conf.conf_type_id 
_struct_conf.id 
_struct_conf.pdbx_PDB_helix_id 
_struct_conf.beg_label_comp_id 
_struct_conf.beg_label_asym_id 
_struct_conf.beg_label_seq_id 
_struct_conf.pdbx_beg_PDB_ins_code 
_struct_conf.end_label_comp_id 
_struct_conf.end_label_asym_id 
_struct_conf.end_label_seq_id 
_struct_conf.pdbx_end_PDB_ins_code 
_struct_conf.beg_auth_comp_id 
_struct_conf.beg_auth_asym_id 
_struct_conf.beg_auth_seq_id 
_struct_conf.end_auth_comp_id 
_struct_conf.end_auth_asym_id 
_struct_conf.end_auth_seq_id 
_struct_conf.pdbx_PDB_helix_class 
_struct_conf.details 
_struct_conf.pdbx_PDB_helix_length 
HELX_P HELX_P1  1  GLN A 23  ? THR A 36  ? GLN A 23  THR A 36  1 ? 14 
HELX_P HELX_P2  2  GLU A 42  ? SER A 63  ? GLU A 42  SER A 63  1 ? 22 
HELX_P HELX_P3  3  SER A 68  ? GLY A 73  ? SER A 68  GLY A 73  5 ? 6  
HELX_P HELX_P4  4  THR A 99  ? THR A 109 ? THR A 99  THR A 109 1 ? 11 
HELX_P HELX_P5  5  SER A 113 ? LEU A 122 ? SER A 113 LEU A 122 1 ? 10 
HELX_P HELX_P6  6  ASP A 127 ? GLY A 135 ? ASP A 127 GLY A 135 5 ? 9  
HELX_P HELX_P7  7  VAL A 136 ? TYR A 139 ? VAL A 136 TYR A 139 5 ? 4  
HELX_P HELX_P8  8  SER A 140 ? VAL A 144 ? SER A 140 VAL A 144 1 ? 5  
HELX_P HELX_P9  9  GLN A 194 ? LEU A 198 ? GLN A 194 LEU A 198 5 ? 5  
HELX_P HELX_P10 10 GLU A 199 ? SER A 211 ? GLU A 199 SER A 211 1 ? 13 
# 
_struct_conf_type.id          HELX_P 
_struct_conf_type.criteria    ? 
_struct_conf_type.reference   ? 
# 
_struct_sheet.id               AA 
_struct_sheet.type             ? 
_struct_sheet.number_strands   8 
_struct_sheet.details          ? 
# 
loop_
_struct_sheet_order.sheet_id 
_struct_sheet_order.range_id_1 
_struct_sheet_order.range_id_2 
_struct_sheet_order.offset 
_struct_sheet_order.sense 
AA 1 2 ? anti-parallel 
AA 2 3 ? anti-parallel 
AA 3 4 ? anti-parallel 
AA 4 5 ? anti-parallel 
AA 5 6 ? anti-parallel 
AA 6 7 ? anti-parallel 
AA 7 8 ? parallel      
# 
loop_
_struct_sheet_range.sheet_id 
_struct_sheet_range.id 
_struct_sheet_range.beg_label_comp_id 
_struct_sheet_range.beg_label_asym_id 
_struct_sheet_range.beg_label_seq_id 
_struct_sheet_range.pdbx_beg_PDB_ins_code 
_struct_sheet_range.end_label_comp_id 
_struct_sheet_range.end_label_asym_id 
_struct_sheet_range.end_label_seq_id 
_struct_sheet_range.pdbx_end_PDB_ins_code 
_struct_sheet_range.beg_auth_comp_id 
_struct_sheet_range.beg_auth_asym_id 
_struct_sheet_range.beg_auth_seq_id 
_struct_sheet_range.end_auth_comp_id 
_struct_sheet_range.end_auth_asym_id 
_struct_sheet_range.end_auth_seq_id 
AA 1 VAL A 17  ? ALA A 21  ? VAL A 17  ALA A 21  
AA 2 SER A 169 ? THR A 174 ? SER A 169 THR A 174 
AA 3 GLN A 159 ? SER A 164 ? GLN A 159 SER A 164 
AA 4 ALA A 145 ? LYS A 153 ? ALA A 145 LYS A 153 
AA 5 GLY A 183 ? LEU A 190 ? GLY A 183 LEU A 190 
AA 6 THR A 88  ? ASP A 93  ? THR A 88  ASP A 93  
AA 7 ILE A 78  ? ASN A 83  ? ILE A 78  ASN A 83  
AA 8 ILE A 218 ? LEU A 220 ? ILE A 218 LEU A 220 
# 
loop_
_pdbx_struct_sheet_hbond.sheet_id 
_pdbx_struct_sheet_hbond.range_id_1 
_pdbx_struct_sheet_hbond.range_id_2 
_pdbx_struct_sheet_hbond.range_1_label_atom_id 
_pdbx_struct_sheet_hbond.range_1_label_comp_id 
_pdbx_struct_sheet_hbond.range_1_label_asym_id 
_pdbx_struct_sheet_hbond.range_1_label_seq_id 
_pdbx_struct_sheet_hbond.range_1_PDB_ins_code 
_pdbx_struct_sheet_hbond.range_1_auth_atom_id 
_pdbx_struct_sheet_hbond.range_1_auth_comp_id 
_pdbx_struct_sheet_hbond.range_1_auth_asym_id 
_pdbx_struct_sheet_hbond.range_1_auth_seq_id 
_pdbx_struct_sheet_hbond.range_2_label_atom_id 
_pdbx_struct_sheet_hbond.range_2_label_comp_id 
_pdbx_struct_sheet_hbond.range_2_label_asym_id 
_pdbx_struct_sheet_hbond.range_2_label_seq_id 
_pdbx_struct_sheet_hbond.range_2_PDB_ins_code 
_pdbx_struct_sheet_hbond.range_2_auth_atom_id 
_pdbx_struct_sheet_hbond.range_2_auth_comp_id 
_pdbx_struct_sheet_hbond.range_2_auth_asym_id 
_pdbx_struct_sheet_hbond.range_2_auth_seq_id 
AA 1 2 N PHE A 20  ? N PHE A 20  O PHE A 170 ? O PHE A 170 
AA 2 3 N ARG A 173 ? N ARG A 173 O ALA A 161 ? O ALA A 161 
AA 3 4 N SER A 164 ? N SER A 164 O VAL A 148 ? O VAL A 148 
AA 4 5 N LYS A 153 ? N LYS A 153 O GLY A 183 ? O GLY A 183 
AA 5 6 N LEU A 188 ? N LEU A 188 O LEU A 89  ? O LEU A 89  
AA 6 7 N VAL A 92  ? N VAL A 92  O ASN A 79  ? O ASN A 79  
AA 7 8 N LEU A 80  ? N LEU A 80  O THR A 219 ? O THR A 219 
# 
_struct_site.id                   AC1 
_struct_site.pdbx_evidence_code   Software 
_struct_site.pdbx_auth_asym_id    A 
_struct_site.pdbx_auth_comp_id    ZZ6 
_struct_site.pdbx_auth_seq_id     1224 
_struct_site.pdbx_auth_ins_code   ? 
_struct_site.pdbx_num_residues    12 
_struct_site.details              'BINDING SITE FOR RESIDUE ZZ6 A 1224' 
# 
loop_
_struct_site_gen.id 
_struct_site_gen.site_id 
_struct_site_gen.pdbx_num_res 
_struct_site_gen.label_comp_id 
_struct_site_gen.label_asym_id 
_struct_site_gen.label_seq_id 
_struct_site_gen.pdbx_auth_ins_code 
_struct_site_gen.auth_comp_id 
_struct_site_gen.auth_asym_id 
_struct_site_gen.auth_seq_id 
_struct_site_gen.label_atom_id 
_struct_site_gen.label_alt_id 
_struct_site_gen.symmetry 
_struct_site_gen.details 
1  AC1 12 ALA A 55  ? ALA A 55   . ? 1_555 ? 
2  AC1 12 ASP A 93  ? ASP A 93   . ? 1_555 ? 
3  AC1 12 ILE A 96  ? ILE A 96   . ? 1_555 ? 
4  AC1 12 GLY A 97  ? GLY A 97   . ? 1_555 ? 
5  AC1 12 MET A 98  ? MET A 98   . ? 1_555 ? 
6  AC1 12 ASP A 102 ? ASP A 102  . ? 1_555 ? 
7  AC1 12 ASN A 106 ? ASN A 106  . ? 1_555 ? 
8  AC1 12 LEU A 107 ? LEU A 107  . ? 1_555 ? 
9  AC1 12 PHE A 138 ? PHE A 138  . ? 1_555 ? 
10 AC1 12 TYR A 139 ? TYR A 139  . ? 1_555 ? 
11 AC1 12 THR A 184 ? THR A 184  . ? 1_555 ? 
12 AC1 12 HOH C .   ? HOH A 2026 . ? 1_555 ? 
# 
_atom_sites.entry_id                    2WI6 
_atom_sites.fract_transf_matrix[1][1]   -0.00389916 
_atom_sites.fract_transf_matrix[1][2]   0.00127005 
_atom_sites.fract_transf_matrix[1][3]   -0.01484501 
_atom_sites.fract_transf_matrix[2][1]   -0.00035180 
_atom_sites.fract_transf_matrix[2][2]   0.01131398 
_atom_sites.fract_transf_matrix[2][3]   0.00106036 
_atom_sites.fract_transf_matrix[3][1]   0.00975434 
_atom_sites.fract_transf_matrix[3][2]   0.00053910 
_atom_sites.fract_transf_matrix[3][3]   -0.00251594 
_atom_sites.fract_transf_vector[1]      0.489144 
_atom_sites.fract_transf_vector[2]      0.160222 
_atom_sites.fract_transf_vector[3]      0.209277 
# 
loop_
_atom_type.symbol 
C  
CL 
N  
O  
S  
# 
loop_
_atom_site.group_PDB 
_atom_site.id 
_atom_site.type_symbol 
_atom_site.label_atom_id 
_atom_site.label_alt_id 
_atom_site.label_comp_id 
_atom_site.label_asym_id 
_atom_site.label_entity_id 
_atom_site.label_seq_id 
_atom_site.pdbx_PDB_ins_code 
_atom_site.Cartn_x 
_atom_site.Cartn_y 
_atom_site.Cartn_z 
_atom_site.occupancy 
_atom_site.B_iso_or_equiv 
_atom_site.pdbx_formal_charge 
_atom_site.auth_seq_id 
_atom_site.auth_comp_id 
_atom_site.auth_asym_id 
_atom_site.auth_atom_id 
_atom_site.pdbx_PDB_model_num 
ATOM   1    N  N   . GLU A 1 16  ? 16.404  14.873  -9.563  1.00 65.64  ? 16   GLU A N   1 
ATOM   2    C  CA  . GLU A 1 16  ? 15.766  15.076  -8.236  1.00 65.00  ? 16   GLU A CA  1 
ATOM   3    C  C   . GLU A 1 16  ? 14.416  14.354  -8.172  1.00 63.08  ? 16   GLU A C   1 
ATOM   4    O  O   . GLU A 1 16  ? 14.325  13.341  -7.485  1.00 62.81  ? 16   GLU A O   1 
ATOM   5    C  CB  . GLU A 1 16  ? 15.606  16.563  -7.936  1.00 65.98  ? 16   GLU A CB  1 
ATOM   6    C  CG  . GLU A 1 16  ? 14.721  16.834  -6.731  1.00 70.13  ? 16   GLU A CG  1 
ATOM   7    C  CD  . GLU A 1 16  ? 15.432  17.665  -5.668  1.00 76.69  ? 16   GLU A CD  1 
ATOM   8    O  OE1 . GLU A 1 16  ? 16.668  17.449  -5.471  1.00 80.08  ? 16   GLU A OE1 1 
ATOM   9    O  OE2 . GLU A 1 16  ? 14.755  18.517  -5.027  1.00 77.37  ? 16   GLU A OE2 1 
ATOM   10   N  N   . VAL A 1 17  ? 13.390  14.890  -8.864  1.00 60.56  ? 17   VAL A N   1 
ATOM   11   C  CA  . VAL A 1 17  ? 12.086  14.196  -9.057  1.00 57.45  ? 17   VAL A CA  1 
ATOM   12   C  C   . VAL A 1 17  ? 11.889  13.589  -10.464 1.00 55.65  ? 17   VAL A C   1 
ATOM   13   O  O   . VAL A 1 17  ? 11.846  14.327  -11.461 1.00 54.71  ? 17   VAL A O   1 
ATOM   14   C  CB  . VAL A 1 17  ? 10.910  15.123  -8.794  1.00 58.32  ? 17   VAL A CB  1 
ATOM   15   C  CG1 . VAL A 1 17  ? 9.645   14.283  -8.536  1.00 57.14  ? 17   VAL A CG1 1 
ATOM   16   C  CG2 . VAL A 1 17  ? 11.217  16.117  -7.618  1.00 57.25  ? 17   VAL A CG2 1 
ATOM   17   N  N   . GLU A 1 18  ? 11.802  12.261  -10.576 1.00 52.52  ? 18   GLU A N   1 
ATOM   18   C  CA  . GLU A 1 18  ? 11.465  11.678  -11.876 1.00 51.09  ? 18   GLU A CA  1 
ATOM   19   C  C   . GLU A 1 18  ? 9.931   11.439  -12.014 1.00 50.01  ? 18   GLU A C   1 
ATOM   20   O  O   . GLU A 1 18  ? 9.289   10.951  -11.042 1.00 48.39  ? 18   GLU A O   1 
ATOM   21   C  CB  . GLU A 1 18  ? 12.211  10.383  -12.077 1.00 51.41  ? 18   GLU A CB  1 
ATOM   22   C  CG  . GLU A 1 18  ? 13.729  10.565  -12.301 1.00 53.68  ? 18   GLU A CG  1 
ATOM   23   C  CD  . GLU A 1 18  ? 14.403  9.240   -12.535 1.00 54.72  ? 18   GLU A CD  1 
ATOM   24   O  OE1 . GLU A 1 18  ? 14.481  8.411   -11.622 1.00 56.24  ? 18   GLU A OE1 1 
ATOM   25   O  OE2 . GLU A 1 18  ? 14.864  8.985   -13.646 1.00 60.30  ? 18   GLU A OE2 1 
ATOM   26   N  N   . THR A 1 19  ? 9.356   11.785  -13.186 1.00 47.49  ? 19   THR A N   1 
ATOM   27   C  CA  . THR A 1 19  ? 7.921   11.544  -13.497 1.00 44.49  ? 19   THR A CA  1 
ATOM   28   C  C   . THR A 1 19  ? 7.713   10.461  -14.509 1.00 45.06  ? 19   THR A C   1 
ATOM   29   O  O   . THR A 1 19  ? 8.285   10.507  -15.622 1.00 44.67  ? 19   THR A O   1 
ATOM   30   C  CB  . THR A 1 19  ? 7.258   12.729  -14.055 1.00 44.96  ? 19   THR A CB  1 
ATOM   31   O  OG1 . THR A 1 19  ? 7.408   13.824  -13.164 1.00 44.11  ? 19   THR A OG1 1 
ATOM   32   C  CG2 . THR A 1 19  ? 5.714   12.464  -14.294 1.00 43.30  ? 19   THR A CG2 1 
ATOM   33   N  N   . PHE A 1 20  ? 6.880   9.475   -14.164 1.00 44.54  ? 20   PHE A N   1 
ATOM   34   C  CA  . PHE A 1 20  ? 6.672   8.286   -15.002 1.00 42.72  ? 20   PHE A CA  1 
ATOM   35   C  C   . PHE A 1 20  ? 5.187   8.180   -15.354 1.00 43.31  ? 20   PHE A C   1 
ATOM   36   O  O   . PHE A 1 20  ? 4.286   8.711   -14.628 1.00 43.68  ? 20   PHE A O   1 
ATOM   37   C  CB  . PHE A 1 20  ? 7.017   7.016   -14.242 1.00 42.98  ? 20   PHE A CB  1 
ATOM   38   C  CG  . PHE A 1 20  ? 8.470   6.870   -13.859 1.00 45.51  ? 20   PHE A CG  1 
ATOM   39   C  CD1 . PHE A 1 20  ? 8.938   7.374   -12.648 1.00 46.77  ? 20   PHE A CD1 1 
ATOM   40   C  CD2 . PHE A 1 20  ? 9.355   6.190   -14.693 1.00 46.88  ? 20   PHE A CD2 1 
ATOM   41   C  CE1 . PHE A 1 20  ? 10.250  7.255   -12.289 1.00 46.80  ? 20   PHE A CE1 1 
ATOM   42   C  CE2 . PHE A 1 20  ? 10.680  6.047   -14.354 1.00 50.81  ? 20   PHE A CE2 1 
ATOM   43   C  CZ  . PHE A 1 20  ? 11.144  6.576   -13.137 1.00 49.94  ? 20   PHE A CZ  1 
ATOM   44   N  N   . ALA A 1 21  ? 4.912   7.509   -16.462 1.00 41.55  ? 21   ALA A N   1 
ATOM   45   C  CA  . ALA A 1 21  ? 3.515   7.241   -16.868 1.00 41.81  ? 21   ALA A CA  1 
ATOM   46   C  C   . ALA A 1 21  ? 3.098   5.871   -16.406 1.00 42.10  ? 21   ALA A C   1 
ATOM   47   O  O   . ALA A 1 21  ? 3.806   4.847   -16.644 1.00 41.25  ? 21   ALA A O   1 
ATOM   48   C  CB  . ALA A 1 21  ? 3.328   7.303   -18.394 1.00 38.76  ? 21   ALA A CB  1 
ATOM   49   N  N   . PHE A 1 22  ? 1.954   5.826   -15.759 1.00 41.15  ? 22   PHE A N   1 
ATOM   50   C  CA  . PHE A 1 22  ? 1.358   4.539   -15.568 1.00 43.47  ? 22   PHE A CA  1 
ATOM   51   C  C   . PHE A 1 22  ? 1.228   3.799   -16.891 1.00 45.55  ? 22   PHE A C   1 
ATOM   52   O  O   . PHE A 1 22  ? 0.867   4.353   -17.906 1.00 46.66  ? 22   PHE A O   1 
ATOM   53   C  CB  . PHE A 1 22  ? -0.021  4.688   -14.853 1.00 43.13  ? 22   PHE A CB  1 
ATOM   54   C  CG  . PHE A 1 22  ? 0.105   4.902   -13.352 1.00 39.61  ? 22   PHE A CG  1 
ATOM   55   C  CD1 . PHE A 1 22  ? 0.608   3.890   -12.553 1.00 39.23  ? 22   PHE A CD1 1 
ATOM   56   C  CD2 . PHE A 1 22  ? -0.225  6.121   -12.769 1.00 39.62  ? 22   PHE A CD2 1 
ATOM   57   C  CE1 . PHE A 1 22  ? 0.690   4.065   -11.163 1.00 41.86  ? 22   PHE A CE1 1 
ATOM   58   C  CE2 . PHE A 1 22  ? -0.108  6.314   -11.392 1.00 39.79  ? 22   PHE A CE2 1 
ATOM   59   C  CZ  . PHE A 1 22  ? 0.350   5.273   -10.598 1.00 36.66  ? 22   PHE A CZ  1 
ATOM   60   N  N   . GLN A 1 23  ? 1.555   2.536   -16.894 1.00 48.05  ? 23   GLN A N   1 
ATOM   61   C  CA  . GLN A 1 23  ? 1.178   1.717   -17.981 1.00 50.10  ? 23   GLN A CA  1 
ATOM   62   C  C   . GLN A 1 23  ? -0.374  1.774   -18.204 1.00 51.47  ? 23   GLN A C   1 
ATOM   63   O  O   . GLN A 1 23  ? -1.169  1.676   -17.237 1.00 52.06  ? 23   GLN A O   1 
ATOM   64   C  CB  . GLN A 1 23  ? 1.635   0.321   -17.614 1.00 50.74  ? 23   GLN A CB  1 
ATOM   65   C  CG  . GLN A 1 23  ? 1.340   -0.623  -18.673 1.00 54.91  ? 23   GLN A CG  1 
ATOM   66   C  CD  . GLN A 1 23  ? 1.405   -1.984  -18.169 1.00 61.50  ? 23   GLN A CD  1 
ATOM   67   O  OE1 . GLN A 1 23  ? 2.338   -2.364  -17.435 1.00 65.60  ? 23   GLN A OE1 1 
ATOM   68   N  NE2 . GLN A 1 23  ? 0.414   -2.770  -18.541 1.00 64.87  ? 23   GLN A NE2 1 
ATOM   69   N  N   . ALA A 1 24  ? -0.820  1.920   -19.462 1.00 52.02  ? 24   ALA A N   1 
ATOM   70   C  CA  . ALA A 1 24  ? -2.233  2.174   -19.771 1.00 51.18  ? 24   ALA A CA  1 
ATOM   71   C  C   . ALA A 1 24  ? -3.258  1.334   -18.972 1.00 51.41  ? 24   ALA A C   1 
ATOM   72   O  O   . ALA A 1 24  ? -4.219  1.889   -18.468 1.00 49.78  ? 24   ALA A O   1 
ATOM   73   C  CB  . ALA A 1 24  ? -2.515  2.138   -21.312 1.00 51.24  ? 24   ALA A CB  1 
ATOM   74   N  N   . GLU A 1 25  ? -3.051  0.033   -18.804 1.00 51.53  ? 25   GLU A N   1 
ATOM   75   C  CA  . GLU A 1 25  ? -4.003  -0.738  -17.996 1.00 53.07  ? 25   GLU A CA  1 
ATOM   76   C  C   . GLU A 1 25  ? -4.155  -0.283  -16.534 1.00 53.45  ? 25   GLU A C   1 
ATOM   77   O  O   . GLU A 1 25  ? -5.302  -0.159  -16.026 1.00 54.81  ? 25   GLU A O   1 
ATOM   78   C  CB  . GLU A 1 25  ? -3.674  -2.231  -18.006 1.00 54.43  ? 25   GLU A CB  1 
ATOM   79   C  CG  . GLU A 1 25  ? -4.171  -2.964  -19.282 1.00 59.51  ? 25   GLU A CG  1 
ATOM   80   C  CD  . GLU A 1 25  ? -3.102  -3.008  -20.414 1.00 68.49  ? 25   GLU A CD  1 
ATOM   81   O  OE1 . GLU A 1 25  ? -2.482  -1.950  -20.719 1.00 71.36  ? 25   GLU A OE1 1 
ATOM   82   O  OE2 . GLU A 1 25  ? -2.872  -4.115  -20.994 1.00 73.08  ? 25   GLU A OE2 1 
ATOM   83   N  N   . ILE A 1 26  ? -3.016  -0.079  -15.849 1.00 51.88  ? 26   ILE A N   1 
ATOM   84   C  CA  . ILE A 1 26  ? -3.004  0.324   -14.463 1.00 48.98  ? 26   ILE A CA  1 
ATOM   85   C  C   . ILE A 1 26  ? -3.713  1.643   -14.417 1.00 48.32  ? 26   ILE A C   1 
ATOM   86   O  O   . ILE A 1 26  ? -4.510  1.907   -13.506 1.00 49.27  ? 26   ILE A O   1 
ATOM   87   C  CB  . ILE A 1 26  ? -1.564  0.548   -13.909 1.00 49.50  ? 26   ILE A CB  1 
ATOM   88   C  CG1 . ILE A 1 26  ? -0.665  -0.682  -14.069 1.00 48.51  ? 26   ILE A CG1 1 
ATOM   89   C  CG2 . ILE A 1 26  ? -1.615  0.842   -12.471 1.00 49.15  ? 26   ILE A CG2 1 
ATOM   90   C  CD1 . ILE A 1 26  ? -1.226  -1.852  -13.406 1.00 48.24  ? 26   ILE A CD1 1 
ATOM   91   N  N   . ALA A 1 27  ? -3.458  2.517   -15.373 1.00 46.35  ? 27   ALA A N   1 
ATOM   92   C  CA  . ALA A 1 27  ? -4.100  3.820   -15.264 1.00 46.09  ? 27   ALA A CA  1 
ATOM   93   C  C   . ALA A 1 27  ? -5.635  3.662   -15.386 1.00 47.27  ? 27   ALA A C   1 
ATOM   94   O  O   . ALA A 1 27  ? -6.414  4.507   -14.872 1.00 45.70  ? 27   ALA A O   1 
ATOM   95   C  CB  . ALA A 1 27  ? -3.609  4.790   -16.287 1.00 44.58  ? 27   ALA A CB  1 
ATOM   96   N  N   . GLN A 1 28  ? -6.073  2.625   -16.093 1.00 48.32  ? 28   GLN A N   1 
ATOM   97   C  CA  . GLN A 1 28  ? -7.517  2.561   -16.464 1.00 51.51  ? 28   GLN A CA  1 
ATOM   98   C  C   . GLN A 1 28  ? -8.193  1.957   -15.243 1.00 50.27  ? 28   GLN A C   1 
ATOM   99   O  O   . GLN A 1 28  ? -9.211  2.463   -14.773 1.00 49.37  ? 28   GLN A O   1 
ATOM   100  C  CB  . GLN A 1 28  ? -7.698  1.818   -17.797 1.00 52.51  ? 28   GLN A CB  1 
ATOM   101  C  CG  . GLN A 1 28  ? -8.751  0.744   -17.844 1.00 58.95  ? 28   GLN A CG  1 
ATOM   102  C  CD  . GLN A 1 28  ? -8.332  -0.383  -18.832 1.00 67.23  ? 28   GLN A CD  1 
ATOM   103  O  OE1 . GLN A 1 28  ? -7.164  -0.459  -19.287 1.00 68.36  ? 28   GLN A OE1 1 
ATOM   104  N  NE2 . GLN A 1 28  ? -9.288  -1.253  -19.166 1.00 67.03  ? 28   GLN A NE2 1 
ATOM   105  N  N   . LEU A 1 29  ? -7.481  0.997   -14.643 1.00 50.70  ? 29   LEU A N   1 
ATOM   106  C  CA  . LEU A 1 29  ? -7.884  0.393   -13.374 1.00 50.60  ? 29   LEU A CA  1 
ATOM   107  C  C   . LEU A 1 29  ? -8.058  1.433   -12.273 1.00 50.30  ? 29   LEU A C   1 
ATOM   108  O  O   . LEU A 1 29  ? -9.053  1.488   -11.577 1.00 50.84  ? 29   LEU A O   1 
ATOM   109  C  CB  . LEU A 1 29  ? -6.816  -0.561  -12.918 1.00 51.10  ? 29   LEU A CB  1 
ATOM   110  C  CG  . LEU A 1 29  ? -6.915  -0.928  -11.437 1.00 51.52  ? 29   LEU A CG  1 
ATOM   111  C  CD1 . LEU A 1 29  ? -8.328  -1.470  -11.206 1.00 56.58  ? 29   LEU A CD1 1 
ATOM   112  C  CD2 . LEU A 1 29  ? -5.890  -1.980  -11.128 1.00 46.15  ? 29   LEU A CD2 1 
ATOM   113  N  N   . MET A 1 30  ? -7.034  2.240   -12.101 1.00 49.51  ? 30   MET A N   1 
ATOM   114  C  CA  . MET A 1 30  ? -7.107  3.350   -11.212 1.00 48.13  ? 30   MET A CA  1 
ATOM   115  C  C   . MET A 1 30  ? -8.325  4.193   -11.537 1.00 48.63  ? 30   MET A C   1 
ATOM   116  O  O   . MET A 1 30  ? -9.123  4.516   -10.664 1.00 48.29  ? 30   MET A O   1 
ATOM   117  C  CB  . MET A 1 30  ? -5.808  4.146   -11.257 1.00 47.88  ? 30   MET A CB  1 
ATOM   118  C  CG  . MET A 1 30  ? -4.723  3.510   -10.396 1.00 46.16  ? 30   MET A CG  1 
ATOM   119  S  SD  . MET A 1 30  ? -3.106  4.314   -10.598 1.00 45.87  ? 30   MET A SD  1 
ATOM   120  C  CE  . MET A 1 30  ? -3.340  6.011   -10.067 1.00 41.86  ? 30   MET A CE  1 
ATOM   121  N  N   . SER A 1 31  ? -8.474  4.582   -12.788 1.00 47.97  ? 31   SER A N   1 
ATOM   122  C  CA  . SER A 1 31  ? -9.663  5.328   -13.203 1.00 48.65  ? 31   SER A CA  1 
ATOM   123  C  C   . SER A 1 31  ? -11.001 4.681   -12.740 1.00 47.72  ? 31   SER A C   1 
ATOM   124  O  O   . SER A 1 31  ? -11.877 5.347   -12.267 1.00 47.08  ? 31   SER A O   1 
ATOM   125  C  CB  . SER A 1 31  ? -9.696  5.405   -14.739 1.00 49.18  ? 31   SER A CB  1 
ATOM   126  O  OG  . SER A 1 31  ? -10.130 6.701   -15.116 1.00 52.94  ? 31   SER A OG  1 
ATOM   127  N  N   . LEU A 1 32  ? -11.128 3.388   -12.980 1.00 47.80  ? 32   LEU A N   1 
ATOM   128  C  CA  . LEU A 1 32  ? -12.276 2.586   -12.647 1.00 49.12  ? 32   LEU A CA  1 
ATOM   129  C  C   . LEU A 1 32  ? -12.516 2.698   -11.142 1.00 49.84  ? 32   LEU A C   1 
ATOM   130  O  O   . LEU A 1 32  ? -13.658 3.025   -10.695 1.00 49.68  ? 32   LEU A O   1 
ATOM   131  C  CB  . LEU A 1 32  ? -11.925 1.137   -12.978 1.00 49.72  ? 32   LEU A CB  1 
ATOM   132  C  CG  . LEU A 1 32  ? -13.036 0.108   -13.156 1.00 54.09  ? 32   LEU A CG  1 
ATOM   133  C  CD1 . LEU A 1 32  ? -14.165 0.800   -13.822 1.00 56.90  ? 32   LEU A CD1 1 
ATOM   134  C  CD2 . LEU A 1 32  ? -12.588 -1.140  -13.972 1.00 54.02  ? 32   LEU A CD2 1 
ATOM   135  N  N   . ILE A 1 33  ? -11.426 2.492   -10.361 1.00 48.20  ? 33   ILE A N   1 
ATOM   136  C  CA  . ILE A 1 33  ? -11.512 2.513   -8.903  1.00 46.03  ? 33   ILE A CA  1 
ATOM   137  C  C   . ILE A 1 33  ? -11.900 3.853   -8.411  1.00 47.08  ? 33   ILE A C   1 
ATOM   138  O  O   . ILE A 1 33  ? -12.630 3.961   -7.440  1.00 48.57  ? 33   ILE A O   1 
ATOM   139  C  CB  . ILE A 1 33  ? -10.219 2.147   -8.226  1.00 44.68  ? 33   ILE A CB  1 
ATOM   140  C  CG1 . ILE A 1 33  ? -10.014 0.633   -8.290  1.00 43.31  ? 33   ILE A CG1 1 
ATOM   141  C  CG2 . ILE A 1 33  ? -10.201 2.676   -6.787  1.00 42.18  ? 33   ILE A CG2 1 
ATOM   142  C  CD1 . ILE A 1 33  ? -8.581  0.177   -7.817  1.00 43.35  ? 33   ILE A CD1 1 
ATOM   143  N  N   . ILE A 1 34  ? -11.425 4.902   -9.041  1.00 48.42  ? 34   ILE A N   1 
ATOM   144  C  CA  . ILE A 1 34  ? -11.763 6.235   -8.536  1.00 49.56  ? 34   ILE A CA  1 
ATOM   145  C  C   . ILE A 1 34  ? -13.171 6.658   -8.980  1.00 52.83  ? 34   ILE A C   1 
ATOM   146  O  O   . ILE A 1 34  ? -13.815 7.506   -8.316  1.00 52.60  ? 34   ILE A O   1 
ATOM   147  C  CB  . ILE A 1 34  ? -10.786 7.240   -9.031  1.00 49.48  ? 34   ILE A CB  1 
ATOM   148  C  CG1 . ILE A 1 34  ? -9.520  7.192   -8.184  1.00 47.30  ? 34   ILE A CG1 1 
ATOM   149  C  CG2 . ILE A 1 34  ? -11.358 8.618   -9.016  1.00 48.83  ? 34   ILE A CG2 1 
ATOM   150  C  CD1 . ILE A 1 34  ? -8.448  8.047   -8.735  1.00 44.20  ? 34   ILE A CD1 1 
ATOM   151  N  N   . ASN A 1 35  ? -13.658 6.068   -10.091 1.00 54.04  ? 35   ASN A N   1 
ATOM   152  C  CA  . ASN A 1 35  ? -14.912 6.516   -10.664 1.00 56.33  ? 35   ASN A CA  1 
ATOM   153  C  C   . ASN A 1 35  ? -16.094 5.597   -10.425 1.00 55.95  ? 35   ASN A C   1 
ATOM   154  O  O   . ASN A 1 35  ? -17.191 6.024   -10.531 1.00 56.16  ? 35   ASN A O   1 
ATOM   155  C  CB  . ASN A 1 35  ? -14.779 6.778   -12.172 1.00 56.67  ? 35   ASN A CB  1 
ATOM   156  C  CG  . ASN A 1 35  ? -14.019 8.023   -12.442 1.00 60.53  ? 35   ASN A CG  1 
ATOM   157  O  OD1 . ASN A 1 35  ? -14.026 8.955   -11.638 1.00 64.15  ? 35   ASN A OD1 1 
ATOM   158  N  ND2 . ASN A 1 35  ? -13.335 8.057   -13.556 1.00 65.67  ? 35   ASN A ND2 1 
ATOM   159  N  N   . THR A 1 36  ? -15.877 4.330   -10.162 1.00 56.26  ? 36   THR A N   1 
ATOM   160  C  CA  . THR A 1 36  ? -17.000 3.452   -9.966  1.00 56.76  ? 36   THR A CA  1 
ATOM   161  C  C   . THR A 1 36  ? -17.702 3.850   -8.651  1.00 56.39  ? 36   THR A C   1 
ATOM   162  O  O   . THR A 1 36  ? -17.052 4.062   -7.639  1.00 55.93  ? 36   THR A O   1 
ATOM   163  C  CB  . THR A 1 36  ? -16.514 2.005   -9.920  1.00 56.84  ? 36   THR A CB  1 
ATOM   164  O  OG1 . THR A 1 36  ? -15.963 1.662   -11.206 1.00 60.64  ? 36   THR A OG1 1 
ATOM   165  C  CG2 . THR A 1 36  ? -17.647 1.061   -9.601  1.00 58.08  ? 36   THR A CG2 1 
ATOM   166  N  N   . PHE A 1 37  ? -19.013 4.032   -8.678  1.00 55.17  ? 37   PHE A N   1 
ATOM   167  C  CA  . PHE A 1 37  ? -19.731 4.243   -7.439  1.00 53.88  ? 37   PHE A CA  1 
ATOM   168  C  C   . PHE A 1 37  ? -19.690 2.915   -6.696  1.00 52.63  ? 37   PHE A C   1 
ATOM   169  O  O   . PHE A 1 37  ? -19.998 1.888   -7.266  1.00 51.36  ? 37   PHE A O   1 
ATOM   170  C  CB  . PHE A 1 37  ? -21.161 4.599   -7.731  1.00 54.89  ? 37   PHE A CB  1 
ATOM   171  C  CG  . PHE A 1 37  ? -22.039 4.534   -6.521  1.00 55.15  ? 37   PHE A CG  1 
ATOM   172  C  CD1 . PHE A 1 37  ? -22.188 5.655   -5.713  1.00 54.51  ? 37   PHE A CD1 1 
ATOM   173  C  CD2 . PHE A 1 37  ? -22.710 3.344   -6.194  1.00 52.57  ? 37   PHE A CD2 1 
ATOM   174  C  CE1 . PHE A 1 37  ? -23.000 5.591   -4.581  1.00 53.54  ? 37   PHE A CE1 1 
ATOM   175  C  CE2 . PHE A 1 37  ? -23.512 3.271   -5.073  1.00 51.36  ? 37   PHE A CE2 1 
ATOM   176  C  CZ  . PHE A 1 37  ? -23.666 4.391   -4.279  1.00 52.33  ? 37   PHE A CZ  1 
ATOM   177  N  N   . TYR A 1 38  ? -19.236 2.907   -5.448  1.00 51.16  ? 38   TYR A N   1 
ATOM   178  C  CA  . TYR A 1 38  ? -19.048 1.635   -4.759  1.00 50.51  ? 38   TYR A CA  1 
ATOM   179  C  C   . TYR A 1 38  ? -18.880 1.954   -3.278  1.00 50.28  ? 38   TYR A C   1 
ATOM   180  O  O   . TYR A 1 38  ? -17.900 2.580   -2.874  1.00 48.65  ? 38   TYR A O   1 
ATOM   181  C  CB  . TYR A 1 38  ? -17.829 0.898   -5.304  1.00 51.01  ? 38   TYR A CB  1 
ATOM   182  C  CG  . TYR A 1 38  ? -17.491 -0.385  -4.569  1.00 53.00  ? 38   TYR A CG  1 
ATOM   183  C  CD1 . TYR A 1 38  ? -18.196 -1.577  -4.822  1.00 53.05  ? 38   TYR A CD1 1 
ATOM   184  C  CD2 . TYR A 1 38  ? -16.481 -0.410  -3.607  1.00 53.99  ? 38   TYR A CD2 1 
ATOM   185  C  CE1 . TYR A 1 38  ? -17.886 -2.781  -4.119  1.00 53.91  ? 38   TYR A CE1 1 
ATOM   186  C  CE2 . TYR A 1 38  ? -16.170 -1.604  -2.893  1.00 55.00  ? 38   TYR A CE2 1 
ATOM   187  C  CZ  . TYR A 1 38  ? -16.873 -2.779  -3.153  1.00 56.48  ? 38   TYR A CZ  1 
ATOM   188  O  OH  . TYR A 1 38  ? -16.548 -3.949  -2.439  1.00 59.48  ? 38   TYR A OH  1 
ATOM   189  N  N   . SER A 1 39  ? -19.862 1.580   -2.468  1.00 49.20  ? 39   SER A N   1 
ATOM   190  C  CA  . SER A 1 39  ? -19.902 2.110   -1.089  1.00 48.49  ? 39   SER A CA  1 
ATOM   191  C  C   . SER A 1 39  ? -18.967 1.430   -0.088  1.00 47.38  ? 39   SER A C   1 
ATOM   192  O  O   . SER A 1 39  ? -18.609 2.036   0.896   1.00 48.64  ? 39   SER A O   1 
ATOM   193  C  CB  . SER A 1 39  ? -21.334 2.000   -0.545  1.00 48.31  ? 39   SER A CB  1 
ATOM   194  O  OG  . SER A 1 39  ? -22.117 3.018   -1.094  1.00 48.52  ? 39   SER A OG  1 
ATOM   195  N  N   . ASN A 1 40  ? -18.611 0.175   -0.326  1.00 45.33  ? 40   ASN A N   1 
ATOM   196  C  CA  . ASN A 1 40  ? -17.901 -0.622  0.653   1.00 45.87  ? 40   ASN A CA  1 
ATOM   197  C  C   . ASN A 1 40  ? -16.382 -0.289  0.685   1.00 45.30  ? 40   ASN A C   1 
ATOM   198  O  O   . ASN A 1 40  ? -15.568 -1.168  0.540   1.00 45.21  ? 40   ASN A O   1 
ATOM   199  C  CB  . ASN A 1 40  ? -18.115 -2.129  0.345   1.00 44.81  ? 40   ASN A CB  1 
ATOM   200  C  CG  . ASN A 1 40  ? -17.416 -3.060  1.369   1.00 47.17  ? 40   ASN A CG  1 
ATOM   201  O  OD1 . ASN A 1 40  ? -16.924 -4.134  1.022   1.00 51.62  ? 40   ASN A OD1 1 
ATOM   202  N  ND2 . ASN A 1 40  ? -17.390 -2.655  2.613   1.00 49.08  ? 40   ASN A ND2 1 
ATOM   203  N  N   . LYS A 1 41  ? -16.022 0.978   0.852   1.00 45.52  ? 41   LYS A N   1 
ATOM   204  C  CA  . LYS A 1 41  ? -14.636 1.440   0.620   1.00 46.51  ? 41   LYS A CA  1 
ATOM   205  C  C   . LYS A 1 41  ? -13.597 0.894   1.555   1.00 48.15  ? 41   LYS A C   1 
ATOM   206  O  O   . LYS A 1 41  ? -12.389 0.976   1.281   1.00 50.05  ? 41   LYS A O   1 
ATOM   207  C  CB  . LYS A 1 41  ? -14.556 2.965   0.674   1.00 46.04  ? 41   LYS A CB  1 
ATOM   208  C  CG  . LYS A 1 41  ? -15.258 3.657   -0.513  1.00 44.97  ? 41   LYS A CG  1 
ATOM   209  C  CD  . LYS A 1 41  ? -15.377 5.162   -0.224  1.00 49.88  ? 41   LYS A CD  1 
ATOM   210  C  CE  . LYS A 1 41  ? -16.121 5.904   -1.328  1.00 50.12  ? 41   LYS A CE  1 
ATOM   211  N  NZ  . LYS A 1 41  ? -15.389 5.697   -2.609  1.00 50.36  ? 41   LYS A NZ  1 
ATOM   212  N  N   . GLU A 1 42  ? -14.049 0.345   2.669   1.00 48.14  ? 42   GLU A N   1 
ATOM   213  C  CA  . GLU A 1 42  ? -13.161 0.033   3.783   1.00 48.02  ? 42   GLU A CA  1 
ATOM   214  C  C   . GLU A 1 42  ? -12.278 -1.170  3.449   1.00 47.87  ? 42   GLU A C   1 
ATOM   215  O  O   . GLU A 1 42  ? -11.410 -1.521  4.230   1.00 47.18  ? 42   GLU A O   1 
ATOM   216  C  CB  . GLU A 1 42  ? -14.023 -0.314  5.003   1.00 46.85  ? 42   GLU A CB  1 
ATOM   217  C  CG  . GLU A 1 42  ? -14.824 -1.612  4.817   1.00 46.09  ? 42   GLU A CG  1 
ATOM   218  C  CD  . GLU A 1 42  ? -15.689 -1.964  6.077   1.00 47.42  ? 42   GLU A CD  1 
ATOM   219  O  OE1 . GLU A 1 42  ? -16.320 -1.037  6.654   1.00 41.11  ? 42   GLU A OE1 1 
ATOM   220  O  OE2 . GLU A 1 42  ? -15.670 -3.141  6.501   1.00 43.40  ? 42   GLU A OE2 1 
ATOM   221  N  N   . ILE A 1 43  ? -12.553 -1.854  2.339   1.00 47.14  ? 43   ILE A N   1 
ATOM   222  C  CA  . ILE A 1 43  ? -11.740 -3.042  1.974   1.00 47.76  ? 43   ILE A CA  1 
ATOM   223  C  C   . ILE A 1 43  ? -10.274 -2.633  1.627   1.00 46.88  ? 43   ILE A C   1 
ATOM   224  O  O   . ILE A 1 43  ? -9.405  -3.486  1.482   1.00 45.62  ? 43   ILE A O   1 
ATOM   225  C  CB  . ILE A 1 43  ? -12.305 -3.789  0.727   1.00 48.14  ? 43   ILE A CB  1 
ATOM   226  C  CG1 . ILE A 1 43  ? -12.139 -2.913  -0.492  1.00 50.64  ? 43   ILE A CG1 1 
ATOM   227  C  CG2 . ILE A 1 43  ? -13.807 -4.080  0.841   1.00 48.92  ? 43   ILE A CG2 1 
ATOM   228  C  CD1 . ILE A 1 43  ? -10.915 -3.220  -1.224  1.00 55.04  ? 43   ILE A CD1 1 
ATOM   229  N  N   . PHE A 1 44  ? -10.021 -1.329  1.492   1.00 45.56  ? 44   PHE A N   1 
ATOM   230  C  CA  . PHE A 1 44  ? -8.730  -0.861  1.107   1.00 45.88  ? 44   PHE A CA  1 
ATOM   231  C  C   . PHE A 1 44  ? -7.705  -1.254  2.174   1.00 46.84  ? 44   PHE A C   1 
ATOM   232  O  O   . PHE A 1 44  ? -6.586  -1.621  1.832   1.00 47.57  ? 44   PHE A O   1 
ATOM   233  C  CB  . PHE A 1 44  ? -8.751  0.668   0.921   1.00 45.76  ? 44   PHE A CB  1 
ATOM   234  C  CG  . PHE A 1 44  ? -8.678  1.409   2.216   1.00 46.72  ? 44   PHE A CG  1 
ATOM   235  C  CD1 . PHE A 1 44  ? -9.845  1.779   2.897   1.00 45.41  ? 44   PHE A CD1 1 
ATOM   236  C  CD2 . PHE A 1 44  ? -7.449  1.645   2.806   1.00 45.74  ? 44   PHE A CD2 1 
ATOM   237  C  CE1 . PHE A 1 44  ? -9.776  2.385   4.105   1.00 41.43  ? 44   PHE A CE1 1 
ATOM   238  C  CE2 . PHE A 1 44  ? -7.374  2.292   3.980   1.00 45.29  ? 44   PHE A CE2 1 
ATOM   239  C  CZ  . PHE A 1 44  ? -8.544  2.673   4.641   1.00 45.84  ? 44   PHE A CZ  1 
ATOM   240  N  N   . LEU A 1 45  ? -8.099  -1.233  3.452   1.00 47.24  ? 45   LEU A N   1 
ATOM   241  C  CA  . LEU A 1 45  ? -7.187  -1.460  4.575   1.00 47.15  ? 45   LEU A CA  1 
ATOM   242  C  C   . LEU A 1 45  ? -6.755  -2.871  4.547   1.00 48.34  ? 45   LEU A C   1 
ATOM   243  O  O   . LEU A 1 45  ? -5.550  -3.199  4.684   1.00 48.39  ? 45   LEU A O   1 
ATOM   244  C  CB  . LEU A 1 45  ? -7.859  -1.157  5.923   1.00 47.37  ? 45   LEU A CB  1 
ATOM   245  C  CG  . LEU A 1 45  ? -6.913  -1.173  7.144   1.00 47.16  ? 45   LEU A CG  1 
ATOM   246  C  CD1 . LEU A 1 45  ? -5.798  -0.160  7.036   1.00 46.05  ? 45   LEU A CD1 1 
ATOM   247  C  CD2 . LEU A 1 45  ? -7.635  -0.926  8.446   1.00 47.22  ? 45   LEU A CD2 1 
ATOM   248  N  N   . ARG A 1 46  ? -7.713  -3.757  4.361   1.00 48.36  ? 46   ARG A N   1 
ATOM   249  C  CA  . ARG A 1 46  ? -7.305  -5.151  4.323   1.00 49.13  ? 46   ARG A CA  1 
ATOM   250  C  C   . ARG A 1 46  ? -6.323  -5.301  3.174   1.00 48.78  ? 46   ARG A C   1 
ATOM   251  O  O   . ARG A 1 46  ? -5.363  -6.034  3.308   1.00 49.92  ? 46   ARG A O   1 
ATOM   252  C  CB  . ARG A 1 46  ? -8.470  -6.127  4.138   1.00 48.64  ? 46   ARG A CB  1 
ATOM   253  C  CG  . ARG A 1 46  ? -8.034  -7.586  3.868   1.00 53.86  ? 46   ARG A CG  1 
ATOM   254  C  CD  . ARG A 1 46  ? -9.207  -8.480  3.383   1.00 63.64  ? 46   ARG A CD  1 
ATOM   255  N  NE  . ARG A 1 46  ? -9.628  -8.239  1.989   1.00 73.59  ? 46   ARG A NE  1 
ATOM   256  C  CZ  . ARG A 1 46  ? -10.656 -7.456  1.599   1.00 78.51  ? 46   ARG A CZ  1 
ATOM   257  N  NH1 . ARG A 1 46  ? -11.396 -6.805  2.498   1.00 80.38  ? 46   ARG A NH1 1 
ATOM   258  N  NH2 . ARG A 1 46  ? -10.954 -7.303  0.300   1.00 78.90  ? 46   ARG A NH2 1 
ATOM   259  N  N   . GLU A 1 47  ? -6.529  -4.640  2.036   1.00 48.36  ? 47   GLU A N   1 
ATOM   260  C  CA  . GLU A 1 47  ? -5.566  -4.909  0.952   1.00 48.36  ? 47   GLU A CA  1 
ATOM   261  C  C   . GLU A 1 47  ? -4.149  -4.494  1.363   1.00 48.22  ? 47   GLU A C   1 
ATOM   262  O  O   . GLU A 1 47  ? -3.205  -5.215  1.074   1.00 49.48  ? 47   GLU A O   1 
ATOM   263  C  CB  . GLU A 1 47  ? -5.938  -4.233  -0.350  1.00 47.93  ? 47   GLU A CB  1 
ATOM   264  C  CG  . GLU A 1 47  ? -7.173  -4.763  -0.955  1.00 49.68  ? 47   GLU A CG  1 
ATOM   265  C  CD  . GLU A 1 47  ? -7.242  -6.261  -0.862  1.00 51.82  ? 47   GLU A CD  1 
ATOM   266  O  OE1 . GLU A 1 47  ? -6.239  -6.913  -1.076  1.00 52.54  ? 47   GLU A OE1 1 
ATOM   267  O  OE2 . GLU A 1 47  ? -8.312  -6.805  -0.544  1.00 55.76  ? 47   GLU A OE2 1 
ATOM   268  N  N   . LEU A 1 48  ? -4.010  -3.364  2.061   1.00 47.16  ? 48   LEU A N   1 
ATOM   269  C  CA  . LEU A 1 48  ? -2.702  -2.830  2.480   1.00 46.21  ? 48   LEU A CA  1 
ATOM   270  C  C   . LEU A 1 48  ? -2.101  -3.590  3.636   1.00 46.93  ? 48   LEU A C   1 
ATOM   271  O  O   . LEU A 1 48  ? -0.916  -3.902  3.651   1.00 46.18  ? 48   LEU A O   1 
ATOM   272  C  CB  . LEU A 1 48  ? -2.823  -1.364  2.884   1.00 44.89  ? 48   LEU A CB  1 
ATOM   273  C  CG  . LEU A 1 48  ? -3.341  -0.531  1.741   1.00 41.49  ? 48   LEU A CG  1 
ATOM   274  C  CD1 . LEU A 1 48  ? -3.443  0.838   2.148   1.00 32.24  ? 48   LEU A CD1 1 
ATOM   275  C  CD2 . LEU A 1 48  ? -2.390  -0.677  0.481   1.00 43.10  ? 48   LEU A CD2 1 
ATOM   276  N  N   . ILE A 1 49  ? -2.910  -3.880  4.641   1.00 48.18  ? 49   ILE A N   1 
ATOM   277  C  CA  . ILE A 1 49  ? -2.432  -4.768  5.666   1.00 49.09  ? 49   ILE A CA  1 
ATOM   278  C  C   . ILE A 1 49  ? -1.979  -6.077  5.040   1.00 50.09  ? 49   ILE A C   1 
ATOM   279  O  O   . ILE A 1 49  ? -0.968  -6.629  5.394   1.00 51.17  ? 49   ILE A O   1 
ATOM   280  C  CB  . ILE A 1 49  ? -3.494  -5.046  6.767   1.00 49.03  ? 49   ILE A CB  1 
ATOM   281  C  CG1 . ILE A 1 49  ? -3.604  -3.816  7.671   1.00 48.20  ? 49   ILE A CG1 1 
ATOM   282  C  CG2 . ILE A 1 49  ? -3.108  -6.298  7.516   1.00 47.77  ? 49   ILE A CG2 1 
ATOM   283  C  CD1 . ILE A 1 49  ? -4.856  -3.764  8.554   1.00 44.60  ? 49   ILE A CD1 1 
ATOM   284  N  N   . SER A 1 50  ? -2.705  -6.595  4.090   1.00 51.69  ? 50   SER A N   1 
ATOM   285  C  CA  . SER A 1 50  ? -2.270  -7.865  3.517   1.00 52.93  ? 50   SER A CA  1 
ATOM   286  C  C   . SER A 1 50  ? -0.953  -7.796  2.629   1.00 53.74  ? 50   SER A C   1 
ATOM   287  O  O   . SER A 1 50  ? -0.090  -8.695  2.714   1.00 53.74  ? 50   SER A O   1 
ATOM   288  C  CB  . SER A 1 50  ? -3.466  -8.506  2.824   1.00 53.12  ? 50   SER A CB  1 
ATOM   289  O  OG  . SER A 1 50  ? -3.049  -9.236  1.694   1.00 58.32  ? 50   SER A OG  1 
ATOM   290  N  N   . ASN A 1 51  ? -0.778  -6.734  1.829   1.00 52.63  ? 51   ASN A N   1 
ATOM   291  C  CA  . ASN A 1 51  ? 0.510   -6.455  1.172   1.00 51.74  ? 51   ASN A CA  1 
ATOM   292  C  C   . ASN A 1 51  ? 1.677   -6.440  2.167   1.00 52.11  ? 51   ASN A C   1 
ATOM   293  O  O   . ASN A 1 51  ? 2.737   -7.019  1.922   1.00 49.62  ? 51   ASN A O   1 
ATOM   294  C  CB  . ASN A 1 51  ? 0.478   -5.117  0.429   1.00 51.62  ? 51   ASN A CB  1 
ATOM   295  C  CG  . ASN A 1 51  ? -0.292  -5.196  -0.891  1.00 51.29  ? 51   ASN A CG  1 
ATOM   296  O  OD1 . ASN A 1 51  ? -0.708  -6.269  -1.295  1.00 48.26  ? 51   ASN A OD1 1 
ATOM   297  N  ND2 . ASN A 1 51  ? -0.471  -4.058  -1.565  1.00 46.21  ? 51   ASN A ND2 1 
ATOM   298  N  N   . SER A 1 52  ? 1.472   -5.794  3.305   1.00 52.22  ? 52   SER A N   1 
ATOM   299  C  CA  . SER A 1 52  ? 2.472   -5.790  4.355   1.00 52.65  ? 52   SER A CA  1 
ATOM   300  C  C   . SER A 1 52  ? 2.864   -7.183  4.863   1.00 54.41  ? 52   SER A C   1 
ATOM   301  O  O   . SER A 1 52  ? 4.028   -7.532  4.983   1.00 55.25  ? 52   SER A O   1 
ATOM   302  C  CB  . SER A 1 52  ? 1.941   -4.993  5.512   1.00 52.55  ? 52   SER A CB  1 
ATOM   303  O  OG  . SER A 1 52  ? 2.071   -3.615  5.271   1.00 49.73  ? 52   SER A OG  1 
ATOM   304  N  N   . SER A 1 53  ? 1.876   -7.980  5.204   1.00 55.49  ? 53   SER A N   1 
ATOM   305  C  CA  . SER A 1 53  ? 2.141   -9.306  5.711   1.00 55.72  ? 53   SER A CA  1 
ATOM   306  C  C   . SER A 1 53  ? 2.998   -10.130 4.697   1.00 55.40  ? 53   SER A C   1 
ATOM   307  O  O   . SER A 1 53  ? 4.013   -10.716 5.045   1.00 55.72  ? 53   SER A O   1 
ATOM   308  C  CB  . SER A 1 53  ? 0.795   -9.945  6.052   1.00 55.22  ? 53   SER A CB  1 
ATOM   309  O  OG  . SER A 1 53  ? 0.944   -11.284 6.422   1.00 58.20  ? 53   SER A OG  1 
ATOM   310  N  N   . ASP A 1 54  ? 2.601   -10.158 3.431   1.00 55.68  ? 54   ASP A N   1 
ATOM   311  C  CA  . ASP A 1 54  ? 3.423   -10.766 2.391   1.00 55.23  ? 54   ASP A CA  1 
ATOM   312  C  C   . ASP A 1 54  ? 4.876   -10.294 2.440   1.00 54.89  ? 54   ASP A C   1 
ATOM   313  O  O   . ASP A 1 54  ? 5.799   -11.100 2.305   1.00 54.68  ? 54   ASP A O   1 
ATOM   314  C  CB  . ASP A 1 54  ? 2.883   -10.369 1.034   1.00 56.13  ? 54   ASP A CB  1 
ATOM   315  C  CG  . ASP A 1 54  ? 1.576   -11.005 0.727   1.00 57.49  ? 54   ASP A CG  1 
ATOM   316  O  OD1 . ASP A 1 54  ? 1.097   -11.834 1.528   1.00 61.39  ? 54   ASP A OD1 1 
ATOM   317  O  OD2 . ASP A 1 54  ? 1.009   -10.674 -0.331  1.00 61.00  ? 54   ASP A OD2 1 
ATOM   318  N  N   . ALA A 1 55  ? 5.062   -8.989  2.607   1.00 54.05  ? 55   ALA A N   1 
ATOM   319  C  CA  . ALA A 1 55  ? 6.391   -8.374  2.626   1.00 54.68  ? 55   ALA A CA  1 
ATOM   320  C  C   . ALA A 1 55  ? 7.200   -8.732  3.857   1.00 55.21  ? 55   ALA A C   1 
ATOM   321  O  O   . ALA A 1 55  ? 8.435   -8.728  3.822   1.00 54.90  ? 55   ALA A O   1 
ATOM   322  C  CB  . ALA A 1 55  ? 6.296   -6.848  2.474   1.00 53.58  ? 55   ALA A CB  1 
ATOM   323  N  N   . LEU A 1 56  ? 6.508   -9.019  4.953   1.00 56.10  ? 56   LEU A N   1 
ATOM   324  C  CA  . LEU A 1 56  ? 7.174   -9.469  6.141   1.00 57.22  ? 56   LEU A CA  1 
ATOM   325  C  C   . LEU A 1 56  ? 7.440   -10.994 5.964   1.00 59.61  ? 56   LEU A C   1 
ATOM   326  O  O   . LEU A 1 56  ? 8.501   -11.529 6.338   1.00 59.20  ? 56   LEU A O   1 
ATOM   327  C  CB  . LEU A 1 56  ? 6.357   -9.141  7.399   1.00 56.63  ? 56   LEU A CB  1 
ATOM   328  C  CG  . LEU A 1 56  ? 6.223   -7.693  7.891   1.00 53.68  ? 56   LEU A CG  1 
ATOM   329  C  CD1 . LEU A 1 56  ? 4.973   -7.508  8.716   1.00 49.59  ? 56   LEU A CD1 1 
ATOM   330  C  CD2 . LEU A 1 56  ? 7.420   -7.307  8.680   1.00 52.58  ? 56   LEU A CD2 1 
ATOM   331  N  N   . ASP A 1 57  ? 6.501   -11.694 5.338   1.00 61.46  ? 57   ASP A N   1 
ATOM   332  C  CA  . ASP A 1 57  ? 6.749   -13.109 5.060   1.00 63.01  ? 57   ASP A CA  1 
ATOM   333  C  C   . ASP A 1 57  ? 8.054   -13.151 4.283   1.00 64.22  ? 57   ASP A C   1 
ATOM   334  O  O   . ASP A 1 57  ? 8.983   -13.864 4.632   1.00 64.24  ? 57   ASP A O   1 
ATOM   335  C  CB  . ASP A 1 57  ? 5.643   -13.722 4.193   1.00 62.77  ? 57   ASP A CB  1 
ATOM   336  C  CG  . ASP A 1 57  ? 4.382   -14.016 4.957   1.00 63.61  ? 57   ASP A CG  1 
ATOM   337  O  OD1 . ASP A 1 57  ? 4.382   -14.111 6.210   1.00 63.05  ? 57   ASP A OD1 1 
ATOM   338  O  OD2 . ASP A 1 57  ? 3.368   -14.174 4.268   1.00 64.79  ? 57   ASP A OD2 1 
ATOM   339  N  N   . LYS A 1 58  ? 8.117   -12.342 3.231   1.00 65.68  ? 58   LYS A N   1 
ATOM   340  C  CA  . LYS A 1 58  ? 9.186   -12.460 2.268   1.00 66.74  ? 58   LYS A CA  1 
ATOM   341  C  C   . LYS A 1 58  ? 10.541  -12.072 2.846   1.00 67.20  ? 58   LYS A C   1 
ATOM   342  O  O   . LYS A 1 58  ? 11.567  -12.563 2.397   1.00 67.72  ? 58   LYS A O   1 
ATOM   343  C  CB  . LYS A 1 58  ? 8.812   -11.753 0.976   1.00 66.64  ? 58   LYS A CB  1 
ATOM   344  C  CG  . LYS A 1 58  ? 9.781   -10.744 0.488   1.00 69.07  ? 58   LYS A CG  1 
ATOM   345  C  CD  . LYS A 1 58  ? 9.786   -10.768 -1.025  1.00 71.35  ? 58   LYS A CD  1 
ATOM   346  C  CE  . LYS A 1 58  ? 10.579  -12.005 -1.496  1.00 70.99  ? 58   LYS A CE  1 
ATOM   347  N  NZ  . LYS A 1 58  ? 11.379  -11.634 -2.683  1.00 67.67  ? 58   LYS A NZ  1 
ATOM   348  N  N   . ILE A 1 59  ? 10.550  -11.254 3.885   1.00 68.09  ? 59   ILE A N   1 
ATOM   349  C  CA  . ILE A 1 59  ? 11.804  -10.965 4.568   1.00 69.40  ? 59   ILE A CA  1 
ATOM   350  C  C   . ILE A 1 59  ? 12.096  -12.043 5.590   1.00 71.28  ? 59   ILE A C   1 
ATOM   351  O  O   . ILE A 1 59  ? 13.225  -12.487 5.728   1.00 71.94  ? 59   ILE A O   1 
ATOM   352  C  CB  . ILE A 1 59  ? 11.806  -9.589  5.263   1.00 69.13  ? 59   ILE A CB  1 
ATOM   353  C  CG1 . ILE A 1 59  ? 13.203  -9.236  5.805   1.00 68.93  ? 59   ILE A CG1 1 
ATOM   354  C  CG2 . ILE A 1 59  ? 10.775  -9.544  6.381   1.00 68.25  ? 59   ILE A CG2 1 
ATOM   355  C  CD1 . ILE A 1 59  ? 14.320  -9.264  4.757   1.00 67.57  ? 59   ILE A CD1 1 
ATOM   356  N  N   . ARG A 1 60  ? 11.083  -12.462 6.326   1.00 73.40  ? 60   ARG A N   1 
ATOM   357  C  CA  . ARG A 1 60  ? 11.245  -13.621 7.183   1.00 75.54  ? 60   ARG A CA  1 
ATOM   358  C  C   . ARG A 1 60  ? 11.854  -14.784 6.352   1.00 76.24  ? 60   ARG A C   1 
ATOM   359  O  O   . ARG A 1 60  ? 12.682  -15.533 6.855   1.00 76.27  ? 60   ARG A O   1 
ATOM   360  C  CB  . ARG A 1 60  ? 9.895   -14.018 7.805   1.00 76.08  ? 60   ARG A CB  1 
ATOM   361  C  CG  . ARG A 1 60  ? 9.912   -14.471 9.291   1.00 77.93  ? 60   ARG A CG  1 
ATOM   362  C  CD  . ARG A 1 60  ? 8.493   -14.915 9.743   1.00 81.53  ? 60   ARG A CD  1 
ATOM   363  N  NE  . ARG A 1 60  ? 8.028   -16.113 9.005   1.00 85.62  ? 60   ARG A NE  1 
ATOM   364  C  CZ  . ARG A 1 60  ? 7.000   -16.172 8.143   1.00 84.89  ? 60   ARG A CZ  1 
ATOM   365  N  NH1 . ARG A 1 60  ? 6.265   -15.095 7.892   1.00 85.09  ? 60   ARG A NH1 1 
ATOM   366  N  NH2 . ARG A 1 60  ? 6.693   -17.325 7.536   1.00 85.10  ? 60   ARG A NH2 1 
ATOM   367  N  N   . TYR A 1 61  ? 11.483  -14.927 5.077   1.00 77.14  ? 61   TYR A N   1 
ATOM   368  C  CA  . TYR A 1 61  ? 11.952  -16.088 4.301   1.00 77.81  ? 61   TYR A CA  1 
ATOM   369  C  C   . TYR A 1 61  ? 13.428  -16.035 4.102   1.00 79.20  ? 61   TYR A C   1 
ATOM   370  O  O   . TYR A 1 61  ? 14.141  -16.966 4.442   1.00 80.14  ? 61   TYR A O   1 
ATOM   371  C  CB  . TYR A 1 61  ? 11.334  -16.172 2.914   1.00 77.31  ? 61   TYR A CB  1 
ATOM   372  C  CG  . TYR A 1 61  ? 11.635  -17.499 2.277   1.00 75.55  ? 61   TYR A CG  1 
ATOM   373  C  CD1 . TYR A 1 61  ? 11.009  -18.662 2.738   1.00 73.56  ? 61   TYR A CD1 1 
ATOM   374  C  CD2 . TYR A 1 61  ? 12.560  -17.611 1.249   1.00 74.42  ? 61   TYR A CD2 1 
ATOM   375  C  CE1 . TYR A 1 61  ? 11.270  -19.897 2.179   1.00 72.72  ? 61   TYR A CE1 1 
ATOM   376  C  CE2 . TYR A 1 61  ? 12.845  -18.849 0.681   1.00 73.53  ? 61   TYR A CE2 1 
ATOM   377  C  CZ  . TYR A 1 61  ? 12.193  -19.996 1.146   1.00 73.47  ? 61   TYR A CZ  1 
ATOM   378  O  OH  . TYR A 1 61  ? 12.457  -21.243 0.584   1.00 71.33  ? 61   TYR A OH  1 
ATOM   379  N  N   . GLU A 1 62  ? 13.879  -14.935 3.528   1.00 80.53  ? 62   GLU A N   1 
ATOM   380  C  CA  . GLU A 1 62  ? 15.280  -14.739 3.246   1.00 81.63  ? 62   GLU A CA  1 
ATOM   381  C  C   . GLU A 1 62  ? 16.202  -14.672 4.456   1.00 82.37  ? 62   GLU A C   1 
ATOM   382  O  O   . GLU A 1 62  ? 17.399  -14.910 4.328   1.00 83.13  ? 62   GLU A O   1 
ATOM   383  C  CB  . GLU A 1 62  ? 15.437  -13.494 2.418   1.00 81.56  ? 62   GLU A CB  1 
ATOM   384  C  CG  . GLU A 1 62  ? 14.832  -13.676 1.078   1.00 82.83  ? 62   GLU A CG  1 
ATOM   385  C  CD  . GLU A 1 62  ? 14.883  -12.416 0.293   1.00 85.60  ? 62   GLU A CD  1 
ATOM   386  O  OE1 . GLU A 1 62  ? 15.695  -11.538 0.668   1.00 86.90  ? 62   GLU A OE1 1 
ATOM   387  O  OE2 . GLU A 1 62  ? 14.112  -12.292 -0.688  1.00 87.07  ? 62   GLU A OE2 1 
ATOM   388  N  N   . SER A 1 63  ? 15.679  -14.362 5.629   1.00 82.91  ? 63   SER A N   1 
ATOM   389  C  CA  . SER A 1 63  ? 16.537  -14.354 6.807   1.00 83.60  ? 63   SER A CA  1 
ATOM   390  C  C   . SER A 1 63  ? 16.618  -15.730 7.483   1.00 84.51  ? 63   SER A C   1 
ATOM   391  O  O   . SER A 1 63  ? 17.048  -15.864 8.643   1.00 84.67  ? 63   SER A O   1 
ATOM   392  C  CB  . SER A 1 63  ? 16.066  -13.303 7.789   1.00 83.26  ? 63   SER A CB  1 
ATOM   393  O  OG  . SER A 1 63  ? 14.717  -13.543 8.104   1.00 83.83  ? 63   SER A OG  1 
ATOM   394  N  N   . LEU A 1 64  ? 16.207  -16.763 6.756   1.00 85.38  ? 64   LEU A N   1 
ATOM   395  C  CA  . LEU A 1 64  ? 16.466  -18.126 7.197   1.00 86.13  ? 64   LEU A CA  1 
ATOM   396  C  C   . LEU A 1 64  ? 17.618  -18.729 6.377   1.00 86.43  ? 64   LEU A C   1 
ATOM   397  O  O   . LEU A 1 64  ? 17.954  -19.893 6.485   1.00 86.60  ? 64   LEU A O   1 
ATOM   398  C  CB  . LEU A 1 64  ? 15.190  -18.984 7.159   1.00 86.23  ? 64   LEU A CB  1 
ATOM   399  C  CG  . LEU A 1 64  ? 14.234  -18.817 8.359   1.00 86.61  ? 64   LEU A CG  1 
ATOM   400  C  CD1 . LEU A 1 64  ? 13.543  -20.139 8.699   1.00 86.33  ? 64   LEU A CD1 1 
ATOM   401  C  CD2 . LEU A 1 64  ? 14.955  -18.256 9.605   1.00 86.39  ? 64   LEU A CD2 1 
ATOM   402  N  N   . THR A 1 65  ? 18.232  -17.901 5.555   1.00 87.13  ? 65   THR A N   1 
ATOM   403  C  CA  . THR A 1 65  ? 19.425  -18.279 4.817   1.00 87.22  ? 65   THR A CA  1 
ATOM   404  C  C   . THR A 1 65  ? 20.230  -16.994 4.764   1.00 87.35  ? 65   THR A C   1 
ATOM   405  O  O   . THR A 1 65  ? 20.496  -16.458 3.689   1.00 87.60  ? 65   THR A O   1 
ATOM   406  C  CB  . THR A 1 65  ? 19.069  -18.692 3.391   1.00 87.07  ? 65   THR A CB  1 
ATOM   407  O  OG1 . THR A 1 65  ? 17.666  -18.481 3.205   1.00 86.58  ? 65   THR A OG1 1 
ATOM   408  C  CG2 . THR A 1 65  ? 19.410  -20.169 3.133   1.00 87.55  ? 65   THR A CG2 1 
ATOM   409  N  N   . ASP A 1 66  ? 20.598  -16.492 5.939   1.00 87.24  ? 66   ASP A N   1 
ATOM   410  C  CA  . ASP A 1 66  ? 21.255  -15.203 6.048   1.00 86.75  ? 66   ASP A CA  1 
ATOM   411  C  C   . ASP A 1 66  ? 20.528  -14.473 7.154   1.00 86.85  ? 66   ASP A C   1 
ATOM   412  O  O   . ASP A 1 66  ? 19.852  -13.475 6.892   1.00 87.21  ? 66   ASP A O   1 
ATOM   413  C  CB  . ASP A 1 66  ? 21.139  -14.424 4.726   1.00 86.38  ? 66   ASP A CB  1 
ATOM   414  C  CG  . ASP A 1 66  ? 22.046  -13.185 4.670   1.00 86.12  ? 66   ASP A CG  1 
ATOM   415  O  OD1 . ASP A 1 66  ? 22.034  -12.499 3.624   1.00 84.90  ? 66   ASP A OD1 1 
ATOM   416  O  OD2 . ASP A 1 66  ? 22.764  -12.883 5.657   1.00 85.61  ? 66   ASP A OD2 1 
ATOM   417  N  N   . PRO A 1 67  ? 20.637  -14.978 8.402   1.00 86.69  ? 67   PRO A N   1 
ATOM   418  C  CA  . PRO A 1 67  ? 19.953  -14.247 9.480   1.00 86.12  ? 67   PRO A CA  1 
ATOM   419  C  C   . PRO A 1 67  ? 20.625  -12.878 9.592   1.00 85.25  ? 67   PRO A C   1 
ATOM   420  O  O   . PRO A 1 67  ? 20.604  -12.239 10.636  1.00 85.94  ? 67   PRO A O   1 
ATOM   421  C  CB  . PRO A 1 67  ? 20.174  -15.127 10.728  1.00 86.25  ? 67   PRO A CB  1 
ATOM   422  C  CG  . PRO A 1 67  ? 21.395  -15.956 10.422  1.00 86.43  ? 67   PRO A CG  1 
ATOM   423  C  CD  . PRO A 1 67  ? 21.532  -16.043 8.901   1.00 86.77  ? 67   PRO A CD  1 
ATOM   424  N  N   . SER A 1 68  ? 21.205  -12.452 8.476   1.00 83.97  ? 68   SER A N   1 
ATOM   425  C  CA  . SER A 1 68  ? 21.955  -11.212 8.370   1.00 82.87  ? 68   SER A CA  1 
ATOM   426  C  C   . SER A 1 68  ? 21.127  -10.058 7.765   1.00 82.08  ? 68   SER A C   1 
ATOM   427  O  O   . SER A 1 68  ? 21.590  -8.914  7.687   1.00 81.48  ? 68   SER A O   1 
ATOM   428  C  CB  . SER A 1 68  ? 23.199  -11.467 7.513   1.00 82.60  ? 68   SER A CB  1 
ATOM   429  O  OG  . SER A 1 68  ? 23.471  -10.366 6.668   1.00 82.60  ? 68   SER A OG  1 
ATOM   430  N  N   . LYS A 1 69  ? 19.903  -10.346 7.326   1.00 80.99  ? 69   LYS A N   1 
ATOM   431  C  CA  . LYS A 1 69  ? 19.118  -9.295  6.685   1.00 79.57  ? 69   LYS A CA  1 
ATOM   432  C  C   . LYS A 1 69  ? 18.275  -8.547  7.710   1.00 78.85  ? 69   LYS A C   1 
ATOM   433  O  O   . LYS A 1 69  ? 17.764  -7.457  7.447   1.00 79.20  ? 69   LYS A O   1 
ATOM   434  C  CB  . LYS A 1 69  ? 18.320  -9.848  5.500   1.00 79.27  ? 69   LYS A CB  1 
ATOM   435  C  CG  . LYS A 1 69  ? 19.221  -10.250 4.328   1.00 78.08  ? 69   LYS A CG  1 
ATOM   436  C  CD  . LYS A 1 69  ? 18.511  -11.123 3.312   1.00 76.49  ? 69   LYS A CD  1 
ATOM   437  C  CE  . LYS A 1 69  ? 19.357  -11.282 2.068   1.00 76.90  ? 69   LYS A CE  1 
ATOM   438  N  NZ  . LYS A 1 69  ? 18.610  -11.908 0.937   1.00 77.40  ? 69   LYS A NZ  1 
ATOM   439  N  N   . LEU A 1 70  ? 18.157  -9.136  8.896   1.00 77.98  ? 70   LEU A N   1 
ATOM   440  C  CA  . LEU A 1 70  ? 17.455  -8.500  10.005  1.00 76.84  ? 70   LEU A CA  1 
ATOM   441  C  C   . LEU A 1 70  ? 18.382  -7.547  10.716  1.00 76.04  ? 70   LEU A C   1 
ATOM   442  O  O   . LEU A 1 70  ? 18.090  -7.127  11.821  1.00 76.68  ? 70   LEU A O   1 
ATOM   443  C  CB  . LEU A 1 70  ? 16.916  -9.525  11.007  1.00 76.33  ? 70   LEU A CB  1 
ATOM   444  C  CG  . LEU A 1 70  ? 16.141  -10.721 10.425  1.00 77.40  ? 70   LEU A CG  1 
ATOM   445  C  CD1 . LEU A 1 70  ? 15.722  -11.686 11.542  1.00 77.26  ? 70   LEU A CD1 1 
ATOM   446  C  CD2 . LEU A 1 70  ? 14.914  -10.321 9.563   1.00 75.40  ? 70   LEU A CD2 1 
ATOM   447  N  N   . ASP A 1 71  ? 19.505  -7.213  10.099  1.00 75.02  ? 71   ASP A N   1 
ATOM   448  C  CA  . ASP A 1 71  ? 20.439  -6.307  10.746  1.00 74.50  ? 71   ASP A CA  1 
ATOM   449  C  C   . ASP A 1 71  ? 19.915  -4.872  10.725  1.00 73.78  ? 71   ASP A C   1 
ATOM   450  O  O   . ASP A 1 71  ? 20.302  -4.053  11.564  1.00 73.75  ? 71   ASP A O   1 
ATOM   451  C  CB  . ASP A 1 71  ? 21.828  -6.396  10.103  1.00 74.96  ? 71   ASP A CB  1 
ATOM   452  C  CG  . ASP A 1 71  ? 22.486  -7.796  10.279  1.00 77.69  ? 71   ASP A CG  1 
ATOM   453  O  OD1 . ASP A 1 71  ? 21.968  -8.664  11.043  1.00 81.53  ? 71   ASP A OD1 1 
ATOM   454  O  OD2 . ASP A 1 71  ? 23.528  -8.041  9.632   1.00 78.43  ? 71   ASP A OD2 1 
ATOM   455  N  N   . SER A 1 72  ? 19.021  -4.580  9.773   1.00 72.69  ? 72   SER A N   1 
ATOM   456  C  CA  . SER A 1 72  ? 18.435  -3.244  9.599   1.00 70.90  ? 72   SER A CA  1 
ATOM   457  C  C   . SER A 1 72  ? 17.114  -3.174  10.324  1.00 70.45  ? 72   SER A C   1 
ATOM   458  O  O   . SER A 1 72  ? 16.412  -2.169  10.238  1.00 70.46  ? 72   SER A O   1 
ATOM   459  C  CB  . SER A 1 72  ? 18.149  -2.998  8.130   1.00 70.39  ? 72   SER A CB  1 
ATOM   460  O  OG  . SER A 1 72  ? 17.362  -4.084  7.657   1.00 68.95  ? 72   SER A OG  1 
ATOM   461  N  N   . GLY A 1 73  ? 16.749  -4.238  11.021  1.00 69.77  ? 73   GLY A N   1 
ATOM   462  C  CA  . GLY A 1 73  ? 15.494  -4.204  11.776  1.00 69.31  ? 73   GLY A CA  1 
ATOM   463  C  C   . GLY A 1 73  ? 15.203  -5.260  12.816  1.00 68.17  ? 73   GLY A C   1 
ATOM   464  O  O   . GLY A 1 73  ? 15.201  -4.961  13.999  1.00 69.25  ? 73   GLY A O   1 
ATOM   465  N  N   . LYS A 1 74  ? 14.930  -6.486  12.380  1.00 67.17  ? 74   LYS A N   1 
ATOM   466  C  CA  . LYS A 1 74  ? 14.433  -7.557  13.286  1.00 66.29  ? 74   LYS A CA  1 
ATOM   467  C  C   . LYS A 1 74  ? 12.964  -7.536  13.769  1.00 64.15  ? 74   LYS A C   1 
ATOM   468  O  O   . LYS A 1 74  ? 12.309  -8.552  13.697  1.00 63.89  ? 74   LYS A O   1 
ATOM   469  C  CB  . LYS A 1 74  ? 15.367  -7.803  14.482  1.00 66.72  ? 74   LYS A CB  1 
ATOM   470  C  CG  . LYS A 1 74  ? 16.716  -8.427  14.087  1.00 70.31  ? 74   LYS A CG  1 
ATOM   471  C  CD  . LYS A 1 74  ? 17.204  -9.476  15.113  1.00 73.71  ? 74   LYS A CD  1 
ATOM   472  C  CE  . LYS A 1 74  ? 17.795  -8.828  16.359  1.00 75.58  ? 74   LYS A CE  1 
ATOM   473  N  NZ  . LYS A 1 74  ? 19.300  -8.858  16.330  1.00 78.79  ? 74   LYS A NZ  1 
ATOM   474  N  N   . GLU A 1 75  ? 12.442  -6.436  14.295  1.00 62.85  ? 75   GLU A N   1 
ATOM   475  C  CA  . GLU A 1 75  ? 11.067  -6.491  14.858  1.00 61.18  ? 75   GLU A CA  1 
ATOM   476  C  C   . GLU A 1 75  ? 10.084  -6.506  13.698  1.00 60.81  ? 75   GLU A C   1 
ATOM   477  O  O   . GLU A 1 75  ? 10.012  -5.552  12.971  1.00 61.63  ? 75   GLU A O   1 
ATOM   478  C  CB  . GLU A 1 75  ? 10.838  -5.286  15.777  1.00 61.31  ? 75   GLU A CB  1 
ATOM   479  C  CG  . GLU A 1 75  ? 9.537   -5.256  16.560  1.00 59.24  ? 75   GLU A CG  1 
ATOM   480  C  CD  . GLU A 1 75  ? 9.587   -4.231  17.677  0.30 59.49  ? 75   GLU A CD  1 
ATOM   481  O  OE1 . GLU A 1 75  ? 8.529   -3.898  18.260  0.30 58.37  ? 75   GLU A OE1 1 
ATOM   482  O  OE2 . GLU A 1 75  ? 10.703  -3.761  17.975  0.30 59.81  ? 75   GLU A OE2 1 
ATOM   483  N  N   . LEU A 1 76  ? 9.372   -7.610  13.485  1.00 59.98  ? 76   LEU A N   1 
ATOM   484  C  CA  . LEU A 1 76  ? 8.579   -7.797  12.268  1.00 58.80  ? 76   LEU A CA  1 
ATOM   485  C  C   . LEU A 1 76  ? 7.126   -7.367  12.451  1.00 57.95  ? 76   LEU A C   1 
ATOM   486  O  O   . LEU A 1 76  ? 6.278   -8.214  12.651  1.00 59.78  ? 76   LEU A O   1 
ATOM   487  C  CB  . LEU A 1 76  ? 8.583   -9.278  11.816  1.00 57.95  ? 76   LEU A CB  1 
ATOM   488  C  CG  . LEU A 1 76  ? 9.838   -10.027 11.332  1.00 58.45  ? 76   LEU A CG  1 
ATOM   489  C  CD1 . LEU A 1 76  ? 9.541   -11.509 10.831  1.00 56.95  ? 76   LEU A CD1 1 
ATOM   490  C  CD2 . LEU A 1 76  ? 10.661  -9.254  10.282  1.00 56.05  ? 76   LEU A CD2 1 
ATOM   491  N  N   . HIS A 1 77  ? 6.799   -6.081  12.363  1.00 56.85  ? 77   HIS A N   1 
ATOM   492  C  CA  . HIS A 1 77  ? 5.421   -5.651  12.720  1.00 55.06  ? 77   HIS A CA  1 
ATOM   493  C  C   . HIS A 1 77  ? 4.744   -4.688  11.689  1.00 53.09  ? 77   HIS A C   1 
ATOM   494  O  O   . HIS A 1 77  ? 5.369   -4.281  10.689  1.00 50.94  ? 77   HIS A O   1 
ATOM   495  C  CB  . HIS A 1 77  ? 5.382   -5.111  14.168  1.00 54.75  ? 77   HIS A CB  1 
ATOM   496  C  CG  . HIS A 1 77  ? 6.172   -3.850  14.366  1.00 56.52  ? 77   HIS A CG  1 
ATOM   497  N  ND1 . HIS A 1 77  ? 7.164   -3.446  13.495  1.00 57.05  ? 77   HIS A ND1 1 
ATOM   498  C  CD2 . HIS A 1 77  ? 6.133   -2.912  15.344  1.00 57.78  ? 77   HIS A CD2 1 
ATOM   499  C  CE1 . HIS A 1 77  ? 7.679   -2.298  13.904  1.00 54.62  ? 77   HIS A CE1 1 
ATOM   500  N  NE2 . HIS A 1 77  ? 7.078   -1.958  15.029  1.00 59.55  ? 77   HIS A NE2 1 
ATOM   501  N  N   . ILE A 1 78  ? 3.473   -4.358  11.954  1.00 50.05  ? 78   ILE A N   1 
ATOM   502  C  CA  . ILE A 1 78  ? 2.668   -3.444  11.142  1.00 47.16  ? 78   ILE A CA  1 
ATOM   503  C  C   . ILE A 1 78  ? 2.020   -2.441  12.066  1.00 46.12  ? 78   ILE A C   1 
ATOM   504  O  O   . ILE A 1 78  ? 1.284   -2.832  12.959  1.00 47.63  ? 78   ILE A O   1 
ATOM   505  C  CB  . ILE A 1 78  ? 1.530   -4.215  10.378  1.00 47.50  ? 78   ILE A CB  1 
ATOM   506  C  CG1 . ILE A 1 78  ? 2.119   -5.212  9.397   1.00 45.73  ? 78   ILE A CG1 1 
ATOM   507  C  CG2 . ILE A 1 78  ? 0.536   -3.243  9.674   1.00 45.50  ? 78   ILE A CG2 1 
ATOM   508  C  CD1 . ILE A 1 78  ? 1.226   -6.296  9.102   1.00 42.83  ? 78   ILE A CD1 1 
ATOM   509  N  N   . ASN A 1 79  ? 2.303   -1.159  11.850  1.00 44.82  ? 79   ASN A N   1 
ATOM   510  C  CA  . ASN A 1 79  ? 1.684   -0.054  12.552  1.00 43.06  ? 79   ASN A CA  1 
ATOM   511  C  C   . ASN A 1 79  ? 0.681   0.673   11.676  1.00 43.45  ? 79   ASN A C   1 
ATOM   512  O  O   . ASN A 1 79  ? 0.942   0.877   10.445  1.00 41.76  ? 79   ASN A O   1 
ATOM   513  C  CB  . ASN A 1 79  ? 2.737   0.990   12.837  1.00 43.00  ? 79   ASN A CB  1 
ATOM   514  C  CG  . ASN A 1 79  ? 3.885   0.425   13.674  1.00 43.94  ? 79   ASN A CG  1 
ATOM   515  O  OD1 . ASN A 1 79  ? 4.984   0.983   13.736  1.00 45.23  ? 79   ASN A OD1 1 
ATOM   516  N  ND2 . ASN A 1 79  ? 3.646   -0.704  14.251  1.00 38.28  ? 79   ASN A ND2 1 
ATOM   517  N  N   . LEU A 1 80  ? -0.403  1.130   12.321  1.00 41.77  ? 80   LEU A N   1 
ATOM   518  C  CA  . LEU A 1 80  ? -1.380  1.994   11.696  1.00 40.86  ? 80   LEU A CA  1 
ATOM   519  C  C   . LEU A 1 80  ? -1.404  3.309   12.388  1.00 40.32  ? 80   LEU A C   1 
ATOM   520  O  O   . LEU A 1 80  ? -1.702  3.380   13.607  1.00 41.11  ? 80   LEU A O   1 
ATOM   521  C  CB  . LEU A 1 80  ? -2.773  1.364   11.746  1.00 40.75  ? 80   LEU A CB  1 
ATOM   522  C  CG  . LEU A 1 80  ? -2.741  -0.095  11.247  1.00 39.10  ? 80   LEU A CG  1 
ATOM   523  C  CD1 . LEU A 1 80  ? -4.032  -0.823  11.645  1.00 41.73  ? 80   LEU A CD1 1 
ATOM   524  C  CD2 . LEU A 1 80  ? -2.520  -0.138  9.710   1.00 36.92  ? 80   LEU A CD2 1 
ATOM   525  N  N   . ILE A 1 81  ? -1.191  4.362   11.608  1.00 38.68  ? 81   ILE A N   1 
ATOM   526  C  CA  . ILE A 1 81  ? -0.978  5.674   12.154  1.00 39.98  ? 81   ILE A CA  1 
ATOM   527  C  C   . ILE A 1 81  ? -1.850  6.708   11.501  1.00 42.28  ? 81   ILE A C   1 
ATOM   528  O  O   . ILE A 1 81  ? -1.513  7.178   10.370  1.00 44.60  ? 81   ILE A O   1 
ATOM   529  C  CB  . ILE A 1 81  ? 0.506   6.145   11.910  1.00 38.66  ? 81   ILE A CB  1 
ATOM   530  C  CG1 . ILE A 1 81  ? 1.499   5.027   12.214  1.00 35.73  ? 81   ILE A CG1 1 
ATOM   531  C  CG2 . ILE A 1 81  ? 0.760   7.490   12.526  1.00 36.91  ? 81   ILE A CG2 1 
ATOM   532  C  CD1 . ILE A 1 81  ? 3.075   5.447   12.122  1.00 35.04  ? 81   ILE A CD1 1 
ATOM   533  N  N   . PRO A 1 82  ? -2.944  7.106   12.194  1.00 43.43  ? 82   PRO A N   1 
ATOM   534  C  CA  . PRO A 1 82  ? -3.922  8.143   11.808  1.00 44.01  ? 82   PRO A CA  1 
ATOM   535  C  C   . PRO A 1 82  ? -3.449  9.461   12.270  1.00 44.64  ? 82   PRO A C   1 
ATOM   536  O  O   . PRO A 1 82  ? -2.971  9.547   13.377  1.00 44.42  ? 82   PRO A O   1 
ATOM   537  C  CB  . PRO A 1 82  ? -5.165  7.812   12.682  1.00 43.97  ? 82   PRO A CB  1 
ATOM   538  C  CG  . PRO A 1 82  ? -4.705  6.670   13.670  1.00 44.29  ? 82   PRO A CG  1 
ATOM   539  C  CD  . PRO A 1 82  ? -3.172  6.659   13.580  1.00 43.66  ? 82   PRO A CD  1 
ATOM   540  N  N   . ASN A 1 83  ? -3.651  10.505  11.482  1.00 46.45  ? 83   ASN A N   1 
ATOM   541  C  CA  . ASN A 1 83  ? -3.273  11.862  11.907  1.00 47.65  ? 83   ASN A CA  1 
ATOM   542  C  C   . ASN A 1 83  ? -4.300  12.866  11.356  1.00 49.62  ? 83   ASN A C   1 
ATOM   543  O  O   . ASN A 1 83  ? -4.326  13.153  10.170  1.00 48.94  ? 83   ASN A O   1 
ATOM   544  C  CB  . ASN A 1 83  ? -1.855  12.186  11.438  1.00 46.55  ? 83   ASN A CB  1 
ATOM   545  C  CG  . ASN A 1 83  ? -1.421  13.568  11.826  1.00 48.95  ? 83   ASN A CG  1 
ATOM   546  O  OD1 . ASN A 1 83  ? -2.128  14.521  11.609  1.00 53.19  ? 83   ASN A OD1 1 
ATOM   547  N  ND2 . ASN A 1 83  ? -0.237  13.687  12.406  1.00 54.01  ? 83   ASN A ND2 1 
ATOM   548  N  N   . LYS A 1 84  ? -5.137  13.398  12.244  1.00 51.90  ? 84   LYS A N   1 
ATOM   549  C  CA  . LYS A 1 84  ? -6.320  14.131  11.863  1.00 54.10  ? 84   LYS A CA  1 
ATOM   550  C  C   . LYS A 1 84  ? -5.959  15.427  11.289  1.00 55.04  ? 84   LYS A C   1 
ATOM   551  O  O   . LYS A 1 84  ? -6.640  15.919  10.404  1.00 55.86  ? 84   LYS A O   1 
ATOM   552  C  CB  . LYS A 1 84  ? -7.227  14.350  13.070  1.00 54.71  ? 84   LYS A CB  1 
ATOM   553  C  CG  . LYS A 1 84  ? -7.897  13.041  13.394  1.00 57.10  ? 84   LYS A CG  1 
ATOM   554  C  CD  . LYS A 1 84  ? -8.702  13.007  14.656  1.00 61.18  ? 84   LYS A CD  1 
ATOM   555  C  CE  . LYS A 1 84  ? -9.266  11.590  14.791  1.00 61.14  ? 84   LYS A CE  1 
ATOM   556  N  NZ  . LYS A 1 84  ? -10.537 11.582  15.549  1.00 63.32  ? 84   LYS A NZ  1 
ATOM   557  N  N   . GLN A 1 85  ? -4.875  16.000  11.755  1.00 56.04  ? 85   GLN A N   1 
ATOM   558  C  CA  . GLN A 1 85  ? -4.569  17.324  11.276  1.00 57.20  ? 85   GLN A CA  1 
ATOM   559  C  C   . GLN A 1 85  ? -3.949  17.298  9.899   1.00 56.67  ? 85   GLN A C   1 
ATOM   560  O  O   . GLN A 1 85  ? -4.107  18.263  9.178   1.00 57.19  ? 85   GLN A O   1 
ATOM   561  C  CB  . GLN A 1 85  ? -3.686  18.083  12.259  1.00 58.46  ? 85   GLN A CB  1 
ATOM   562  C  CG  . GLN A 1 85  ? -2.424  17.330  12.585  1.00 63.04  ? 85   GLN A CG  1 
ATOM   563  C  CD  . GLN A 1 85  ? -1.999  17.564  13.997  1.00 68.80  ? 85   GLN A CD  1 
ATOM   564  O  OE1 . GLN A 1 85  ? -1.912  16.620  14.804  1.00 70.17  ? 85   GLN A OE1 1 
ATOM   565  N  NE2 . GLN A 1 85  ? -1.765  18.843  14.334  1.00 70.80  ? 85   GLN A NE2 1 
ATOM   566  N  N   . ASP A 1 86  ? -3.248  16.229  9.525   1.00 55.65  ? 86   ASP A N   1 
ATOM   567  C  CA  . ASP A 1 86  ? -2.713  16.137  8.158   1.00 55.92  ? 86   ASP A CA  1 
ATOM   568  C  C   . ASP A 1 86  ? -3.712  15.387  7.300   1.00 54.65  ? 86   ASP A C   1 
ATOM   569  O  O   . ASP A 1 86  ? -3.465  15.149  6.124   1.00 55.10  ? 86   ASP A O   1 
ATOM   570  C  CB  . ASP A 1 86  ? -1.421  15.326  8.092   1.00 55.99  ? 86   ASP A CB  1 
ATOM   571  C  CG  . ASP A 1 86  ? -0.361  15.851  9.002   1.00 60.42  ? 86   ASP A CG  1 
ATOM   572  O  OD1 . ASP A 1 86  ? -0.538  16.968  9.548   1.00 63.81  ? 86   ASP A OD1 1 
ATOM   573  O  OD2 . ASP A 1 86  ? 0.657   15.144  9.156   1.00 62.73  ? 86   ASP A OD2 1 
ATOM   574  N  N   . ARG A 1 87  ? -4.784  14.929  7.928   1.00 52.73  ? 87   ARG A N   1 
ATOM   575  C  CA  . ARG A 1 87  ? -5.751  14.059  7.293   1.00 50.67  ? 87   ARG A CA  1 
ATOM   576  C  C   . ARG A 1 87  ? -5.125  12.883  6.547   1.00 49.47  ? 87   ARG A C   1 
ATOM   577  O  O   . ARG A 1 87  ? -5.511  12.592  5.388   1.00 50.02  ? 87   ARG A O   1 
ATOM   578  C  CB  . ARG A 1 87  ? -6.640  14.864  6.350   1.00 50.39  ? 87   ARG A CB  1 
ATOM   579  C  CG  . ARG A 1 87  ? -7.979  14.170  6.129   1.00 51.43  ? 87   ARG A CG  1 
ATOM   580  C  CD  . ARG A 1 87  ? -8.558  14.582  4.803   1.00 51.34  ? 87   ARG A CD  1 
ATOM   581  N  NE  . ARG A 1 87  ? -9.028  15.945  4.841   1.00 54.58  ? 87   ARG A NE  1 
ATOM   582  C  CZ  . ARG A 1 87  ? -9.205  16.687  3.745   1.00 59.33  ? 87   ARG A CZ  1 
ATOM   583  N  NH1 . ARG A 1 87  ? -8.904  16.192  2.557   1.00 55.41  ? 87   ARG A NH1 1 
ATOM   584  N  NH2 . ARG A 1 87  ? -9.657  17.930  3.829   1.00 58.47  ? 87   ARG A NH2 1 
ATOM   585  N  N   . THR A 1 88  ? -4.196  12.187  7.195   1.00 45.98  ? 88   THR A N   1 
ATOM   586  C  CA  . THR A 1 88  ? -3.537  11.037  6.565   1.00 43.74  ? 88   THR A CA  1 
ATOM   587  C  C   . THR A 1 88  ? -3.719  9.799   7.433   1.00 42.87  ? 88   THR A C   1 
ATOM   588  O  O   . THR A 1 88  ? -3.796  9.935   8.665   1.00 43.06  ? 88   THR A O   1 
ATOM   589  C  CB  . THR A 1 88  ? -2.012  11.224  6.528   1.00 43.41  ? 88   THR A CB  1 
ATOM   590  O  OG1 . THR A 1 88  ? -1.601  11.512  7.879   1.00 41.97  ? 88   THR A OG1 1 
ATOM   591  C  CG2 . THR A 1 88  ? -1.576  12.364  5.582   1.00 40.59  ? 88   THR A CG2 1 
ATOM   592  N  N   . LEU A 1 89  ? -3.731  8.619   6.816   1.00 40.51  ? 89   LEU A N   1 
ATOM   593  C  CA  . LEU A 1 89  ? -3.633  7.357   7.511   1.00 39.47  ? 89   LEU A CA  1 
ATOM   594  C  C   . LEU A 1 89  ? -2.470  6.656   6.879   1.00 40.18  ? 89   LEU A C   1 
ATOM   595  O  O   . LEU A 1 89  ? -2.394  6.537   5.622   1.00 40.44  ? 89   LEU A O   1 
ATOM   596  C  CB  . LEU A 1 89  ? -4.841  6.526   7.204   1.00 40.54  ? 89   LEU A CB  1 
ATOM   597  C  CG  . LEU A 1 89  ? -4.840  5.124   7.800   1.00 39.83  ? 89   LEU A CG  1 
ATOM   598  C  CD1 . LEU A 1 89  ? -4.979  5.183   9.333   1.00 35.31  ? 89   LEU A CD1 1 
ATOM   599  C  CD2 . LEU A 1 89  ? -5.982  4.295   7.215   1.00 41.01  ? 89   LEU A CD2 1 
ATOM   600  N  N   . THR A 1 90  ? -1.524  6.218   7.703   1.00 39.49  ? 90   THR A N   1 
ATOM   601  C  CA  . THR A 1 90  ? -0.267  5.625   7.228   1.00 38.66  ? 90   THR A CA  1 
ATOM   602  C  C   . THR A 1 90  ? -0.224  4.190   7.701   1.00 38.05  ? 90   THR A C   1 
ATOM   603  O  O   . THR A 1 90  ? -0.518  3.936   8.877   1.00 37.87  ? 90   THR A O   1 
ATOM   604  C  CB  . THR A 1 90  ? 0.913   6.462   7.796   1.00 39.34  ? 90   THR A CB  1 
ATOM   605  O  OG1 . THR A 1 90  ? 0.698   7.857   7.499   1.00 41.21  ? 90   THR A OG1 1 
ATOM   606  C  CG2 . THR A 1 90  ? 2.259   6.041   7.219   1.00 38.48  ? 90   THR A CG2 1 
ATOM   607  N  N   . ILE A 1 91  ? 0.004   3.252   6.793   1.00 38.65  ? 91   ILE A N   1 
ATOM   608  C  CA  . ILE A 1 91  ? 0.257   1.817   7.100   1.00 40.13  ? 91   ILE A CA  1 
ATOM   609  C  C   . ILE A 1 91  ? 1.785   1.600   6.946   1.00 42.38  ? 91   ILE A C   1 
ATOM   610  O  O   . ILE A 1 91  ? 2.328   1.680   5.820   1.00 41.54  ? 91   ILE A O   1 
ATOM   611  C  CB  . ILE A 1 91  ? -0.418  0.878   6.065   1.00 40.84  ? 91   ILE A CB  1 
ATOM   612  C  CG1 . ILE A 1 91  ? -1.976  0.993   6.057   1.00 42.99  ? 91   ILE A CG1 1 
ATOM   613  C  CG2 . ILE A 1 91  ? -0.079  -0.593  6.343   1.00 37.83  ? 91   ILE A CG2 1 
ATOM   614  C  CD1 . ILE A 1 91  ? -2.537  2.415   5.904   1.00 42.77  ? 91   ILE A CD1 1 
ATOM   615  N  N   . VAL A 1 92  ? 2.470   1.395   8.075   1.00 44.32  ? 92   VAL A N   1 
ATOM   616  C  CA  . VAL A 1 92  ? 3.924   1.182   8.114   1.00 46.06  ? 92   VAL A CA  1 
ATOM   617  C  C   . VAL A 1 92  ? 4.249   -0.285  8.377   1.00 47.48  ? 92   VAL A C   1 
ATOM   618  O  O   . VAL A 1 92  ? 3.690   -0.863  9.298   1.00 48.20  ? 92   VAL A O   1 
ATOM   619  C  CB  . VAL A 1 92  ? 4.579   1.887   9.262   1.00 45.27  ? 92   VAL A CB  1 
ATOM   620  C  CG1 . VAL A 1 92  ? 6.119   1.679   9.143   1.00 45.30  ? 92   VAL A CG1 1 
ATOM   621  C  CG2 . VAL A 1 92  ? 4.278   3.345   9.256   1.00 43.95  ? 92   VAL A CG2 1 
ATOM   622  N  N   . ASP A 1 93  ? 5.123   -0.898  7.568   1.00 48.94  ? 93   ASP A N   1 
ATOM   623  C  CA  . ASP A 1 93  ? 5.617   -2.269  7.865   1.00 50.17  ? 93   ASP A CA  1 
ATOM   624  C  C   . ASP A 1 93  ? 7.153   -2.332  7.852   1.00 50.88  ? 93   ASP A C   1 
ATOM   625  O  O   . ASP A 1 93  ? 7.808   -1.526  7.159   1.00 51.39  ? 93   ASP A O   1 
ATOM   626  C  CB  . ASP A 1 93  ? 5.014   -3.321  6.924   1.00 49.40  ? 93   ASP A CB  1 
ATOM   627  C  CG  . ASP A 1 93  ? 5.587   -3.269  5.519   1.00 52.22  ? 93   ASP A CG  1 
ATOM   628  O  OD1 . ASP A 1 93  ? 6.782   -3.561  5.332   1.00 54.17  ? 93   ASP A OD1 1 
ATOM   629  O  OD2 . ASP A 1 93  ? 4.833   -2.982  4.575   1.00 53.35  ? 93   ASP A OD2 1 
ATOM   630  N  N   . THR A 1 94  ? 7.727   -3.272  8.603   1.00 51.00  ? 94   THR A N   1 
ATOM   631  C  CA  . THR A 1 94  ? 9.149   -3.524  8.479   1.00 50.25  ? 94   THR A CA  1 
ATOM   632  C  C   . THR A 1 94  ? 9.420   -4.740  7.546   1.00 51.73  ? 94   THR A C   1 
ATOM   633  O  O   . THR A 1 94  ? 10.277  -5.599  7.821   1.00 51.94  ? 94   THR A O   1 
ATOM   634  C  CB  . THR A 1 94  ? 9.787   -3.710  9.851   1.00 50.57  ? 94   THR A CB  1 
ATOM   635  O  OG1 . THR A 1 94  ? 9.159   -4.811  10.503  1.00 50.59  ? 94   THR A OG1 1 
ATOM   636  C  CG2 . THR A 1 94  ? 9.592   -2.472  10.707  1.00 45.39  ? 94   THR A CG2 1 
ATOM   637  N  N   . GLY A 1 95  ? 8.724   -4.818  6.418   1.00 51.20  ? 95   GLY A N   1 
ATOM   638  C  CA  . GLY A 1 95  ? 8.883   -5.981  5.558   1.00 51.48  ? 95   GLY A CA  1 
ATOM   639  C  C   . GLY A 1 95  ? 10.099  -5.863  4.643   1.00 53.31  ? 95   GLY A C   1 
ATOM   640  O  O   . GLY A 1 95  ? 11.088  -5.145  4.946   1.00 52.78  ? 95   GLY A O   1 
ATOM   641  N  N   . ILE A 1 96  ? 10.022  -6.530  3.488   1.00 53.91  ? 96   ILE A N   1 
ATOM   642  C  CA  . ILE A 1 96  ? 11.182  -6.596  2.577   1.00 54.27  ? 96   ILE A CA  1 
ATOM   643  C  C   . ILE A 1 96  ? 11.551  -5.265  1.878   1.00 54.89  ? 96   ILE A C   1 
ATOM   644  O  O   . ILE A 1 96  ? 12.691  -5.064  1.437   1.00 55.74  ? 96   ILE A O   1 
ATOM   645  C  CB  . ILE A 1 96  ? 11.041  -7.747  1.564   1.00 53.96  ? 96   ILE A CB  1 
ATOM   646  C  CG1 . ILE A 1 96  ? 12.335  -7.890  0.739   1.00 55.31  ? 96   ILE A CG1 1 
ATOM   647  C  CG2 . ILE A 1 96  ? 9.846   -7.522  0.663   1.00 52.97  ? 96   ILE A CG2 1 
ATOM   648  C  CD1 . ILE A 1 96  ? 12.787  -9.339  0.593   1.00 55.96  ? 96   ILE A CD1 1 
ATOM   649  N  N   . GLY A 1 97  ? 10.602  -4.343  1.772   1.00 54.00  ? 97   GLY A N   1 
ATOM   650  C  CA  . GLY A 1 97  ? 10.874  -3.090  1.117   1.00 53.29  ? 97   GLY A CA  1 
ATOM   651  C  C   . GLY A 1 97  ? 11.076  -3.277  -0.378  1.00 53.49  ? 97   GLY A C   1 
ATOM   652  O  O   . GLY A 1 97  ? 11.042  -4.389  -0.911  1.00 53.81  ? 97   GLY A O   1 
ATOM   653  N  N   . MET A 1 98  ? 11.256  -2.177  -1.076  1.00 53.64  ? 98   MET A N   1 
ATOM   654  C  CA  . MET A 1 98  ? 11.512  -2.269  -2.511  1.00 54.11  ? 98   MET A CA  1 
ATOM   655  C  C   . MET A 1 98  ? 12.732  -1.437  -2.906  1.00 54.09  ? 98   MET A C   1 
ATOM   656  O  O   . MET A 1 98  ? 12.942  -0.337  -2.357  1.00 52.91  ? 98   MET A O   1 
ATOM   657  C  CB  . MET A 1 98  ? 10.300  -1.732  -3.290  1.00 53.58  ? 98   MET A CB  1 
ATOM   658  C  CG  . MET A 1 98  ? 9.078   -2.619  -3.274  1.00 54.72  ? 98   MET A CG  1 
ATOM   659  S  SD  . MET A 1 98  ? 7.638   -1.671  -3.831  1.00 57.69  ? 98   MET A SD  1 
ATOM   660  C  CE  . MET A 1 98  ? 7.314   -0.800  -2.263  1.00 54.55  ? 98   MET A CE  1 
ATOM   661  N  N   . THR A 1 99  ? 13.508  -1.937  -3.884  1.00 54.51  ? 99   THR A N   1 
ATOM   662  C  CA  . THR A 1 99  ? 14.520  -1.107  -4.575  1.00 54.29  ? 99   THR A CA  1 
ATOM   663  C  C   . THR A 1 99  ? 13.826  -0.149  -5.574  1.00 54.74  ? 99   THR A C   1 
ATOM   664  O  O   . THR A 1 99  ? 12.641  -0.328  -5.907  1.00 54.71  ? 99   THR A O   1 
ATOM   665  C  CB  . THR A 1 99  ? 15.448  -1.980  -5.392  1.00 54.09  ? 99   THR A CB  1 
ATOM   666  O  OG1 . THR A 1 99  ? 14.660  -2.619  -6.380  1.00 56.34  ? 99   THR A OG1 1 
ATOM   667  C  CG2 . THR A 1 99  ? 16.011  -3.066  -4.564  1.00 52.97  ? 99   THR A CG2 1 
ATOM   668  N  N   . LYS A 1 100 ? 14.559  0.841   -6.074  1.00 54.29  ? 100  LYS A N   1 
ATOM   669  C  CA  . LYS A 1 100 ? 13.997  1.805   -7.013  1.00 54.72  ? 100  LYS A CA  1 
ATOM   670  C  C   . LYS A 1 100 ? 13.337  1.113   -8.205  1.00 55.27  ? 100  LYS A C   1 
ATOM   671  O  O   . LYS A 1 100 ? 12.331  1.564   -8.725  1.00 55.06  ? 100  LYS A O   1 
ATOM   672  C  CB  . LYS A 1 100 ? 15.082  2.731   -7.560  1.00 54.02  ? 100  LYS A CB  1 
ATOM   673  C  CG  . LYS A 1 100 ? 14.513  4.111   -7.876  1.00 53.92  ? 100  LYS A CG  1 
ATOM   674  C  CD  . LYS A 1 100 ? 15.513  5.091   -8.393  1.00 51.37  ? 100  LYS A CD  1 
ATOM   675  C  CE  . LYS A 1 100 ? 15.489  5.095   -9.896  1.00 50.99  ? 100  LYS A CE  1 
ATOM   676  N  NZ  . LYS A 1 100 ? 15.919  6.433   -10.375 1.00 49.77  ? 100  LYS A NZ  1 
ATOM   677  N  N   . ALA A 1 101 ? 13.916  0.015   -8.650  1.00 56.07  ? 101  ALA A N   1 
ATOM   678  C  CA  . ALA A 1 101 ? 13.356  -0.684  -9.788  1.00 57.23  ? 101  ALA A CA  1 
ATOM   679  C  C   . ALA A 1 101 ? 12.131  -1.531  -9.386  1.00 57.85  ? 101  ALA A C   1 
ATOM   680  O  O   . ALA A 1 101 ? 11.198  -1.685  -10.159 1.00 59.33  ? 101  ALA A O   1 
ATOM   681  C  CB  . ALA A 1 101 ? 14.460  -1.511  -10.562 1.00 56.28  ? 101  ALA A CB  1 
ATOM   682  N  N   . ASP A 1 102 ? 12.134  -2.066  -8.180  1.00 58.68  ? 102  ASP A N   1 
ATOM   683  C  CA  . ASP A 1 102 ? 10.965  -2.710  -7.615  1.00 58.68  ? 102  ASP A CA  1 
ATOM   684  C  C   . ASP A 1 102 ? 9.858   -1.666  -7.576  1.00 58.44  ? 102  ASP A C   1 
ATOM   685  O  O   . ASP A 1 102 ? 8.743   -1.871  -8.081  1.00 59.25  ? 102  ASP A O   1 
ATOM   686  C  CB  . ASP A 1 102 ? 11.304  -3.118  -6.185  1.00 59.88  ? 102  ASP A CB  1 
ATOM   687  C  CG  . ASP A 1 102 ? 12.207  -4.363  -6.120  1.00 62.26  ? 102  ASP A CG  1 
ATOM   688  O  OD1 . ASP A 1 102 ? 12.255  -5.092  -7.159  1.00 62.17  ? 102  ASP A OD1 1 
ATOM   689  O  OD2 . ASP A 1 102 ? 12.813  -4.598  -5.028  1.00 60.30  ? 102  ASP A OD2 1 
ATOM   690  N  N   . LEU A 1 103 ? 10.185  -0.521  -7.007  1.00 57.11  ? 103  LEU A N   1 
ATOM   691  C  CA  . LEU A 1 103 ? 9.210   0.482   -6.787  1.00 56.52  ? 103  LEU A CA  1 
ATOM   692  C  C   . LEU A 1 103 ? 8.597   0.795   -8.126  1.00 56.93  ? 103  LEU A C   1 
ATOM   693  O  O   . LEU A 1 103 ? 7.389   0.804   -8.268  1.00 56.26  ? 103  LEU A O   1 
ATOM   694  C  CB  . LEU A 1 103 ? 9.877   1.742   -6.279  1.00 56.18  ? 103  LEU A CB  1 
ATOM   695  C  CG  . LEU A 1 103 ? 9.316   2.482   -5.073  1.00 58.18  ? 103  LEU A CG  1 
ATOM   696  C  CD1 . LEU A 1 103 ? 9.732   3.938   -5.178  1.00 55.53  ? 103  LEU A CD1 1 
ATOM   697  C  CD2 . LEU A 1 103 ? 7.789   2.291   -4.925  1.00 53.52  ? 103  LEU A CD2 1 
ATOM   698  N  N   . ILE A 1 104 ? 9.457   1.096   -9.096  1.00 58.43  ? 104  ILE A N   1 
ATOM   699  C  CA  . ILE A 1 104 ? 9.031   1.594   -10.414 1.00 58.98  ? 104  ILE A CA  1 
ATOM   700  C  C   . ILE A 1 104 ? 8.328   0.491   -11.192 1.00 59.54  ? 104  ILE A C   1 
ATOM   701  O  O   . ILE A 1 104 ? 7.286   0.727   -11.763 1.00 60.35  ? 104  ILE A O   1 
ATOM   702  C  CB  . ILE A 1 104 ? 10.198  2.119   -11.281 1.00 58.86  ? 104  ILE A CB  1 
ATOM   703  C  CG1 . ILE A 1 104 ? 10.641  3.505   -10.810 1.00 58.29  ? 104  ILE A CG1 1 
ATOM   704  C  CG2 . ILE A 1 104 ? 9.753   2.167   -12.748 1.00 58.62  ? 104  ILE A CG2 1 
ATOM   705  C  CD1 . ILE A 1 104 ? 12.112  3.820   -11.062 1.00 58.25  ? 104  ILE A CD1 1 
ATOM   706  N  N   . ASN A 1 105 ? 8.860   -0.716  -11.202 1.00 59.99  ? 105  ASN A N   1 
ATOM   707  C  CA  . ASN A 1 105 ? 8.148   -1.774  -11.887 1.00 61.01  ? 105  ASN A CA  1 
ATOM   708  C  C   . ASN A 1 105 ? 6.871   -2.234  -11.201 1.00 61.70  ? 105  ASN A C   1 
ATOM   709  O  O   . ASN A 1 105 ? 5.811   -2.229  -11.817 1.00 61.48  ? 105  ASN A O   1 
ATOM   710  C  CB  . ASN A 1 105 ? 9.047   -2.958  -12.139 1.00 61.31  ? 105  ASN A CB  1 
ATOM   711  C  CG  . ASN A 1 105 ? 10.207  -2.596  -13.034 1.00 64.68  ? 105  ASN A CG  1 
ATOM   712  O  OD1 . ASN A 1 105 ? 10.304  -1.455  -13.521 1.00 66.55  ? 105  ASN A OD1 1 
ATOM   713  N  ND2 . ASN A 1 105 ? 11.115  -3.544  -13.231 1.00 66.91  ? 105  ASN A ND2 1 
ATOM   714  N  N   . ASN A 1 106 ? 6.920   -2.675  -9.948  1.00 62.38  ? 106  ASN A N   1 
ATOM   715  C  CA  . ASN A 1 106 ? 5.659   -3.232  -9.490  1.00 63.31  ? 106  ASN A CA  1 
ATOM   716  C  C   . ASN A 1 106 ? 4.585   -2.244  -9.012  1.00 62.56  ? 106  ASN A C   1 
ATOM   717  O  O   . ASN A 1 106 ? 3.503   -2.672  -8.702  1.00 63.04  ? 106  ASN A O   1 
ATOM   718  C  CB  . ASN A 1 106 ? 5.766   -4.539  -8.654  1.00 64.42  ? 106  ASN A CB  1 
ATOM   719  C  CG  . ASN A 1 106 ? 5.933   -4.279  -7.201  1.00 64.61  ? 106  ASN A CG  1 
ATOM   720  O  OD1 . ASN A 1 106 ? 6.494   -3.271  -6.847  1.00 70.17  ? 106  ASN A OD1 1 
ATOM   721  N  ND2 . ASN A 1 106 ? 5.434   -5.169  -6.347  1.00 66.03  ? 106  ASN A ND2 1 
ATOM   722  N  N   . LEU A 1 107 ? 4.841   -0.944  -9.022  1.00 62.06  ? 107  LEU A N   1 
ATOM   723  C  CA  . LEU A 1 107 ? 3.712   -0.004  -8.952  1.00 62.25  ? 107  LEU A CA  1 
ATOM   724  C  C   . LEU A 1 107 ? 3.205   0.534   -10.311 1.00 64.20  ? 107  LEU A C   1 
ATOM   725  O  O   . LEU A 1 107 ? 2.073   0.956   -10.416 1.00 64.57  ? 107  LEU A O   1 
ATOM   726  C  CB  . LEU A 1 107 ? 3.970   1.141   -7.949  1.00 61.42  ? 107  LEU A CB  1 
ATOM   727  C  CG  . LEU A 1 107 ? 3.791   0.710   -6.472  1.00 58.44  ? 107  LEU A CG  1 
ATOM   728  C  CD1 . LEU A 1 107 ? 4.666   -0.483  -6.139  1.00 56.26  ? 107  LEU A CD1 1 
ATOM   729  C  CD2 . LEU A 1 107 ? 4.026   1.803   -5.506  1.00 54.28  ? 107  LEU A CD2 1 
ATOM   730  N  N   . GLY A 1 108 ? 4.014   0.537   -11.359 1.00 65.94  ? 108  GLY A N   1 
ATOM   731  C  CA  . GLY A 1 108 ? 3.630   1.306   -12.516 1.00 68.82  ? 108  GLY A CA  1 
ATOM   732  C  C   . GLY A 1 108 ? 3.358   0.464   -13.734 1.00 71.39  ? 108  GLY A C   1 
ATOM   733  O  O   . GLY A 1 108 ? 2.907   1.005   -14.747 1.00 70.71  ? 108  GLY A O   1 
ATOM   734  N  N   . THR A 1 109 ? 3.601   -0.856  -13.605 1.00 74.10  ? 109  THR A N   1 
ATOM   735  C  CA  . THR A 1 109 ? 3.671   -1.840  -14.717 1.00 76.63  ? 109  THR A CA  1 
ATOM   736  C  C   . THR A 1 109 ? 3.331   -3.255  -14.254 1.00 78.43  ? 109  THR A C   1 
ATOM   737  O  O   . THR A 1 109 ? 2.167   -3.573  -14.019 1.00 79.36  ? 109  THR A O   1 
ATOM   738  C  CB  . THR A 1 109 ? 5.110   -1.978  -15.292 1.00 76.69  ? 109  THR A CB  1 
ATOM   739  O  OG1 . THR A 1 109 ? 5.729   -0.687  -15.419 1.00 76.66  ? 109  THR A OG1 1 
ATOM   740  C  CG2 . THR A 1 109 ? 5.087   -2.722  -16.647 1.00 76.51  ? 109  THR A CG2 1 
ATOM   741  N  N   . ILE A 1 110 ? 4.367   -4.100  -14.193 1.00 80.24  ? 110  ILE A N   1 
ATOM   742  C  CA  . ILE A 1 110 ? 4.389   -5.407  -13.476 1.00 82.09  ? 110  ILE A CA  1 
ATOM   743  C  C   . ILE A 1 110 ? 3.143   -6.313  -13.442 1.00 83.70  ? 110  ILE A C   1 
ATOM   744  O  O   . ILE A 1 110 ? 3.223   -7.472  -13.845 1.00 84.06  ? 110  ILE A O   1 
ATOM   745  C  CB  . ILE A 1 110 ? 4.963   -5.248  -12.055 1.00 81.75  ? 110  ILE A CB  1 
ATOM   746  N  N   . ALA A 1 111 ? 2.028   -5.842  -12.881 1.00 85.33  ? 111  ALA A N   1 
ATOM   747  C  CA  . ALA A 1 111 ? 0.751   -6.544  -13.050 1.00 86.53  ? 111  ALA A CA  1 
ATOM   748  C  C   . ALA A 1 111 ? -0.036  -5.699  -14.053 1.00 87.50  ? 111  ALA A C   1 
ATOM   749  O  O   . ALA A 1 111 ? -1.222  -5.381  -13.870 1.00 87.82  ? 111  ALA A O   1 
ATOM   750  C  CB  . ALA A 1 111 ? -0.013  -6.740  -11.717 1.00 86.41  ? 111  ALA A CB  1 
ATOM   751  N  N   . LYS A 1 112 ? 0.668   -5.291  -15.099 1.00 88.04  ? 112  LYS A N   1 
ATOM   752  C  CA  . LYS A 1 112 ? 0.006   -4.980  -16.332 1.00 89.22  ? 112  LYS A CA  1 
ATOM   753  C  C   . LYS A 1 112 ? -0.965  -6.161  -16.607 1.00 90.13  ? 112  LYS A C   1 
ATOM   754  O  O   . LYS A 1 112 ? -1.993  -6.003  -17.280 1.00 90.37  ? 112  LYS A O   1 
ATOM   755  C  CB  . LYS A 1 112 ? 1.045   -4.847  -17.449 1.00 88.82  ? 112  LYS A CB  1 
ATOM   756  N  N   . SER A 1 113 ? -0.638  -7.336  -16.047 1.00 91.01  ? 113  SER A N   1 
ATOM   757  C  CA  . SER A 1 113 ? -1.400  -8.591  -16.252 1.00 91.32  ? 113  SER A CA  1 
ATOM   758  C  C   . SER A 1 113 ? -2.604  -8.801  -15.322 1.00 91.44  ? 113  SER A C   1 
ATOM   759  O  O   . SER A 1 113 ? -3.758  -8.836  -15.802 1.00 91.70  ? 113  SER A O   1 
ATOM   760  C  CB  . SER A 1 113 ? -0.468  -9.802  -16.136 1.00 91.50  ? 113  SER A CB  1 
ATOM   761  O  OG  . SER A 1 113 ? -1.140  -10.911 -15.543 1.00 92.29  ? 113  SER A OG  1 
ATOM   762  N  N   . GLY A 1 114 ? -2.334  -8.972  -14.016 1.00 90.99  ? 114  GLY A N   1 
ATOM   763  C  CA  . GLY A 1 114 ? -3.395  -9.165  -13.007 1.00 90.54  ? 114  GLY A CA  1 
ATOM   764  C  C   . GLY A 1 114 ? -4.515  -8.129  -13.073 1.00 90.19  ? 114  GLY A C   1 
ATOM   765  O  O   . GLY A 1 114 ? -5.558  -8.278  -12.433 1.00 89.93  ? 114  GLY A O   1 
ATOM   766  N  N   . THR A 1 115 ? -4.300  -7.087  -13.871 1.00 89.76  ? 115  THR A N   1 
ATOM   767  C  CA  . THR A 1 115 ? -5.234  -5.982  -14.009 1.00 89.63  ? 115  THR A CA  1 
ATOM   768  C  C   . THR A 1 115 ? -6.237  -6.176  -15.133 1.00 90.44  ? 115  THR A C   1 
ATOM   769  O  O   . THR A 1 115 ? -7.356  -5.659  -15.088 1.00 90.54  ? 115  THR A O   1 
ATOM   770  C  CB  . THR A 1 115 ? -4.496  -4.715  -14.406 1.00 89.60  ? 115  THR A CB  1 
ATOM   771  O  OG1 . THR A 1 115 ? -3.371  -4.509  -13.540 1.00 89.43  ? 115  THR A OG1 1 
ATOM   772  C  CG2 . THR A 1 115 ? -5.441  -3.520  -14.384 1.00 88.30  ? 115  THR A CG2 1 
ATOM   773  N  N   . LYS A 1 116 ? -5.820  -6.864  -16.184 1.00 90.77  ? 116  LYS A N   1 
ATOM   774  C  CA  . LYS A 1 116 ? -6.716  -7.094  -17.277 1.00 91.25  ? 116  LYS A CA  1 
ATOM   775  C  C   . LYS A 1 116 ? -7.697  -8.138  -16.742 1.00 91.10  ? 116  LYS A C   1 
ATOM   776  O  O   . LYS A 1 116 ? -8.916  -7.912  -16.692 1.00 90.85  ? 116  LYS A O   1 
ATOM   777  C  CB  . LYS A 1 116 ? -5.920  -7.553  -18.499 1.00 91.71  ? 116  LYS A CB  1 
ATOM   778  C  CG  . LYS A 1 116 ? -6.472  -7.037  -19.825 1.00 93.46  ? 116  LYS A CG  1 
ATOM   779  C  CD  . LYS A 1 116 ? -7.177  -8.216  -20.563 1.00 95.39  ? 116  LYS A CD  1 
ATOM   780  C  CE  . LYS A 1 116 ? -7.461  -9.345  -19.579 1.00 94.71  ? 116  LYS A CE  1 
ATOM   781  N  NZ  . LYS A 1 116 ? -7.612  -10.656 -20.269 1.00 95.54  ? 116  LYS A NZ  1 
ATOM   782  N  N   . ALA A 1 117 ? -7.146  -9.255  -16.275 1.00 90.90  ? 117  ALA A N   1 
ATOM   783  C  CA  . ALA A 1 117 ? -7.923  -10.263 -15.556 1.00 91.01  ? 117  ALA A CA  1 
ATOM   784  C  C   . ALA A 1 117 ? -9.022  -9.663  -14.651 1.00 91.16  ? 117  ALA A C   1 
ATOM   785  O  O   . ALA A 1 117 ? -10.198 -10.021 -14.753 1.00 91.42  ? 117  ALA A O   1 
ATOM   786  C  CB  . ALA A 1 117 ? -6.992  -11.150 -14.743 1.00 90.78  ? 117  ALA A CB  1 
ATOM   787  N  N   . PHE A 1 118 ? -8.635  -8.758  -13.757 1.00 90.98  ? 118  PHE A N   1 
ATOM   788  C  CA  . PHE A 1 118 ? -9.589  -8.153  -12.834 1.00 90.58  ? 118  PHE A CA  1 
ATOM   789  C  C   . PHE A 1 118 ? -10.686 -7.434  -13.579 1.00 90.40  ? 118  PHE A C   1 
ATOM   790  O  O   . PHE A 1 118 ? -11.837 -7.547  -13.210 1.00 90.34  ? 118  PHE A O   1 
ATOM   791  C  CB  . PHE A 1 118 ? -8.881  -7.187  -11.862 1.00 90.75  ? 118  PHE A CB  1 
ATOM   792  C  CG  . PHE A 1 118 ? -9.802  -6.505  -10.852 1.00 89.72  ? 118  PHE A CG  1 
ATOM   793  C  CD1 . PHE A 1 118 ? -10.520 -7.244  -9.925  1.00 89.40  ? 118  PHE A CD1 1 
ATOM   794  C  CD2 . PHE A 1 118 ? -9.904  -5.117  -10.814 1.00 88.72  ? 118  PHE A CD2 1 
ATOM   795  C  CE1 . PHE A 1 118 ? -11.331 -6.606  -9.008  1.00 89.41  ? 118  PHE A CE1 1 
ATOM   796  C  CE2 . PHE A 1 118 ? -10.710 -4.474  -9.904  1.00 87.94  ? 118  PHE A CE2 1 
ATOM   797  C  CZ  . PHE A 1 118 ? -11.423 -5.209  -9.001  1.00 89.43  ? 118  PHE A CZ  1 
ATOM   798  N  N   . MET A 1 119 ? -10.339 -6.697  -14.628 1.00 90.53  ? 119  MET A N   1 
ATOM   799  C  CA  . MET A 1 119 ? -11.323 -5.819  -15.272 1.00 90.89  ? 119  MET A CA  1 
ATOM   800  C  C   . MET A 1 119 ? -12.305 -6.540  -16.190 1.00 90.55  ? 119  MET A C   1 
ATOM   801  O  O   . MET A 1 119 ? -13.334 -5.980  -16.565 1.00 90.48  ? 119  MET A O   1 
ATOM   802  C  CB  . MET A 1 119 ? -10.649 -4.679  -16.023 1.00 90.97  ? 119  MET A CB  1 
ATOM   803  C  CG  . MET A 1 119 ? -10.049 -3.626  -15.118 1.00 92.80  ? 119  MET A CG  1 
ATOM   804  S  SD  . MET A 1 119 ? -9.000  -2.456  -16.041 1.00 96.58  ? 119  MET A SD  1 
ATOM   805  C  CE  . MET A 1 119 ? -10.090 -1.028  -16.205 1.00 95.87  ? 119  MET A CE  1 
ATOM   806  N  N   . GLU A 1 120 ? -11.989 -7.770  -16.569 1.00 90.42  ? 120  GLU A N   1 
ATOM   807  C  CA  . GLU A 1 120 ? -13.009 -8.613  -17.167 1.00 90.33  ? 120  GLU A CA  1 
ATOM   808  C  C   . GLU A 1 120 ? -13.805 -9.148  -16.004 1.00 89.80  ? 120  GLU A C   1 
ATOM   809  O  O   . GLU A 1 120 ? -15.004 -8.908  -15.909 1.00 89.68  ? 120  GLU A O   1 
ATOM   810  C  CB  . GLU A 1 120 ? -12.406 -9.757  -17.952 1.00 90.26  ? 120  GLU A CB  1 
ATOM   811  C  CG  . GLU A 1 120 ? -11.679 -9.279  -19.142 1.00 92.07  ? 120  GLU A CG  1 
ATOM   812  C  CD  . GLU A 1 120 ? -10.268 -9.763  -19.125 1.00 95.11  ? 120  GLU A CD  1 
ATOM   813  O  OE1 . GLU A 1 120 ? -9.383  -9.053  -19.660 1.00 96.75  ? 120  GLU A OE1 1 
ATOM   814  O  OE2 . GLU A 1 120 ? -10.043 -10.857 -18.563 1.00 95.31  ? 120  GLU A OE2 1 
ATOM   815  N  N   . ALA A 1 121 ? -13.119 -9.836  -15.097 1.00 89.20  ? 121  ALA A N   1 
ATOM   816  C  CA  . ALA A 1 121 ? -13.751 -10.330 -13.875 1.00 88.78  ? 121  ALA A CA  1 
ATOM   817  C  C   . ALA A 1 121 ? -14.874 -9.401  -13.369 1.00 88.35  ? 121  ALA A C   1 
ATOM   818  O  O   . ALA A 1 121 ? -15.873 -9.865  -12.809 1.00 87.99  ? 121  ALA A O   1 
ATOM   819  C  CB  . ALA A 1 121 ? -12.701 -10.568 -12.788 1.00 88.71  ? 121  ALA A CB  1 
ATOM   820  N  N   . LEU A 1 122 ? -14.716 -8.095  -13.584 1.00 87.93  ? 122  LEU A N   1 
ATOM   821  C  CA  . LEU A 1 122 ? -15.700 -7.145  -13.103 1.00 87.71  ? 122  LEU A CA  1 
ATOM   822  C  C   . LEU A 1 122 ? -17.032 -7.312  -13.793 1.00 88.17  ? 122  LEU A C   1 
ATOM   823  O  O   . LEU A 1 122 ? -18.058 -7.062  -13.178 1.00 88.39  ? 122  LEU A O   1 
ATOM   824  C  CB  . LEU A 1 122 ? -15.182 -5.712  -13.131 1.00 87.22  ? 122  LEU A CB  1 
ATOM   825  C  CG  . LEU A 1 122 ? -14.297 -5.614  -11.887 1.00 86.22  ? 122  LEU A CG  1 
ATOM   826  C  CD1 . LEU A 1 122 ? -13.379 -4.408  -11.905 1.00 85.50  ? 122  LEU A CD1 1 
ATOM   827  C  CD2 . LEU A 1 122 ? -15.156 -5.650  -10.627 1.00 84.85  ? 122  LEU A CD2 1 
ATOM   828  N  N   . GLN A 1 123 ? -17.026 -7.731  -15.060 1.00 88.87  ? 123  GLN A N   1 
ATOM   829  C  CA  . GLN A 1 123 ? -18.258 -8.276  -15.691 1.00 89.37  ? 123  GLN A CA  1 
ATOM   830  C  C   . GLN A 1 123 ? -18.302 -9.794  -15.444 1.00 89.11  ? 123  GLN A C   1 
ATOM   831  O  O   . GLN A 1 123 ? -17.299 -10.496 -15.571 1.00 89.07  ? 123  GLN A O   1 
ATOM   832  C  CB  . GLN A 1 123 ? -18.334 -7.963  -17.186 1.00 89.60  ? 123  GLN A CB  1 
ATOM   833  C  CG  . GLN A 1 123 ? -18.063 -6.501  -17.533 1.00 90.84  ? 123  GLN A CG  1 
ATOM   834  C  CD  . GLN A 1 123 ? -16.741 -6.031  -16.984 1.00 91.99  ? 123  GLN A CD  1 
ATOM   835  O  OE1 . GLN A 1 123 ? -15.697 -6.665  -17.196 1.00 91.59  ? 123  GLN A OE1 1 
ATOM   836  N  NE2 . GLN A 1 123 ? -16.773 -4.918  -16.260 1.00 92.14  ? 123  GLN A NE2 1 
ATOM   837  N  N   . ALA A 1 124 ? -19.460 -10.311 -15.076 1.00 88.85  ? 124  ALA A N   1 
ATOM   838  C  CA  . ALA A 1 124 ? -19.482 -11.626 -14.451 1.00 88.22  ? 124  ALA A CA  1 
ATOM   839  C  C   . ALA A 1 124 ? -19.638 -11.333 -12.963 1.00 87.83  ? 124  ALA A C   1 
ATOM   840  O  O   . ALA A 1 124 ? -19.116 -12.065 -12.108 1.00 88.18  ? 124  ALA A O   1 
ATOM   841  C  CB  . ALA A 1 124 ? -18.171 -12.402 -14.738 1.00 87.61  ? 124  ALA A CB  1 
ATOM   842  N  N   . GLY A 1 125 ? -20.342 -10.232 -12.667 1.00 87.02  ? 125  GLY A N   1 
ATOM   843  C  CA  . GLY A 1 125 ? -20.596 -9.820  -11.289 1.00 85.73  ? 125  GLY A CA  1 
ATOM   844  C  C   . GLY A 1 125 ? -19.453 -10.199 -10.358 1.00 84.59  ? 125  GLY A C   1 
ATOM   845  O  O   . GLY A 1 125 ? -19.629 -10.924 -9.375  1.00 84.42  ? 125  GLY A O   1 
ATOM   846  N  N   . ALA A 1 126 ? -18.257 -9.755  -10.705 1.00 83.26  ? 126  ALA A N   1 
ATOM   847  C  CA  . ALA A 1 126 ? -17.199 -9.700  -9.741  1.00 81.64  ? 126  ALA A CA  1 
ATOM   848  C  C   . ALA A 1 126 ? -17.343 -8.286  -9.246  1.00 80.26  ? 126  ALA A C   1 
ATOM   849  O  O   . ALA A 1 126 ? -17.776 -7.407  -9.987  1.00 80.27  ? 126  ALA A O   1 
ATOM   850  C  CB  . ALA A 1 126 ? -15.869 -9.893  -10.409 1.00 82.13  ? 126  ALA A CB  1 
ATOM   851  N  N   . ASP A 1 127 ? -17.030 -8.040  -7.993  1.00 78.28  ? 127  ASP A N   1 
ATOM   852  C  CA  . ASP A 1 127 ? -17.095 -6.671  -7.577  1.00 76.60  ? 127  ASP A CA  1 
ATOM   853  C  C   . ASP A 1 127 ? -15.775 -6.282  -6.915  1.00 75.38  ? 127  ASP A C   1 
ATOM   854  O  O   . ASP A 1 127 ? -14.975 -7.142  -6.510  1.00 75.20  ? 127  ASP A O   1 
ATOM   855  C  CB  . ASP A 1 127 ? -18.265 -6.462  -6.641  1.00 76.59  ? 127  ASP A CB  1 
ATOM   856  C  CG  . ASP A 1 127 ? -17.914 -6.820  -5.260  1.00 76.17  ? 127  ASP A CG  1 
ATOM   857  O  OD1 . ASP A 1 127 ? -17.273 -7.878  -5.103  1.00 74.77  ? 127  ASP A OD1 1 
ATOM   858  O  OD2 . ASP A 1 127 ? -18.208 -6.022  -4.353  1.00 76.82  ? 127  ASP A OD2 1 
ATOM   859  N  N   . ILE A 1 128 ? -15.576 -4.973  -6.799  1.00 73.83  ? 128  ILE A N   1 
ATOM   860  C  CA  . ILE A 1 128 ? -14.285 -4.397  -6.464  1.00 72.04  ? 128  ILE A CA  1 
ATOM   861  C  C   . ILE A 1 128 ? -13.657 -5.085  -5.267  1.00 72.10  ? 128  ILE A C   1 
ATOM   862  O  O   . ILE A 1 128 ? -12.433 -5.165  -5.162  1.00 72.05  ? 128  ILE A O   1 
ATOM   863  C  CB  . ILE A 1 128 ? -14.409 -2.884  -6.220  1.00 71.54  ? 128  ILE A CB  1 
ATOM   864  C  CG1 . ILE A 1 128 ? -14.563 -2.162  -7.560  1.00 70.53  ? 128  ILE A CG1 1 
ATOM   865  C  CG2 . ILE A 1 128 ? -13.224 -2.368  -5.438  1.00 70.02  ? 128  ILE A CG2 1 
ATOM   866  C  CD1 . ILE A 1 128 ? -14.701 -0.623  -7.474  1.00 69.32  ? 128  ILE A CD1 1 
ATOM   867  N  N   . SER A 1 129 ? -14.488 -5.618  -4.385  1.00 71.83  ? 129  SER A N   1 
ATOM   868  C  CA  . SER A 1 129 ? -13.989 -6.138  -3.119  1.00 72.17  ? 129  SER A CA  1 
ATOM   869  C  C   . SER A 1 129 ? -13.147 -7.380  -3.312  1.00 72.53  ? 129  SER A C   1 
ATOM   870  O  O   . SER A 1 129 ? -12.445 -7.817  -2.390  1.00 72.48  ? 129  SER A O   1 
ATOM   871  C  CB  . SER A 1 129 ? -15.128 -6.424  -2.147  1.00 71.99  ? 129  SER A CB  1 
ATOM   872  O  OG  . SER A 1 129 ? -15.961 -7.432  -2.688  1.00 72.87  ? 129  SER A OG  1 
ATOM   873  N  N   . MET A 1 130 ? -13.187 -7.942  -4.508  1.00 73.06  ? 130  MET A N   1 
ATOM   874  C  CA  . MET A 1 130 ? -12.341 -9.089  -4.786  1.00 74.19  ? 130  MET A CA  1 
ATOM   875  C  C   . MET A 1 130 ? -11.083 -8.745  -5.570  1.00 74.07  ? 130  MET A C   1 
ATOM   876  O  O   . MET A 1 130 ? -10.543 -9.593  -6.278  1.00 74.56  ? 130  MET A O   1 
ATOM   877  C  CB  . MET A 1 130 ? -13.101 -10.111 -5.600  1.00 75.16  ? 130  MET A CB  1 
ATOM   878  C  CG  . MET A 1 130 ? -14.350 -10.609 -4.948  1.00 77.40  ? 130  MET A CG  1 
ATOM   879  S  SD  . MET A 1 130 ? -15.086 -11.739 -6.117  1.00 84.91  ? 130  MET A SD  1 
ATOM   880  C  CE  . MET A 1 130 ? -13.883 -13.097 -6.125  1.00 80.81  ? 130  MET A CE  1 
ATOM   881  N  N   . ILE A 1 131 ? -10.616 -7.510  -5.432  1.00 73.76  ? 131  ILE A N   1 
ATOM   882  C  CA  . ILE A 1 131 ? -9.427  -7.013  -6.144  1.00 73.04  ? 131  ILE A CA  1 
ATOM   883  C  C   . ILE A 1 131 ? -8.095  -7.642  -5.726  1.00 73.57  ? 131  ILE A C   1 
ATOM   884  O  O   . ILE A 1 131 ? -7.188  -7.741  -6.532  1.00 74.21  ? 131  ILE A O   1 
ATOM   885  C  CB  . ILE A 1 131 ? -9.317  -5.503  -5.948  1.00 72.83  ? 131  ILE A CB  1 
ATOM   886  C  CG1 . ILE A 1 131 ? -8.411  -4.879  -7.002  1.00 71.13  ? 131  ILE A CG1 1 
ATOM   887  C  CG2 . ILE A 1 131 ? -8.868  -5.191  -4.538  1.00 71.13  ? 131  ILE A CG2 1 
ATOM   888  C  CD1 . ILE A 1 131 ? -8.640  -3.412  -7.126  1.00 68.92  ? 131  ILE A CD1 1 
ATOM   889  N  N   . GLY A 1 132 ? -7.977  -8.054  -4.468  1.00 73.93  ? 132  GLY A N   1 
ATOM   890  C  CA  . GLY A 1 132 ? -6.755  -8.639  -3.945  1.00 74.39  ? 132  GLY A CA  1 
ATOM   891  C  C   . GLY A 1 132 ? -6.396  -9.967  -4.591  1.00 75.23  ? 132  GLY A C   1 
ATOM   892  O  O   . GLY A 1 132 ? -5.222  -10.373 -4.618  1.00 75.37  ? 132  GLY A O   1 
ATOM   893  N  N   . GLN A 1 133 ? -7.406  -10.639 -5.132  1.00 75.31  ? 133  GLN A N   1 
ATOM   894  C  CA  . GLN A 1 133 ? -7.221  -11.945 -5.759  1.00 75.19  ? 133  GLN A CA  1 
ATOM   895  C  C   . GLN A 1 133 ? -6.362  -11.872 -7.019  1.00 74.59  ? 133  GLN A C   1 
ATOM   896  O  O   . GLN A 1 133 ? -5.825  -12.870 -7.458  1.00 74.71  ? 133  GLN A O   1 
ATOM   897  C  CB  . GLN A 1 133 ? -8.597  -12.597 -6.012  1.00 75.37  ? 133  GLN A CB  1 
ATOM   898  C  CG  . GLN A 1 133 ? -9.255  -12.991 -4.673  1.00 76.27  ? 133  GLN A CG  1 
ATOM   899  C  CD  . GLN A 1 133 ? -10.747 -13.277 -4.749  1.00 78.12  ? 133  GLN A CD  1 
ATOM   900  O  OE1 . GLN A 1 133 ? -11.234 -13.896 -5.701  1.00 79.36  ? 133  GLN A OE1 1 
ATOM   901  N  NE2 . GLN A 1 133 ? -11.483 -12.842 -3.722  1.00 76.08  ? 133  GLN A NE2 1 
ATOM   902  N  N   . PHE A 1 134 ? -6.202  -10.669 -7.567  1.00 74.03  ? 134  PHE A N   1 
ATOM   903  C  CA  . PHE A 1 134 ? -5.461  -10.475 -8.816  1.00 73.41  ? 134  PHE A CA  1 
ATOM   904  C  C   . PHE A 1 134 ? -4.161  -9.712  -8.647  1.00 71.60  ? 134  PHE A C   1 
ATOM   905  O  O   . PHE A 1 134 ? -3.499  -9.379  -9.646  1.00 72.38  ? 134  PHE A O   1 
ATOM   906  C  CB  . PHE A 1 134 ? -6.355  -9.819  -9.864  1.00 73.64  ? 134  PHE A CB  1 
ATOM   907  C  CG  . PHE A 1 134 ? -7.654  -10.542 -10.027 1.00 77.40  ? 134  PHE A CG  1 
ATOM   908  C  CD1 . PHE A 1 134 ? -7.731  -11.687 -10.844 1.00 79.29  ? 134  PHE A CD1 1 
ATOM   909  C  CD2 . PHE A 1 134 ? -8.784  -10.142 -9.310  1.00 78.31  ? 134  PHE A CD2 1 
ATOM   910  C  CE1 . PHE A 1 134 ? -8.928  -12.396 -10.974 1.00 79.06  ? 134  PHE A CE1 1 
ATOM   911  C  CE2 . PHE A 1 134 ? -9.988  -10.837 -9.443  1.00 79.69  ? 134  PHE A CE2 1 
ATOM   912  C  CZ  . PHE A 1 134 ? -10.056 -11.973 -10.282 1.00 79.39  ? 134  PHE A CZ  1 
ATOM   913  N  N   . GLY A 1 135 ? -3.803  -9.473  -7.384  1.00 69.30  ? 135  GLY A N   1 
ATOM   914  C  CA  . GLY A 1 135 ? -2.531  -8.880  -7.010  1.00 66.19  ? 135  GLY A CA  1 
ATOM   915  C  C   . GLY A 1 135 ? -2.485  -7.389  -7.212  1.00 64.37  ? 135  GLY A C   1 
ATOM   916  O  O   . GLY A 1 135 ? -1.415  -6.820  -7.381  1.00 65.73  ? 135  GLY A O   1 
ATOM   917  N  N   . VAL A 1 136 ? -3.628  -6.725  -7.190  1.00 61.41  ? 136  VAL A N   1 
ATOM   918  C  CA  . VAL A 1 136 ? -3.595  -5.305  -7.426  1.00 58.08  ? 136  VAL A CA  1 
ATOM   919  C  C   . VAL A 1 136 ? -4.367  -4.567  -6.361  1.00 56.53  ? 136  VAL A C   1 
ATOM   920  O  O   . VAL A 1 136 ? -4.763  -3.417  -6.537  1.00 57.29  ? 136  VAL A O   1 
ATOM   921  C  CB  . VAL A 1 136 ? -4.039  -4.950  -8.852  1.00 58.33  ? 136  VAL A CB  1 
ATOM   922  C  CG1 . VAL A 1 136 ? -2.999  -5.455  -9.860  1.00 57.91  ? 136  VAL A CG1 1 
ATOM   923  C  CG2 . VAL A 1 136 ? -5.373  -5.536  -9.179  1.00 57.78  ? 136  VAL A CG2 1 
ATOM   924  N  N   . GLY A 1 137 ? -4.520  -5.221  -5.220  1.00 54.15  ? 137  GLY A N   1 
ATOM   925  C  CA  . GLY A 1 137 ? -5.229  -4.644  -4.100  1.00 51.49  ? 137  GLY A CA  1 
ATOM   926  C  C   . GLY A 1 137 ? -4.733  -3.257  -3.731  1.00 50.31  ? 137  GLY A C   1 
ATOM   927  O  O   . GLY A 1 137 ? -5.516  -2.415  -3.300  1.00 49.79  ? 137  GLY A O   1 
ATOM   928  N  N   . PHE A 1 138 ? -3.439  -3.007  -3.895  1.00 48.17  ? 138  PHE A N   1 
ATOM   929  C  CA  . PHE A 1 138 ? -2.865  -1.743  -3.440  1.00 45.67  ? 138  PHE A CA  1 
ATOM   930  C  C   . PHE A 1 138 ? -3.677  -0.635  -4.002  1.00 43.92  ? 138  PHE A C   1 
ATOM   931  O  O   . PHE A 1 138 ? -3.933  0.329   -3.285  1.00 43.18  ? 138  PHE A O   1 
ATOM   932  C  CB  . PHE A 1 138 ? -1.362  -1.619  -3.827  1.00 45.61  ? 138  PHE A CB  1 
ATOM   933  C  CG  . PHE A 1 138 ? -0.843  -0.187  -3.868  1.00 44.72  ? 138  PHE A CG  1 
ATOM   934  C  CD1 . PHE A 1 138 ? -0.374  0.424   -2.709  1.00 43.16  ? 138  PHE A CD1 1 
ATOM   935  C  CD2 . PHE A 1 138 ? -0.822  0.530   -5.076  1.00 43.68  ? 138  PHE A CD2 1 
ATOM   936  C  CE1 . PHE A 1 138 ? 0.081   1.720   -2.722  1.00 41.96  ? 138  PHE A CE1 1 
ATOM   937  C  CE2 . PHE A 1 138 ? -0.367  1.859   -5.121  1.00 40.53  ? 138  PHE A CE2 1 
ATOM   938  C  CZ  . PHE A 1 138 ? 0.108   2.441   -3.957  1.00 41.85  ? 138  PHE A CZ  1 
ATOM   939  N  N   . TYR A 1 139 ? -4.130  -0.769  -5.261  1.00 43.40  ? 139  TYR A N   1 
ATOM   940  C  CA  . TYR A 1 139 ? -4.811  0.375   -5.926  1.00 42.13  ? 139  TYR A CA  1 
ATOM   941  C  C   . TYR A 1 139 ? -6.138  0.742   -5.278  1.00 42.35  ? 139  TYR A C   1 
ATOM   942  O  O   . TYR A 1 139 ? -6.635  1.872   -5.413  1.00 42.07  ? 139  TYR A O   1 
ATOM   943  C  CB  . TYR A 1 139 ? -4.880  0.284   -7.498  1.00 42.83  ? 139  TYR A CB  1 
ATOM   944  C  CG  . TYR A 1 139 ? -3.496  0.178   -8.135  1.00 40.96  ? 139  TYR A CG  1 
ATOM   945  C  CD1 . TYR A 1 139 ? -2.725  1.304   -8.393  1.00 40.63  ? 139  TYR A CD1 1 
ATOM   946  C  CD2 . TYR A 1 139 ? -2.937  -1.064  -8.357  1.00 41.49  ? 139  TYR A CD2 1 
ATOM   947  C  CE1 . TYR A 1 139 ? -1.407  1.176   -8.970  1.00 43.53  ? 139  TYR A CE1 1 
ATOM   948  C  CE2 . TYR A 1 139 ? -1.669  -1.212  -8.901  1.00 41.79  ? 139  TYR A CE2 1 
ATOM   949  C  CZ  . TYR A 1 139 ? -0.911  -0.104  -9.215  1.00 44.39  ? 139  TYR A CZ  1 
ATOM   950  O  OH  . TYR A 1 139 ? 0.356   -0.357  -9.732  1.00 47.55  ? 139  TYR A OH  1 
ATOM   951  N  N   . SER A 1 140 ? -6.693  -0.168  -4.487  1.00 43.05  ? 140  SER A N   1 
ATOM   952  C  CA  . SER A 1 140 ? -7.901  0.234   -3.733  1.00 43.58  ? 140  SER A CA  1 
ATOM   953  C  C   . SER A 1 140 ? -7.663  1.430   -2.847  1.00 43.64  ? 140  SER A C   1 
ATOM   954  O  O   . SER A 1 140 ? -8.624  2.081   -2.430  1.00 45.73  ? 140  SER A O   1 
ATOM   955  C  CB  . SER A 1 140 ? -8.508  -0.898  -2.937  1.00 42.73  ? 140  SER A CB  1 
ATOM   956  O  OG  . SER A 1 140 ? -7.638  -1.481  -1.963  1.00 46.27  ? 140  SER A OG  1 
ATOM   957  N  N   . ALA A 1 141 ? -6.417  1.735   -2.507  1.00 42.10  ? 141  ALA A N   1 
ATOM   958  C  CA  . ALA A 1 141 ? -6.232  2.872   -1.605  1.00 40.68  ? 141  ALA A CA  1 
ATOM   959  C  C   . ALA A 1 141 ? -6.932  4.071   -2.244  1.00 39.70  ? 141  ALA A C   1 
ATOM   960  O  O   . ALA A 1 141 ? -7.383  5.018   -1.562  1.00 39.70  ? 141  ALA A O   1 
ATOM   961  C  CB  . ALA A 1 141 ? -4.735  3.172   -1.356  1.00 39.70  ? 141  ALA A CB  1 
ATOM   962  N  N   . TYR A 1 142 ? -7.038  4.033   -3.566  1.00 39.96  ? 142  TYR A N   1 
ATOM   963  C  CA  . TYR A 1 142 ? -7.689  5.124   -4.305  1.00 39.20  ? 142  TYR A CA  1 
ATOM   964  C  C   . TYR A 1 142 ? -9.231  5.206   -4.108  1.00 39.50  ? 142  TYR A C   1 
ATOM   965  O  O   . TYR A 1 142 ? -9.811  6.235   -4.403  1.00 39.23  ? 142  TYR A O   1 
ATOM   966  C  CB  . TYR A 1 142 ? -7.210  5.205   -5.794  1.00 39.23  ? 142  TYR A CB  1 
ATOM   967  C  CG  . TYR A 1 142 ? -5.715  5.652   -5.863  1.00 40.18  ? 142  TYR A CG  1 
ATOM   968  C  CD1 . TYR A 1 142 ? -5.375  6.989   -5.801  1.00 34.22  ? 142  TYR A CD1 1 
ATOM   969  C  CD2 . TYR A 1 142 ? -4.667  4.712   -5.904  1.00 35.35  ? 142  TYR A CD2 1 
ATOM   970  C  CE1 . TYR A 1 142 ? -4.012  7.396   -5.828  1.00 31.90  ? 142  TYR A CE1 1 
ATOM   971  C  CE2 . TYR A 1 142 ? -3.292  5.125   -5.926  1.00 38.03  ? 142  TYR A CE2 1 
ATOM   972  C  CZ  . TYR A 1 142 ? -3.000  6.492   -5.875  1.00 39.03  ? 142  TYR A CZ  1 
ATOM   973  O  OH  . TYR A 1 142 ? -1.689  6.976   -5.844  1.00 38.05  ? 142  TYR A OH  1 
ATOM   974  N  N   . LEU A 1 143 ? -9.880  4.154   -3.580  1.00 38.97  ? 143  LEU A N   1 
ATOM   975  C  CA  . LEU A 1 143 ? -11.244 4.350   -2.969  1.00 39.27  ? 143  LEU A CA  1 
ATOM   976  C  C   . LEU A 1 143 ? -11.297 5.467   -1.904  1.00 40.23  ? 143  LEU A C   1 
ATOM   977  O  O   . LEU A 1 143 ? -12.312 6.140   -1.771  1.00 41.30  ? 143  LEU A O   1 
ATOM   978  C  CB  . LEU A 1 143 ? -11.739 3.079   -2.299  1.00 37.51  ? 143  LEU A CB  1 
ATOM   979  C  CG  . LEU A 1 143 ? -11.777 2.001   -3.373  1.00 37.31  ? 143  LEU A CG  1 
ATOM   980  C  CD1 . LEU A 1 143 ? -11.979 0.659   -2.741  1.00 33.92  ? 143  LEU A CD1 1 
ATOM   981  C  CD2 . LEU A 1 143 ? -12.946 2.341   -4.373  1.00 32.15  ? 143  LEU A CD2 1 
ATOM   982  N  N   . VAL A 1 144 ? -10.245 5.637   -1.079  1.00 40.04  ? 144  VAL A N   1 
ATOM   983  C  CA  . VAL A 1 144 ? -10.358 6.656   -0.026  1.00 38.04  ? 144  VAL A CA  1 
ATOM   984  C  C   . VAL A 1 144 ? -9.392  7.846   -0.128  1.00 39.15  ? 144  VAL A C   1 
ATOM   985  O  O   . VAL A 1 144 ? -9.658  8.884   0.517   1.00 37.29  ? 144  VAL A O   1 
ATOM   986  C  CB  . VAL A 1 144 ? -10.243 6.042   1.339   1.00 39.71  ? 144  VAL A CB  1 
ATOM   987  C  CG1 . VAL A 1 144 ? -11.367 4.985   1.575   1.00 34.99  ? 144  VAL A CG1 1 
ATOM   988  C  CG2 . VAL A 1 144 ? -8.835  5.353   1.495   1.00 36.69  ? 144  VAL A CG2 1 
ATOM   989  N  N   . ALA A 1 145 ? -8.308  7.725   -0.927  1.00 37.97  ? 145  ALA A N   1 
ATOM   990  C  CA  . ALA A 1 145 ? -7.268  8.747   -0.899  1.00 40.83  ? 145  ALA A CA  1 
ATOM   991  C  C   . ALA A 1 145 ? -7.208  9.567   -2.153  1.00 42.22  ? 145  ALA A C   1 
ATOM   992  O  O   . ALA A 1 145 ? -7.229  8.994   -3.185  1.00 43.59  ? 145  ALA A O   1 
ATOM   993  C  CB  . ALA A 1 145 ? -5.867  8.070   -0.650  1.00 39.73  ? 145  ALA A CB  1 
ATOM   994  N  N   . GLU A 1 146 ? -7.088  10.893  -2.091  1.00 44.52  ? 146  GLU A N   1 
ATOM   995  C  CA  . GLU A 1 146 ? -6.803  11.672  -3.280  1.00 46.25  ? 146  GLU A CA  1 
ATOM   996  C  C   . GLU A 1 146 ? -5.329  11.545  -3.665  1.00 45.81  ? 146  GLU A C   1 
ATOM   997  O  O   . GLU A 1 146 ? -4.941  11.892  -4.771  1.00 46.26  ? 146  GLU A O   1 
ATOM   998  C  CB  . GLU A 1 146 ? -7.094  13.130  -3.021  1.00 46.17  ? 146  GLU A CB  1 
ATOM   999  C  CG  . GLU A 1 146 ? -6.019  13.801  -2.187  1.00 55.46  ? 146  GLU A CG  1 
ATOM   1000 C  CD  . GLU A 1 146 ? -6.586  14.982  -1.421  1.00 61.94  ? 146  GLU A CD  1 
ATOM   1001 O  OE1 . GLU A 1 146 ? -7.805  15.212  -1.574  1.00 69.50  ? 146  GLU A OE1 1 
ATOM   1002 O  OE2 . GLU A 1 146 ? -5.866  15.669  -0.672  1.00 62.56  ? 146  GLU A OE2 1 
ATOM   1003 N  N   . LYS A 1 147 ? -4.491  11.114  -2.742  1.00 45.96  ? 147  LYS A N   1 
ATOM   1004 C  CA  . LYS A 1 147 ? -3.056  11.012  -3.020  1.00 45.85  ? 147  LYS A CA  1 
ATOM   1005 C  C   . LYS A 1 147 ? -2.473  9.892   -2.191  1.00 45.52  ? 147  LYS A C   1 
ATOM   1006 O  O   . LYS A 1 147 ? -2.833  9.738   -1.025  1.00 46.31  ? 147  LYS A O   1 
ATOM   1007 C  CB  . LYS A 1 147 ? -2.382  12.316  -2.654  1.00 46.00  ? 147  LYS A CB  1 
ATOM   1008 C  CG  . LYS A 1 147 ? -0.903  12.288  -2.936  1.00 49.33  ? 147  LYS A CG  1 
ATOM   1009 C  CD  . LYS A 1 147 ? -0.338  13.731  -2.998  1.00 52.03  ? 147  LYS A CD  1 
ATOM   1010 C  CE  . LYS A 1 147 ? 0.707   13.975  -1.925  1.00 56.49  ? 147  LYS A CE  1 
ATOM   1011 N  NZ  . LYS A 1 147 ? 0.552   15.285  -1.230  1.00 58.84  ? 147  LYS A NZ  1 
ATOM   1012 N  N   . VAL A 1 148 ? -1.590  9.095   -2.764  1.00 45.23  ? 148  VAL A N   1 
ATOM   1013 C  CA  . VAL A 1 148 ? -0.880  8.070   -2.004  1.00 43.87  ? 148  VAL A CA  1 
ATOM   1014 C  C   . VAL A 1 148 ? 0.604   8.298   -2.133  1.00 45.08  ? 148  VAL A C   1 
ATOM   1015 O  O   . VAL A 1 148 ? 1.118   8.517   -3.255  1.00 45.01  ? 148  VAL A O   1 
ATOM   1016 C  CB  . VAL A 1 148 ? -1.138  6.711   -2.580  1.00 43.75  ? 148  VAL A CB  1 
ATOM   1017 C  CG1 . VAL A 1 148 ? -0.387  5.655   -1.798  1.00 41.18  ? 148  VAL A CG1 1 
ATOM   1018 C  CG2 . VAL A 1 148 ? -2.619  6.445   -2.519  1.00 44.95  ? 148  VAL A CG2 1 
ATOM   1019 N  N   . THR A 1 149 ? 1.306   8.209   -1.004  1.00 44.54  ? 149  THR A N   1 
ATOM   1020 C  CA  . THR A 1 149 ? 2.754   8.247   -0.984  1.00 43.78  ? 149  THR A CA  1 
ATOM   1021 C  C   . THR A 1 149 ? 3.283   6.936   -0.408  1.00 44.23  ? 149  THR A C   1 
ATOM   1022 O  O   . THR A 1 149 ? 2.846   6.497   0.689   1.00 44.04  ? 149  THR A O   1 
ATOM   1023 C  CB  . THR A 1 149 ? 3.255   9.389   -0.120  1.00 44.33  ? 149  THR A CB  1 
ATOM   1024 O  OG1 . THR A 1 149 ? 2.828   10.654  -0.668  1.00 45.10  ? 149  THR A OG1 1 
ATOM   1025 C  CG2 . THR A 1 149 ? 4.757   9.349   -0.017  1.00 44.40  ? 149  THR A CG2 1 
ATOM   1026 N  N   . VAL A 1 150 ? 4.242   6.318   -1.104  1.00 43.19  ? 150  VAL A N   1 
ATOM   1027 C  CA  . VAL A 1 150 ? 4.851   5.091   -0.587  1.00 41.77  ? 150  VAL A CA  1 
ATOM   1028 C  C   . VAL A 1 150 ? 6.323   5.369   -0.263  1.00 43.47  ? 150  VAL A C   1 
ATOM   1029 O  O   . VAL A 1 150 ? 7.107   5.661   -1.164  1.00 43.60  ? 150  VAL A O   1 
ATOM   1030 C  CB  . VAL A 1 150 ? 4.718   3.980   -1.601  1.00 40.58  ? 150  VAL A CB  1 
ATOM   1031 C  CG1 . VAL A 1 150 ? 5.360   2.681   -1.119  1.00 38.22  ? 150  VAL A CG1 1 
ATOM   1032 C  CG2 . VAL A 1 150 ? 3.270   3.824   -2.013  1.00 37.10  ? 150  VAL A CG2 1 
ATOM   1033 N  N   . ILE A 1 151 ? 6.708   5.316   1.015   1.00 44.71  ? 151  ILE A N   1 
ATOM   1034 C  CA  . ILE A 1 151 ? 8.108   5.466   1.388   1.00 45.82  ? 151  ILE A CA  1 
ATOM   1035 C  C   . ILE A 1 151 ? 8.682   4.059   1.643   1.00 45.61  ? 151  ILE A C   1 
ATOM   1036 O  O   . ILE A 1 151 ? 8.166   3.346   2.474   1.00 47.70  ? 151  ILE A O   1 
ATOM   1037 C  CB  . ILE A 1 151 ? 8.306   6.329   2.640   1.00 46.08  ? 151  ILE A CB  1 
ATOM   1038 C  CG1 . ILE A 1 151 ? 7.553   7.675   2.562   1.00 47.51  ? 151  ILE A CG1 1 
ATOM   1039 C  CG2 . ILE A 1 151 ? 9.797   6.561   2.899   1.00 45.81  ? 151  ILE A CG2 1 
ATOM   1040 C  CD1 . ILE A 1 151 ? 8.154   8.713   1.711   1.00 50.23  ? 151  ILE A CD1 1 
ATOM   1041 N  N   . THR A 1 152 ? 9.717   3.647   0.926   1.00 44.68  ? 152  THR A N   1 
ATOM   1042 C  CA  . THR A 1 152 ? 10.229  2.245   1.014   1.00 44.62  ? 152  THR A CA  1 
ATOM   1043 C  C   . THR A 1 152 ? 11.779  2.230   1.208   1.00 45.83  ? 152  THR A C   1 
ATOM   1044 O  O   . THR A 1 152 ? 12.493  3.134   0.755   1.00 45.15  ? 152  THR A O   1 
ATOM   1045 C  CB  . THR A 1 152 ? 9.828   1.455   -0.236  1.00 43.60  ? 152  THR A CB  1 
ATOM   1046 O  OG1 . THR A 1 152 ? 10.024  0.048   -0.051  1.00 46.63  ? 152  THR A OG1 1 
ATOM   1047 C  CG2 . THR A 1 152 ? 10.599  1.912   -1.438  1.00 42.77  ? 152  THR A CG2 1 
ATOM   1048 N  N   . LYS A 1 153 ? 12.296  1.261   1.955   1.00 48.48  ? 153  LYS A N   1 
ATOM   1049 C  CA  . LYS A 1 153 ? 13.742  1.155   2.135   1.00 48.22  ? 153  LYS A CA  1 
ATOM   1050 C  C   . LYS A 1 153 ? 14.020  -0.296  2.099   1.00 49.36  ? 153  LYS A C   1 
ATOM   1051 O  O   . LYS A 1 153 ? 13.458  -1.009  2.900   1.00 49.34  ? 153  LYS A O   1 
ATOM   1052 C  CB  . LYS A 1 153 ? 14.204  1.709   3.460   1.00 49.12  ? 153  LYS A CB  1 
ATOM   1053 C  CG  . LYS A 1 153 ? 15.740  1.330   3.713   1.00 48.62  ? 153  LYS A CG  1 
ATOM   1054 C  CD  . LYS A 1 153 ? 16.737  2.406   3.133   1.00 49.39  ? 153  LYS A CD  1 
ATOM   1055 C  CE  . LYS A 1 153 ? 18.222  1.958   3.370   1.00 49.35  ? 153  LYS A CE  1 
ATOM   1056 N  NZ  . LYS A 1 153 ? 18.379  0.618   2.689   1.00 48.51  ? 153  LYS A NZ  1 
ATOM   1057 N  N   . HIS A 1 154 ? 14.830  -0.740  1.134   1.00 50.96  ? 154  HIS A N   1 
ATOM   1058 C  CA  . HIS A 1 154 ? 15.226  -2.150  0.951   1.00 53.28  ? 154  HIS A CA  1 
ATOM   1059 C  C   . HIS A 1 154 ? 16.650  -2.399  1.444   1.00 54.83  ? 154  HIS A C   1 
ATOM   1060 O  O   . HIS A 1 154 ? 17.468  -1.492  1.551   1.00 55.61  ? 154  HIS A O   1 
ATOM   1061 C  CB  . HIS A 1 154 ? 15.160  -2.564  -0.529  1.00 52.84  ? 154  HIS A CB  1 
ATOM   1062 C  CG  . HIS A 1 154 ? 15.320  -4.038  -0.763  1.00 52.87  ? 154  HIS A CG  1 
ATOM   1063 N  ND1 . HIS A 1 154 ? 16.521  -4.693  -0.614  1.00 56.29  ? 154  HIS A ND1 1 
ATOM   1064 C  CD2 . HIS A 1 154 ? 14.435  -4.980  -1.174  1.00 56.55  ? 154  HIS A CD2 1 
ATOM   1065 C  CE1 . HIS A 1 154 ? 16.370  -5.979  -0.902  1.00 56.25  ? 154  HIS A CE1 1 
ATOM   1066 N  NE2 . HIS A 1 154 ? 15.114  -6.179  -1.257  1.00 56.94  ? 154  HIS A NE2 1 
ATOM   1067 N  N   . ASN A 1 155 ? 16.959  -3.638  1.745   1.00 56.88  ? 155  ASN A N   1 
ATOM   1068 C  CA  . ASN A 1 155 ? 18.311  -3.907  2.126   1.00 59.50  ? 155  ASN A CA  1 
ATOM   1069 C  C   . ASN A 1 155 ? 19.298  -3.460  1.019   1.00 61.16  ? 155  ASN A C   1 
ATOM   1070 O  O   . ASN A 1 155 ? 20.262  -2.731  1.285   1.00 61.00  ? 155  ASN A O   1 
ATOM   1071 C  CB  . ASN A 1 155 ? 18.465  -5.363  2.550   1.00 58.48  ? 155  ASN A CB  1 
ATOM   1072 C  CG  . ASN A 1 155 ? 18.196  -5.552  4.013   1.00 56.62  ? 155  ASN A CG  1 
ATOM   1073 O  OD1 . ASN A 1 155 ? 18.265  -4.594  4.815   1.00 51.56  ? 155  ASN A OD1 1 
ATOM   1074 N  ND2 . ASN A 1 155 ? 17.860  -6.786  4.386   1.00 54.88  ? 155  ASN A ND2 1 
ATOM   1075 N  N   . ASP A 1 156 ? 19.034  -3.832  -0.231  1.00 63.88  ? 156  ASP A N   1 
ATOM   1076 C  CA  . ASP A 1 156 ? 19.933  -3.397  -1.333  1.00 65.78  ? 156  ASP A CA  1 
ATOM   1077 C  C   . ASP A 1 156 ? 20.281  -1.912  -1.383  1.00 65.39  ? 156  ASP A C   1 
ATOM   1078 O  O   . ASP A 1 156 ? 21.453  -1.560  -1.621  1.00 65.80  ? 156  ASP A O   1 
ATOM   1079 C  CB  . ASP A 1 156 ? 19.386  -3.790  -2.722  1.00 67.25  ? 156  ASP A CB  1 
ATOM   1080 C  CG  . ASP A 1 156 ? 19.469  -5.308  -2.989  1.00 71.66  ? 156  ASP A CG  1 
ATOM   1081 O  OD1 . ASP A 1 156 ? 20.252  -6.034  -2.287  1.00 73.17  ? 156  ASP A OD1 1 
ATOM   1082 O  OD2 . ASP A 1 156 ? 18.717  -5.761  -3.898  1.00 75.52  ? 156  ASP A OD2 1 
ATOM   1083 N  N   . ASP A 1 157 ? 19.281  -1.050  -1.161  1.00 63.52  ? 157  ASP A N   1 
ATOM   1084 C  CA  . ASP A 1 157 ? 19.275  0.259   -1.817  1.00 62.11  ? 157  ASP A CA  1 
ATOM   1085 C  C   . ASP A 1 157 ? 19.060  1.498   -0.944  1.00 60.36  ? 157  ASP A C   1 
ATOM   1086 O  O   . ASP A 1 157 ? 19.048  1.450   0.285   1.00 59.37  ? 157  ASP A O   1 
ATOM   1087 C  CB  . ASP A 1 157 ? 18.227  0.199   -2.952  1.00 62.94  ? 157  ASP A CB  1 
ATOM   1088 C  CG  . ASP A 1 157 ? 18.435  1.263   -4.026  1.00 65.03  ? 157  ASP A CG  1 
ATOM   1089 O  OD1 . ASP A 1 157 ? 19.262  2.183   -3.836  1.00 69.26  ? 157  ASP A OD1 1 
ATOM   1090 O  OD2 . ASP A 1 157 ? 17.735  1.202   -5.063  1.00 67.14  ? 157  ASP A OD2 1 
ATOM   1091 N  N   . GLU A 1 158 ? 18.919  2.625   -1.618  1.00 58.67  ? 158  GLU A N   1 
ATOM   1092 C  CA  . GLU A 1 158 ? 18.552  3.881   -0.998  1.00 58.22  ? 158  GLU A CA  1 
ATOM   1093 C  C   . GLU A 1 158 ? 17.132  3.853   -0.425  1.00 55.53  ? 158  GLU A C   1 
ATOM   1094 O  O   . GLU A 1 158 ? 16.409  2.893   -0.580  1.00 54.34  ? 158  GLU A O   1 
ATOM   1095 C  CB  . GLU A 1 158 ? 18.566  4.962   -2.100  1.00 59.85  ? 158  GLU A CB  1 
ATOM   1096 C  CG  . GLU A 1 158 ? 19.941  5.319   -2.537  1.00 65.71  ? 158  GLU A CG  1 
ATOM   1097 C  CD  . GLU A 1 158 ? 20.803  5.229   -1.351  1.00 70.56  ? 158  GLU A CD  1 
ATOM   1098 O  OE1 . GLU A 1 158 ? 21.387  4.144   -1.118  1.00 72.37  ? 158  GLU A OE1 1 
ATOM   1099 O  OE2 . GLU A 1 158 ? 20.787  6.218   -0.593  1.00 74.29  ? 158  GLU A OE2 1 
ATOM   1100 N  N   . GLN A 1 159 ? 16.706  4.965   0.149   1.00 53.48  ? 159  GLN A N   1 
ATOM   1101 C  CA  . GLN A 1 159 ? 15.327  5.109   0.575   1.00 52.89  ? 159  GLN A CA  1 
ATOM   1102 C  C   . GLN A 1 159 ? 14.587  6.023   -0.399  1.00 51.76  ? 159  GLN A C   1 
ATOM   1103 O  O   . GLN A 1 159 ? 15.004  7.192   -0.589  1.00 50.98  ? 159  GLN A O   1 
ATOM   1104 C  CB  . GLN A 1 159 ? 15.238  5.650   2.012   1.00 51.90  ? 159  GLN A CB  1 
ATOM   1105 C  CG  . GLN A 1 159 ? 13.832  6.168   2.375   1.00 53.82  ? 159  GLN A CG  1 
ATOM   1106 C  CD  . GLN A 1 159 ? 13.612  6.251   3.878   1.00 54.41  ? 159  GLN A CD  1 
ATOM   1107 O  OE1 . GLN A 1 159 ? 13.903  5.312   4.575   1.00 56.52  ? 159  GLN A OE1 1 
ATOM   1108 N  NE2 . GLN A 1 159 ? 13.149  7.389   4.374   1.00 55.63  ? 159  GLN A NE2 1 
ATOM   1109 N  N   . TYR A 1 160 ? 13.494  5.511   -0.994  1.00 50.87  ? 160  TYR A N   1 
ATOM   1110 C  CA  . TYR A 1 160 ? 12.722  6.284   -1.999  1.00 51.01  ? 160  TYR A CA  1 
ATOM   1111 C  C   . TYR A 1 160 ? 11.269  6.558   -1.633  1.00 50.79  ? 160  TYR A C   1 
ATOM   1112 O  O   . TYR A 1 160 ? 10.636  5.763   -0.962  1.00 51.35  ? 160  TYR A O   1 
ATOM   1113 C  CB  . TYR A 1 160 ? 12.722  5.580   -3.341  1.00 51.26  ? 160  TYR A CB  1 
ATOM   1114 C  CG  . TYR A 1 160 ? 14.088  5.223   -3.826  1.00 55.63  ? 160  TYR A CG  1 
ATOM   1115 C  CD1 . TYR A 1 160 ? 14.851  6.136   -4.563  1.00 60.05  ? 160  TYR A CD1 1 
ATOM   1116 C  CD2 . TYR A 1 160 ? 14.620  3.975   -3.565  1.00 59.03  ? 160  TYR A CD2 1 
ATOM   1117 C  CE1 . TYR A 1 160 ? 16.129  5.800   -5.024  1.00 63.03  ? 160  TYR A CE1 1 
ATOM   1118 C  CE2 . TYR A 1 160 ? 15.888  3.626   -4.003  1.00 63.41  ? 160  TYR A CE2 1 
ATOM   1119 C  CZ  . TYR A 1 160 ? 16.631  4.538   -4.735  1.00 65.98  ? 160  TYR A CZ  1 
ATOM   1120 O  OH  . TYR A 1 160 ? 17.888  4.171   -5.144  1.00 70.74  ? 160  TYR A OH  1 
ATOM   1121 N  N   . ALA A 1 161 ? 10.786  7.706   -2.096  1.00 49.38  ? 161  ALA A N   1 
ATOM   1122 C  CA  . ALA A 1 161 ? 9.437   8.147   -2.006  1.00 47.74  ? 161  ALA A CA  1 
ATOM   1123 C  C   . ALA A 1 161 ? 8.796   8.069   -3.420  1.00 47.67  ? 161  ALA A C   1 
ATOM   1124 O  O   . ALA A 1 161 ? 9.245   8.768   -4.380  1.00 46.80  ? 161  ALA A O   1 
ATOM   1125 C  CB  . ALA A 1 161 ? 9.436   9.540   -1.551  1.00 47.09  ? 161  ALA A CB  1 
ATOM   1126 N  N   . TRP A 1 162 ? 7.775   7.210   -3.534  1.00 45.56  ? 162  TRP A N   1 
ATOM   1127 C  CA  . TRP A 1 162 ? 6.890   7.118   -4.701  1.00 44.33  ? 162  TRP A CA  1 
ATOM   1128 C  C   . TRP A 1 162 ? 5.673   7.983   -4.388  1.00 44.35  ? 162  TRP A C   1 
ATOM   1129 O  O   . TRP A 1 162 ? 5.251   8.132   -3.220  1.00 43.37  ? 162  TRP A O   1 
ATOM   1130 C  CB  . TRP A 1 162 ? 6.480   5.664   -4.894  1.00 43.49  ? 162  TRP A CB  1 
ATOM   1131 C  CG  . TRP A 1 162 ? 5.545   5.355   -6.048  1.00 47.17  ? 162  TRP A CG  1 
ATOM   1132 C  CD1 . TRP A 1 162 ? 5.896   4.929   -7.302  1.00 49.44  ? 162  TRP A CD1 1 
ATOM   1133 C  CD2 . TRP A 1 162 ? 4.099   5.373   -6.029  1.00 47.08  ? 162  TRP A CD2 1 
ATOM   1134 N  NE1 . TRP A 1 162 ? 4.770   4.718   -8.068  1.00 49.63  ? 162  TRP A NE1 1 
ATOM   1135 C  CE2 . TRP A 1 162 ? 3.657   4.989   -7.320  1.00 48.92  ? 162  TRP A CE2 1 
ATOM   1136 C  CE3 . TRP A 1 162 ? 3.145   5.689   -5.056  1.00 46.96  ? 162  TRP A CE3 1 
ATOM   1137 C  CZ2 . TRP A 1 162 ? 2.302   4.888   -7.651  1.00 44.58  ? 162  TRP A CZ2 1 
ATOM   1138 C  CZ3 . TRP A 1 162 ? 1.778   5.599   -5.396  1.00 45.39  ? 162  TRP A CZ3 1 
ATOM   1139 C  CH2 . TRP A 1 162 ? 1.389   5.202   -6.677  1.00 47.18  ? 162  TRP A CH2 1 
ATOM   1140 N  N   . GLU A 1 163 ? 5.082   8.566   -5.411  1.00 42.57  ? 163  GLU A N   1 
ATOM   1141 C  CA  . GLU A 1 163 ? 3.929   9.360   -5.139  1.00 41.59  ? 163  GLU A CA  1 
ATOM   1142 C  C   . GLU A 1 163 ? 2.963   9.465   -6.298  1.00 42.06  ? 163  GLU A C   1 
ATOM   1143 O  O   . GLU A 1 163 ? 3.409   9.539   -7.483  1.00 38.83  ? 163  GLU A O   1 
ATOM   1144 C  CB  . GLU A 1 163 ? 4.331   10.772  -4.711  1.00 41.79  ? 163  GLU A CB  1 
ATOM   1145 C  CG  . GLU A 1 163 ? 3.247   11.421  -3.908  0.60 41.94  ? 163  GLU A CG  1 
ATOM   1146 C  CD  . GLU A 1 163 ? 3.698   12.723  -3.300  0.60 46.44  ? 163  GLU A CD  1 
ATOM   1147 O  OE1 . GLU A 1 163 ? 4.332   13.510  -4.026  0.60 45.50  ? 163  GLU A OE1 1 
ATOM   1148 O  OE2 . GLU A 1 163 ? 3.415   12.966  -2.115  0.60 47.22  ? 163  GLU A OE2 1 
ATOM   1149 N  N   . SER A 1 164 ? 1.658   9.528   -5.966  1.00 41.36  ? 164  SER A N   1 
ATOM   1150 C  CA  . SER A 1 164 ? 0.682   9.707   -7.017  1.00 41.94  ? 164  SER A CA  1 
ATOM   1151 C  C   . SER A 1 164 ? -0.721  10.046  -6.594  1.00 42.37  ? 164  SER A C   1 
ATOM   1152 O  O   . SER A 1 164 ? -1.282  9.345   -5.702  1.00 40.38  ? 164  SER A O   1 
ATOM   1153 C  CB  . SER A 1 164 ? 0.557   8.428   -7.809  1.00 41.64  ? 164  SER A CB  1 
ATOM   1154 O  OG  . SER A 1 164 ? -0.448  8.670   -8.788  1.00 46.67  ? 164  SER A OG  1 
ATOM   1155 N  N   . SER A 1 165 ? -1.313  11.017  -7.312  1.00 41.78  ? 165  SER A N   1 
ATOM   1156 C  CA  . SER A 1 165 ? -2.738  11.314  -7.210  1.00 43.46  ? 165  SER A CA  1 
ATOM   1157 C  C   . SER A 1 165 ? -3.400  10.839  -8.454  1.00 44.53  ? 165  SER A C   1 
ATOM   1158 O  O   . SER A 1 165 ? -4.379  11.446  -8.876  1.00 45.60  ? 165  SER A O   1 
ATOM   1159 C  CB  . SER A 1 165 ? -3.001  12.810  -7.213  1.00 42.71  ? 165  SER A CB  1 
ATOM   1160 O  OG  . SER A 1 165 ? -2.012  13.438  -6.449  1.00 45.81  ? 165  SER A OG  1 
ATOM   1161 N  N   . ALA A 1 166 ? -2.881  9.782   -9.054  1.00 45.35  ? 166  ALA A N   1 
ATOM   1162 C  CA  . ALA A 1 166 ? -3.538  9.214   -10.206 1.00 47.73  ? 166  ALA A CA  1 
ATOM   1163 C  C   . ALA A 1 166 ? -3.451  10.210  -11.377 1.00 48.52  ? 166  ALA A C   1 
ATOM   1164 O  O   . ALA A 1 166 ? -2.511  10.992  -11.444 1.00 48.37  ? 166  ALA A O   1 
ATOM   1165 C  CB  . ALA A 1 166 ? -5.021  8.891   -9.887  1.00 47.20  ? 166  ALA A CB  1 
ATOM   1166 N  N   . GLY A 1 167 ? -4.441  10.214  -12.280 1.00 48.01  ? 167  GLY A N   1 
ATOM   1167 C  CA  . GLY A 1 167 ? -4.309  11.081  -13.470 1.00 45.70  ? 167  GLY A CA  1 
ATOM   1168 C  C   . GLY A 1 167 ? -3.276  10.688  -14.518 1.00 44.57  ? 167  GLY A C   1 
ATOM   1169 O  O   . GLY A 1 167 ? -2.959  11.494  -15.333 1.00 44.10  ? 167  GLY A O   1 
ATOM   1170 N  N   . GLY A 1 168 ? -2.805  9.446   -14.527 1.00 44.99  ? 168  GLY A N   1 
ATOM   1171 C  CA  . GLY A 1 168 ? -1.957  8.906   -15.566 1.00 47.22  ? 168  GLY A CA  1 
ATOM   1172 C  C   . GLY A 1 168 ? -0.490  8.669   -15.173 1.00 50.17  ? 168  GLY A C   1 
ATOM   1173 O  O   . GLY A 1 168 ? 0.218   7.775   -15.737 1.00 49.20  ? 168  GLY A O   1 
ATOM   1174 N  N   . SER A 1 169 ? 0.001   9.477   -14.215 1.00 50.62  ? 169  SER A N   1 
ATOM   1175 C  CA  . SER A 1 169 ? 1.445   9.434   -13.877 1.00 49.43  ? 169  SER A CA  1 
ATOM   1176 C  C   . SER A 1 169 ? 1.710   9.330   -12.385 1.00 49.64  ? 169  SER A C   1 
ATOM   1177 O  O   . SER A 1 169 ? 0.838   9.615   -11.553 1.00 49.91  ? 169  SER A O   1 
ATOM   1178 C  CB  . SER A 1 169 ? 2.094   10.691  -14.362 1.00 49.15  ? 169  SER A CB  1 
ATOM   1179 O  OG  . SER A 1 169 ? 1.483   11.759  -13.675 1.00 48.48  ? 169  SER A OG  1 
ATOM   1180 N  N   . PHE A 1 170 ? 2.937   8.931   -12.060 1.00 49.77  ? 170  PHE A N   1 
ATOM   1181 C  CA  . PHE A 1 170 ? 3.463   8.972   -10.701 1.00 48.47  ? 170  PHE A CA  1 
ATOM   1182 C  C   . PHE A 1 170 ? 4.911   9.493   -10.690 1.00 49.02  ? 170  PHE A C   1 
ATOM   1183 O  O   . PHE A 1 170 ? 5.580   9.579   -11.772 1.00 48.46  ? 170  PHE A O   1 
ATOM   1184 C  CB  . PHE A 1 170 ? 3.423   7.589   -10.098 1.00 48.03  ? 170  PHE A CB  1 
ATOM   1185 C  CG  . PHE A 1 170 ? 4.289   6.611   -10.772 1.00 48.31  ? 170  PHE A CG  1 
ATOM   1186 C  CD1 . PHE A 1 170 ? 5.588   6.431   -10.368 1.00 50.51  ? 170  PHE A CD1 1 
ATOM   1187 C  CD2 . PHE A 1 170 ? 3.807   5.825   -11.814 1.00 52.37  ? 170  PHE A CD2 1 
ATOM   1188 C  CE1 . PHE A 1 170 ? 6.405   5.462   -10.997 1.00 49.88  ? 170  PHE A CE1 1 
ATOM   1189 C  CE2 . PHE A 1 170 ? 4.603   4.851   -12.443 1.00 48.85  ? 170  PHE A CE2 1 
ATOM   1190 C  CZ  . PHE A 1 170 ? 5.908   4.685   -12.047 1.00 49.75  ? 170  PHE A CZ  1 
ATOM   1191 N  N   . THR A 1 171 ? 5.409   9.846   -9.506  1.00 48.19  ? 171  THR A N   1 
ATOM   1192 C  CA  . THR A 1 171 ? 6.820   10.276  -9.384  1.00 48.61  ? 171  THR A CA  1 
ATOM   1193 C  C   . THR A 1 171 ? 7.558   9.445   -8.384  1.00 50.62  ? 171  THR A C   1 
ATOM   1194 O  O   . THR A 1 171 ? 6.975   9.023   -7.357  1.00 51.95  ? 171  THR A O   1 
ATOM   1195 C  CB  . THR A 1 171 ? 7.010   11.748  -8.908  1.00 47.76  ? 171  THR A CB  1 
ATOM   1196 O  OG1 . THR A 1 171 ? 6.558   11.875  -7.554  1.00 47.71  ? 171  THR A OG1 1 
ATOM   1197 C  CG2 . THR A 1 171 ? 6.287   12.758  -9.825  1.00 45.08  ? 171  THR A CG2 1 
ATOM   1198 N  N   . VAL A 1 172 ? 8.837   9.209   -8.683  1.00 52.03  ? 172  VAL A N   1 
ATOM   1199 C  CA  . VAL A 1 172 ? 9.821   8.729   -7.718  1.00 52.88  ? 172  VAL A CA  1 
ATOM   1200 C  C   . VAL A 1 172 ? 10.946  9.758   -7.511  1.00 54.35  ? 172  VAL A C   1 
ATOM   1201 O  O   . VAL A 1 172 ? 11.455  10.346  -8.490  1.00 55.31  ? 172  VAL A O   1 
ATOM   1202 C  CB  . VAL A 1 172 ? 10.438  7.456   -8.173  1.00 52.29  ? 172  VAL A CB  1 
ATOM   1203 C  CG1 . VAL A 1 172 ? 11.478  7.065   -7.241  1.00 51.09  ? 172  VAL A CG1 1 
ATOM   1204 C  CG2 . VAL A 1 172 ? 9.408   6.410   -8.230  1.00 53.33  ? 172  VAL A CG2 1 
ATOM   1205 N  N   . ARG A 1 173 ? 11.280  9.996   -6.246  1.00 55.12  ? 173  ARG A N   1 
ATOM   1206 C  CA  . ARG A 1 173 ? 12.429  10.816  -5.804  1.00 56.94  ? 173  ARG A CA  1 
ATOM   1207 C  C   . ARG A 1 173 ? 13.126  10.008  -4.688  1.00 57.30  ? 173  ARG A C   1 
ATOM   1208 O  O   . ARG A 1 173 ? 12.516  9.136   -4.093  1.00 57.95  ? 173  ARG A O   1 
ATOM   1209 C  CB  . ARG A 1 173 ? 11.954  12.152  -5.244  1.00 56.09  ? 173  ARG A CB  1 
ATOM   1210 C  CG  . ARG A 1 173 ? 11.304  12.004  -3.889  1.00 58.18  ? 173  ARG A CG  1 
ATOM   1211 C  CD  . ARG A 1 173 ? 10.651  13.281  -3.469  1.00 60.90  ? 173  ARG A CD  1 
ATOM   1212 N  NE  . ARG A 1 173 ? 9.978   13.912  -4.604  1.00 66.88  ? 173  ARG A NE  1 
ATOM   1213 C  CZ  . ARG A 1 173 ? 9.015   14.843  -4.514  1.00 69.72  ? 173  ARG A CZ  1 
ATOM   1214 N  NH1 . ARG A 1 173 ? 8.553   15.243  -3.330  1.00 70.98  ? 173  ARG A NH1 1 
ATOM   1215 N  NH2 . ARG A 1 173 ? 8.475   15.367  -5.610  1.00 69.61  ? 173  ARG A NH2 1 
ATOM   1216 N  N   . THR A 1 174 ? 14.405  10.232  -4.424  1.00 59.08  ? 174  THR A N   1 
ATOM   1217 C  CA  . THR A 1 174 ? 15.027  9.594   -3.245  1.00 60.12  ? 174  THR A CA  1 
ATOM   1218 C  C   . THR A 1 174 ? 14.506  10.327  -1.969  1.00 60.48  ? 174  THR A C   1 
ATOM   1219 O  O   . THR A 1 174 ? 14.345  11.558  -1.961  1.00 59.52  ? 174  THR A O   1 
ATOM   1220 C  CB  . THR A 1 174 ? 16.596  9.512   -3.333  1.00 60.50  ? 174  THR A CB  1 
ATOM   1221 O  OG1 . THR A 1 174 ? 17.121  10.829  -3.380  1.00 62.23  ? 174  THR A OG1 1 
ATOM   1222 C  CG2 . THR A 1 174 ? 17.068  8.800   -4.585  1.00 58.46  ? 174  THR A CG2 1 
ATOM   1223 N  N   . ASP A 1 175 ? 14.175  9.564   -0.926  1.00 62.04  ? 175  ASP A N   1 
ATOM   1224 C  CA  . ASP A 1 175 ? 13.518  10.147  0.260   1.00 63.94  ? 175  ASP A CA  1 
ATOM   1225 C  C   . ASP A 1 175 ? 14.493  10.889  1.149   1.00 65.60  ? 175  ASP A C   1 
ATOM   1226 O  O   . ASP A 1 175 ? 15.440  10.316  1.681   1.00 65.27  ? 175  ASP A O   1 
ATOM   1227 C  CB  . ASP A 1 175 ? 12.765  9.109   1.097   1.00 63.20  ? 175  ASP A CB  1 
ATOM   1228 C  CG  . ASP A 1 175 ? 11.954  9.755   2.254   1.00 65.37  ? 175  ASP A CG  1 
ATOM   1229 O  OD1 . ASP A 1 175 ? 11.346  10.846  2.080   1.00 64.17  ? 175  ASP A OD1 1 
ATOM   1230 O  OD2 . ASP A 1 175 ? 11.924  9.178   3.362   1.00 66.58  ? 175  ASP A OD2 1 
ATOM   1231 N  N   . THR A 1 176 ? 14.225  12.177  1.321   1.00 68.33  ? 176  THR A N   1 
ATOM   1232 C  CA  . THR A 1 176 ? 15.053  13.039  2.159   1.00 70.98  ? 176  THR A CA  1 
ATOM   1233 C  C   . THR A 1 176 ? 14.492  13.062  3.605   1.00 72.14  ? 176  THR A C   1 
ATOM   1234 O  O   . THR A 1 176 ? 14.870  13.911  4.417   1.00 72.86  ? 176  THR A O   1 
ATOM   1235 C  CB  . THR A 1 176 ? 15.087  14.499  1.565   1.00 71.14  ? 176  THR A CB  1 
ATOM   1236 O  OG1 . THR A 1 176 ? 13.751  15.015  1.516   1.00 72.07  ? 176  THR A OG1 1 
ATOM   1237 C  CG2 . THR A 1 176 ? 15.675  14.526  0.131   1.00 70.06  ? 176  THR A CG2 1 
ATOM   1238 N  N   . GLY A 1 177 ? 13.569  12.151  3.921   1.00 73.37  ? 177  GLY A N   1 
ATOM   1239 C  CA  . GLY A 1 177 ? 12.844  12.222  5.208   1.00 73.65  ? 177  GLY A CA  1 
ATOM   1240 C  C   . GLY A 1 177 ? 13.453  11.351  6.297   1.00 73.94  ? 177  GLY A C   1 
ATOM   1241 O  O   . GLY A 1 177 ? 14.675  11.131  6.342   1.00 74.32  ? 177  GLY A O   1 
ATOM   1242 N  N   . GLU A 1 178 ? 12.589  10.859  7.182   1.00 74.01  ? 178  GLU A N   1 
ATOM   1243 C  CA  . GLU A 1 178 ? 12.991  9.953   8.244   1.00 73.35  ? 178  GLU A CA  1 
ATOM   1244 C  C   . GLU A 1 178 ? 13.634  8.684   7.688   1.00 72.09  ? 178  GLU A C   1 
ATOM   1245 O  O   . GLU A 1 178 ? 12.921  7.787   7.247   1.00 71.72  ? 178  GLU A O   1 
ATOM   1246 C  CB  . GLU A 1 178 ? 11.753  9.551   9.085   1.00 75.00  ? 178  GLU A CB  1 
ATOM   1247 C  CG  . GLU A 1 178 ? 11.966  9.685   10.588  1.00 77.08  ? 178  GLU A CG  1 
ATOM   1248 C  CD  . GLU A 1 178 ? 12.627  11.012  10.845  1.00 82.05  ? 178  GLU A CD  1 
ATOM   1249 O  OE1 . GLU A 1 178 ? 11.961  12.034  10.579  1.00 85.22  ? 178  GLU A OE1 1 
ATOM   1250 O  OE2 . GLU A 1 178 ? 13.824  11.055  11.225  1.00 83.35  ? 178  GLU A OE2 1 
ATOM   1251 N  N   . PRO A 1 179 ? 14.980  8.601   7.693   1.00 70.88  ? 179  PRO A N   1 
ATOM   1252 C  CA  . PRO A 1 179 ? 15.562  7.281   7.474   1.00 69.80  ? 179  PRO A CA  1 
ATOM   1253 C  C   . PRO A 1 179 ? 14.714  6.253   8.210   1.00 68.98  ? 179  PRO A C   1 
ATOM   1254 O  O   . PRO A 1 179 ? 14.113  6.593   9.209   1.00 69.33  ? 179  PRO A O   1 
ATOM   1255 C  CB  . PRO A 1 179 ? 16.930  7.425   8.121   1.00 69.71  ? 179  PRO A CB  1 
ATOM   1256 C  CG  . PRO A 1 179 ? 17.305  8.910   7.795   1.00 70.42  ? 179  PRO A CG  1 
ATOM   1257 C  CD  . PRO A 1 179 ? 16.005  9.670   7.728   1.00 70.92  ? 179  PRO A CD  1 
ATOM   1258 N  N   . MET A 1 180 ? 14.634  5.016   7.747   1.00 68.12  ? 180  MET A N   1 
ATOM   1259 C  CA  . MET A 1 180 ? 13.707  4.094   8.379   1.00 67.92  ? 180  MET A CA  1 
ATOM   1260 C  C   . MET A 1 180 ? 14.051  2.589   8.243   1.00 67.20  ? 180  MET A C   1 
ATOM   1261 O  O   . MET A 1 180 ? 13.252  1.797   7.759   1.00 68.55  ? 180  MET A O   1 
ATOM   1262 C  CB  . MET A 1 180 ? 12.287  4.352   7.842   1.00 68.17  ? 180  MET A CB  1 
ATOM   1263 C  CG  . MET A 1 180 ? 11.916  3.413   6.676   1.00 68.97  ? 180  MET A CG  1 
ATOM   1264 S  SD  . MET A 1 180 ? 10.353  3.721   5.778   1.00 71.62  ? 180  MET A SD  1 
ATOM   1265 C  CE  . MET A 1 180 ? 10.061  2.041   5.178   1.00 69.48  ? 180  MET A CE  1 
ATOM   1266 N  N   . GLY A 1 181 ? 15.215  2.180   8.685   1.00 65.73  ? 181  GLY A N   1 
ATOM   1267 C  CA  . GLY A 1 181 ? 15.484  0.766   8.894   1.00 64.42  ? 181  GLY A CA  1 
ATOM   1268 C  C   . GLY A 1 181 ? 15.329  -0.159  7.699   1.00 63.94  ? 181  GLY A C   1 
ATOM   1269 O  O   . GLY A 1 181 ? 16.324  -0.599  7.078   1.00 63.65  ? 181  GLY A O   1 
ATOM   1270 N  N   . ARG A 1 182 ? 14.074  -0.482  7.404   1.00 61.72  ? 182  ARG A N   1 
ATOM   1271 C  CA  . ARG A 1 182 ? 13.733  -1.365  6.315   1.00 59.79  ? 182  ARG A CA  1 
ATOM   1272 C  C   . ARG A 1 182 ? 12.206  -1.603  6.281   1.00 59.25  ? 182  ARG A C   1 
ATOM   1273 O  O   . ARG A 1 182 ? 11.550  -1.705  7.312   1.00 58.86  ? 182  ARG A O   1 
ATOM   1274 C  CB  . ARG A 1 182 ? 14.442  -2.688  6.452   1.00 59.38  ? 182  ARG A CB  1 
ATOM   1275 C  CG  . ARG A 1 182 ? 14.117  -3.594  5.301   1.00 58.28  ? 182  ARG A CG  1 
ATOM   1276 C  CD  . ARG A 1 182 ? 14.399  -5.018  5.615   1.00 56.76  ? 182  ARG A CD  1 
ATOM   1277 N  NE  . ARG A 1 182 ? 13.516  -5.519  6.663   1.00 58.71  ? 182  ARG A NE  1 
ATOM   1278 C  CZ  . ARG A 1 182 ? 13.854  -5.683  7.939   1.00 56.68  ? 182  ARG A CZ  1 
ATOM   1279 N  NH1 . ARG A 1 182 ? 15.077  -5.391  8.353   1.00 59.16  ? 182  ARG A NH1 1 
ATOM   1280 N  NH2 . ARG A 1 182 ? 12.963  -6.156  8.803   1.00 55.66  ? 182  ARG A NH2 1 
ATOM   1281 N  N   . GLY A 1 183 ? 11.643  -1.700  5.088   1.00 56.91  ? 183  GLY A N   1 
ATOM   1282 C  CA  . GLY A 1 183 ? 10.197  -1.785  4.974   1.00 54.83  ? 183  GLY A CA  1 
ATOM   1283 C  C   . GLY A 1 183 ? 9.562   -0.707  4.124   1.00 52.32  ? 183  GLY A C   1 
ATOM   1284 O  O   . GLY A 1 183 ? 10.225  -0.033  3.326   1.00 50.61  ? 183  GLY A O   1 
ATOM   1285 N  N   . THR A 1 184 ? 8.254   -0.556  4.288   1.00 51.07  ? 184  THR A N   1 
ATOM   1286 C  CA  . THR A 1 184 ? 7.489   0.328   3.400   1.00 49.65  ? 184  THR A CA  1 
ATOM   1287 C  C   . THR A 1 184 ? 6.436   1.091   4.196   1.00 48.73  ? 184  THR A C   1 
ATOM   1288 O  O   . THR A 1 184 ? 5.772   0.502   5.019   1.00 49.81  ? 184  THR A O   1 
ATOM   1289 C  CB  . THR A 1 184 ? 6.834   -0.535  2.320   1.00 50.38  ? 184  THR A CB  1 
ATOM   1290 O  OG1 . THR A 1 184 ? 7.842   -1.329  1.693   1.00 47.76  ? 184  THR A OG1 1 
ATOM   1291 C  CG2 . THR A 1 184 ? 6.062   0.312   1.269   1.00 49.65  ? 184  THR A CG2 1 
ATOM   1292 N  N   . LYS A 1 185 ? 6.307   2.393   3.990   1.00 47.04  ? 185  LYS A N   1 
ATOM   1293 C  CA  . LYS A 1 185 ? 5.244   3.176   4.614   1.00 45.95  ? 185  LYS A CA  1 
ATOM   1294 C  C   . LYS A 1 185 ? 4.293   3.598   3.465   1.00 44.72  ? 185  LYS A C   1 
ATOM   1295 O  O   . LYS A 1 185 ? 4.759   4.277   2.504   1.00 43.82  ? 185  LYS A O   1 
ATOM   1296 C  CB  . LYS A 1 185 ? 5.777   4.506   5.236   1.00 45.19  ? 185  LYS A CB  1 
ATOM   1297 C  CG  . LYS A 1 185 ? 6.306   4.506   6.725   1.00 51.17  ? 185  LYS A CG  1 
ATOM   1298 C  CD  . LYS A 1 185 ? 7.390   5.569   7.003   1.00 53.70  ? 185  LYS A CD  1 
ATOM   1299 C  CE  . LYS A 1 185 ? 6.787   6.888   7.321   1.00 59.02  ? 185  LYS A CE  1 
ATOM   1300 N  NZ  . LYS A 1 185 ? 7.627   7.796   8.190   1.00 63.83  ? 185  LYS A NZ  1 
ATOM   1301 N  N   . VAL A 1 186 ? 2.992   3.266   3.569   1.00 42.38  ? 186  VAL A N   1 
ATOM   1302 C  CA  . VAL A 1 186 ? 1.964   3.837   2.671   1.00 38.29  ? 186  VAL A CA  1 
ATOM   1303 C  C   . VAL A 1 186 ? 1.167   4.928   3.370   1.00 38.97  ? 186  VAL A C   1 
ATOM   1304 O  O   . VAL A 1 186 ? 0.429   4.663   4.333   1.00 37.21  ? 186  VAL A O   1 
ATOM   1305 C  CB  . VAL A 1 186 ? 1.055   2.765   2.240   1.00 39.45  ? 186  VAL A CB  1 
ATOM   1306 C  CG1 . VAL A 1 186 ? -0.010  3.298   1.118   1.00 36.27  ? 186  VAL A CG1 1 
ATOM   1307 C  CG2 . VAL A 1 186 ? 1.887   1.632   1.702   1.00 35.65  ? 186  VAL A CG2 1 
ATOM   1308 N  N   . ILE A 1 187 ? 1.354   6.164   2.933   1.00 37.65  ? 187  ILE A N   1 
ATOM   1309 C  CA  . ILE A 1 187 ? 0.631   7.290   3.467   1.00 37.04  ? 187  ILE A CA  1 
ATOM   1310 C  C   . ILE A 1 187 ? -0.611  7.675   2.585   1.00 38.84  ? 187  ILE A C   1 
ATOM   1311 O  O   . ILE A 1 187 ? -0.487  8.141   1.409   1.00 38.31  ? 187  ILE A O   1 
ATOM   1312 C  CB  . ILE A 1 187 ? 1.563   8.473   3.493   1.00 36.51  ? 187  ILE A CB  1 
ATOM   1313 C  CG1 . ILE A 1 187 ? 2.916   8.106   4.148   1.00 39.27  ? 187  ILE A CG1 1 
ATOM   1314 C  CG2 . ILE A 1 187 ? 0.917   9.673   4.228   1.00 35.58  ? 187  ILE A CG2 1 
ATOM   1315 C  CD1 . ILE A 1 187 ? 3.883   9.361   4.164   1.00 37.48  ? 187  ILE A CD1 1 
ATOM   1316 N  N   . LEU A 1 188 ? -1.795  7.506   3.133   1.00 38.25  ? 188  LEU A N   1 
ATOM   1317 C  CA  . LEU A 1 188 ? -2.980  7.890   2.406   1.00 38.66  ? 188  LEU A CA  1 
ATOM   1318 C  C   . LEU A 1 188 ? -3.381  9.282   2.790   1.00 39.70  ? 188  LEU A C   1 
ATOM   1319 O  O   . LEU A 1 188 ? -3.752  9.532   3.946   1.00 39.46  ? 188  LEU A O   1 
ATOM   1320 C  CB  . LEU A 1 188 ? -4.094  6.935   2.778   1.00 37.53  ? 188  LEU A CB  1 
ATOM   1321 C  CG  . LEU A 1 188 ? -3.665  5.479   2.582   1.00 36.97  ? 188  LEU A CG  1 
ATOM   1322 C  CD1 . LEU A 1 188 ? -4.631  4.556   3.218   1.00 35.20  ? 188  LEU A CD1 1 
ATOM   1323 C  CD2 . LEU A 1 188 ? -3.455  5.098   1.119   1.00 33.15  ? 188  LEU A CD2 1 
ATOM   1324 N  N   . HIS A 1 189 ? -3.350  10.172  1.816   1.00 40.30  ? 189  HIS A N   1 
ATOM   1325 C  CA  . HIS A 1 189 ? -3.968  11.467  1.953   1.00 42.24  ? 189  HIS A CA  1 
ATOM   1326 C  C   . HIS A 1 189 ? -5.472  11.358  1.605   1.00 42.69  ? 189  HIS A C   1 
ATOM   1327 O  O   . HIS A 1 189 ? -5.870  11.244  0.416   1.00 42.14  ? 189  HIS A O   1 
ATOM   1328 C  CB  . HIS A 1 189 ? -3.244  12.474  1.059   1.00 43.57  ? 189  HIS A CB  1 
ATOM   1329 C  CG  . HIS A 1 189 ? -1.765  12.520  1.301   1.00 46.46  ? 189  HIS A CG  1 
ATOM   1330 N  ND1 . HIS A 1 189 ? -1.160  13.515  2.038   1.00 48.63  ? 189  HIS A ND1 1 
ATOM   1331 C  CD2 . HIS A 1 189 ? -0.763  11.676  0.916   1.00 50.58  ? 189  HIS A CD2 1 
ATOM   1332 C  CE1 . HIS A 1 189 ? 0.154   13.311  2.064   1.00 47.93  ? 189  HIS A CE1 1 
ATOM   1333 N  NE2 . HIS A 1 189 ? 0.420   12.185  1.413   1.00 49.72  ? 189  HIS A NE2 1 
ATOM   1334 N  N   . LEU A 1 190 ? -6.302  11.360  2.659   1.00 42.88  ? 190  LEU A N   1 
ATOM   1335 C  CA  . LEU A 1 190 ? -7.665  10.891  2.544   1.00 44.17  ? 190  LEU A CA  1 
ATOM   1336 C  C   . LEU A 1 190 ? -8.529  11.854  1.743   1.00 45.21  ? 190  LEU A C   1 
ATOM   1337 O  O   . LEU A 1 190 ? -8.350  13.070  1.783   1.00 44.52  ? 190  LEU A O   1 
ATOM   1338 C  CB  . LEU A 1 190 ? -8.290  10.639  3.919   1.00 43.52  ? 190  LEU A CB  1 
ATOM   1339 C  CG  . LEU A 1 190 ? -7.715  9.447   4.712   1.00 43.23  ? 190  LEU A CG  1 
ATOM   1340 C  CD1 . LEU A 1 190 ? -8.401  9.140   6.057   1.00 37.84  ? 190  LEU A CD1 1 
ATOM   1341 C  CD2 . LEU A 1 190 ? -7.770  8.242   3.851   1.00 44.46  ? 190  LEU A CD2 1 
ATOM   1342 N  N   . LYS A 1 191 ? -9.473  11.317  0.997   1.00 46.48  ? 191  LYS A N   1 
ATOM   1343 C  CA  . LYS A 1 191 ? -10.440 12.232  0.449   1.00 48.99  ? 191  LYS A CA  1 
ATOM   1344 C  C   . LYS A 1 191 ? -11.140 12.922  1.608   1.00 48.36  ? 191  LYS A C   1 
ATOM   1345 O  O   . LYS A 1 191 ? -11.272 12.379  2.701   1.00 49.52  ? 191  LYS A O   1 
ATOM   1346 C  CB  . LYS A 1 191 ? -11.400 11.566  -0.552  1.00 49.14  ? 191  LYS A CB  1 
ATOM   1347 C  CG  . LYS A 1 191 ? -10.712 11.318  -1.907  1.00 52.71  ? 191  LYS A CG  1 
ATOM   1348 C  CD  . LYS A 1 191 ? -11.682 10.795  -2.981  1.00 54.42  ? 191  LYS A CD  1 
ATOM   1349 C  CE  . LYS A 1 191 ? -11.817 9.311   -2.859  1.00 57.98  ? 191  LYS A CE  1 
ATOM   1350 N  NZ  . LYS A 1 191 ? -12.183 8.659   -4.168  1.00 58.36  ? 191  LYS A NZ  1 
ATOM   1351 N  N   . GLU A 1 192 ? -11.580 14.124  1.342   1.00 49.09  ? 192  GLU A N   1 
ATOM   1352 C  CA  . GLU A 1 192 ? -12.167 14.992  2.322   1.00 50.92  ? 192  GLU A CA  1 
ATOM   1353 C  C   . GLU A 1 192 ? -13.415 14.503  3.016   1.00 50.44  ? 192  GLU A C   1 
ATOM   1354 O  O   . GLU A 1 192 ? -13.751 14.969  4.098   1.00 50.31  ? 192  GLU A O   1 
ATOM   1355 C  CB  . GLU A 1 192 ? -12.494 16.313  1.663   1.00 51.88  ? 192  GLU A CB  1 
ATOM   1356 C  CG  . GLU A 1 192 ? -13.218 17.216  2.588   1.00 57.92  ? 192  GLU A CG  1 
ATOM   1357 C  CD  . GLU A 1 192 ? -13.049 18.632  2.133   1.00 67.31  ? 192  GLU A CD  1 
ATOM   1358 O  OE1 . GLU A 1 192 ? -12.790 18.789  0.905   1.00 71.35  ? 192  GLU A OE1 1 
ATOM   1359 O  OE2 . GLU A 1 192 ? -13.160 19.561  2.978   1.00 68.54  ? 192  GLU A OE2 1 
ATOM   1360 N  N   . ASP A 1 193 ? -14.122 13.571  2.401   1.00 50.47  ? 193  ASP A N   1 
ATOM   1361 C  CA  . ASP A 1 193 ? -15.278 12.997  3.042   1.00 50.00  ? 193  ASP A CA  1 
ATOM   1362 C  C   . ASP A 1 193 ? -15.001 11.545  3.457   1.00 48.89  ? 193  ASP A C   1 
ATOM   1363 O  O   . ASP A 1 193 ? -15.947 10.786  3.618   1.00 46.84  ? 193  ASP A O   1 
ATOM   1364 C  CB  . ASP A 1 193 ? -16.405 12.971  2.023   1.00 50.82  ? 193  ASP A CB  1 
ATOM   1365 C  CG  . ASP A 1 193 ? -16.016 12.170  0.855   1.00 55.50  ? 193  ASP A CG  1 
ATOM   1366 O  OD1 . ASP A 1 193 ? -14.875 12.355  0.396   1.00 60.06  ? 193  ASP A OD1 1 
ATOM   1367 O  OD2 . ASP A 1 193 ? -16.762 11.295  0.437   1.00 61.65  ? 193  ASP A OD2 1 
ATOM   1368 N  N   . GLN A 1 194 ? -13.731 11.137  3.610   1.00 47.08  ? 194  GLN A N   1 
ATOM   1369 C  CA  . GLN A 1 194 ? -13.429 9.762   4.073   1.00 45.55  ? 194  GLN A CA  1 
ATOM   1370 C  C   . GLN A 1 194 ? -12.614 9.806   5.370   1.00 45.71  ? 194  GLN A C   1 
ATOM   1371 O  O   . GLN A 1 194 ? -11.862 8.883   5.704   1.00 44.58  ? 194  GLN A O   1 
ATOM   1372 C  CB  . GLN A 1 194 ? -12.671 8.979   2.999   1.00 45.83  ? 194  GLN A CB  1 
ATOM   1373 C  CG  . GLN A 1 194 ? -13.395 8.985   1.622   1.00 44.58  ? 194  GLN A CG  1 
ATOM   1374 C  CD  . GLN A 1 194 ? -14.591 8.080   1.602   1.00 49.38  ? 194  GLN A CD  1 
ATOM   1375 O  OE1 . GLN A 1 194 ? -15.526 8.306   0.824   1.00 55.19  ? 194  GLN A OE1 1 
ATOM   1376 N  NE2 . GLN A 1 194 ? -14.590 7.042   2.436   1.00 47.21  ? 194  GLN A NE2 1 
ATOM   1377 N  N   . THR A 1 195 ? -12.761 10.901  6.091   1.00 45.96  ? 195  THR A N   1 
ATOM   1378 C  CA  . THR A 1 195 ? -12.068 11.044  7.341   1.00 48.01  ? 195  THR A CA  1 
ATOM   1379 C  C   . THR A 1 195 ? -12.582 10.111  8.412   1.00 47.23  ? 195  THR A C   1 
ATOM   1380 O  O   . THR A 1 195 ? -11.939 9.962   9.451   1.00 47.85  ? 195  THR A O   1 
ATOM   1381 C  CB  . THR A 1 195 ? -12.032 12.489  7.834   1.00 48.72  ? 195  THR A CB  1 
ATOM   1382 O  OG1 . THR A 1 195 ? -13.360 12.893  8.172   1.00 52.28  ? 195  THR A OG1 1 
ATOM   1383 C  CG2 . THR A 1 195 ? -11.527 13.405  6.749   1.00 47.23  ? 195  THR A CG2 1 
ATOM   1384 N  N   . GLU A 1 196 ? -13.658 9.379   8.154   1.00 47.00  ? 196  GLU A N   1 
ATOM   1385 C  CA  . GLU A 1 196 ? -13.979 8.304   9.098   1.00 45.87  ? 196  GLU A CA  1 
ATOM   1386 C  C   . GLU A 1 196 ? -12.841 7.306   9.273   1.00 45.54  ? 196  GLU A C   1 
ATOM   1387 O  O   . GLU A 1 196 ? -12.829 6.545   10.242  1.00 46.66  ? 196  GLU A O   1 
ATOM   1388 C  CB  . GLU A 1 196 ? -15.225 7.544   8.711   1.00 45.61  ? 196  GLU A CB  1 
ATOM   1389 C  CG  . GLU A 1 196 ? -14.983 6.487   7.614   1.00 46.98  ? 196  GLU A CG  1 
ATOM   1390 C  CD  . GLU A 1 196 ? -16.294 6.023   6.959   1.00 46.00  ? 196  GLU A CD  1 
ATOM   1391 O  OE1 . GLU A 1 196 ? -16.962 6.898   6.416   1.00 41.93  ? 196  GLU A OE1 1 
ATOM   1392 O  OE2 . GLU A 1 196 ? -16.648 4.803   6.966   1.00 49.19  ? 196  GLU A OE2 1 
ATOM   1393 N  N   . TYR A 1 197 ? -11.878 7.262   8.364   1.00 45.59  ? 197  TYR A N   1 
ATOM   1394 C  CA  . TYR A 1 197 ? -10.877 6.165   8.465   1.00 44.87  ? 197  TYR A CA  1 
ATOM   1395 C  C   . TYR A 1 197 ? -9.709  6.593   9.331   1.00 44.91  ? 197  TYR A C   1 
ATOM   1396 O  O   . TYR A 1 197 ? -8.769  5.830   9.518   1.00 44.59  ? 197  TYR A O   1 
ATOM   1397 C  CB  . TYR A 1 197 ? -10.412 5.658   7.092   1.00 45.22  ? 197  TYR A CB  1 
ATOM   1398 C  CG  . TYR A 1 197 ? -11.544 5.032   6.342   1.00 42.59  ? 197  TYR A CG  1 
ATOM   1399 C  CD1 . TYR A 1 197 ? -11.962 3.753   6.679   1.00 45.81  ? 197  TYR A CD1 1 
ATOM   1400 C  CD2 . TYR A 1 197 ? -12.223 5.727   5.364   1.00 44.36  ? 197  TYR A CD2 1 
ATOM   1401 C  CE1 . TYR A 1 197 ? -13.029 3.148   6.070   1.00 43.57  ? 197  TYR A CE1 1 
ATOM   1402 C  CE2 . TYR A 1 197 ? -13.351 5.128   4.689   1.00 40.52  ? 197  TYR A CE2 1 
ATOM   1403 C  CZ  . TYR A 1 197 ? -13.735 3.843   5.074   1.00 44.25  ? 197  TYR A CZ  1 
ATOM   1404 O  OH  . TYR A 1 197 ? -14.813 3.189   4.500   1.00 41.03  ? 197  TYR A OH  1 
ATOM   1405 N  N   . LEU A 1 198 ? -9.798  7.836   9.801   1.00 44.33  ? 198  LEU A N   1 
ATOM   1406 C  CA  . LEU A 1 198 ? -8.926  8.416   10.774  1.00 47.10  ? 198  LEU A CA  1 
ATOM   1407 C  C   . LEU A 1 198 ? -9.307  8.070   12.193  1.00 48.04  ? 198  LEU A C   1 
ATOM   1408 O  O   . LEU A 1 198 ? -8.571  8.404   13.098  1.00 49.33  ? 198  LEU A O   1 
ATOM   1409 C  CB  . LEU A 1 198 ? -8.966  9.957   10.692  1.00 47.13  ? 198  LEU A CB  1 
ATOM   1410 C  CG  . LEU A 1 198 ? -8.283  10.437  9.422   1.00 45.68  ? 198  LEU A CG  1 
ATOM   1411 C  CD1 . LEU A 1 198 ? -8.118  11.893  9.477   1.00 39.67  ? 198  LEU A CD1 1 
ATOM   1412 C  CD2 . LEU A 1 198 ? -6.935  9.713   9.328   1.00 44.21  ? 198  LEU A CD2 1 
ATOM   1413 N  N   . GLU A 1 199 ? -10.463 7.437   12.397  1.00 49.63  ? 199  GLU A N   1 
ATOM   1414 C  CA  . GLU A 1 199 ? -11.056 7.325   13.723  1.00 49.80  ? 199  GLU A CA  1 
ATOM   1415 C  C   . GLU A 1 199 ? -10.815 5.974   14.348  1.00 49.32  ? 199  GLU A C   1 
ATOM   1416 O  O   . GLU A 1 199 ? -11.000 4.926   13.719  1.00 47.36  ? 199  GLU A O   1 
ATOM   1417 C  CB  . GLU A 1 199 ? -12.562 7.515   13.608  1.00 52.15  ? 199  GLU A CB  1 
ATOM   1418 C  CG  . GLU A 1 199 ? -13.067 8.938   13.660  1.00 56.68  ? 199  GLU A CG  1 
ATOM   1419 C  CD  . GLU A 1 199 ? -14.593 8.925   13.667  1.00 66.91  ? 199  GLU A CD  1 
ATOM   1420 O  OE1 . GLU A 1 199 ? -15.210 7.814   13.596  1.00 70.50  ? 199  GLU A OE1 1 
ATOM   1421 O  OE2 . GLU A 1 199 ? -15.183 10.023  13.734  1.00 71.60  ? 199  GLU A OE2 1 
ATOM   1422 N  N   . GLU A 1 200 ? -10.445 6.015   15.622  1.00 49.51  ? 200  GLU A N   1 
ATOM   1423 C  CA  . GLU A 1 200 ? -9.931  4.880   16.327  1.00 50.32  ? 200  GLU A CA  1 
ATOM   1424 C  C   . GLU A 1 200 ? -10.896 3.680   16.284  1.00 49.05  ? 200  GLU A C   1 
ATOM   1425 O  O   . GLU A 1 200 ? -10.488 2.524   15.964  1.00 50.11  ? 200  GLU A O   1 
ATOM   1426 C  CB  . GLU A 1 200 ? -9.535  5.300   17.787  1.00 51.52  ? 200  GLU A CB  1 
ATOM   1427 C  CG  . GLU A 1 200 ? -8.748  4.222   18.601  1.00 54.81  ? 200  GLU A CG  1 
ATOM   1428 C  CD  . GLU A 1 200 ? -8.550  4.579   20.109  1.00 62.86  ? 200  GLU A CD  1 
ATOM   1429 O  OE1 . GLU A 1 200 ? -8.785  5.746   20.517  1.00 65.38  ? 200  GLU A OE1 1 
ATOM   1430 O  OE2 . GLU A 1 200 ? -8.145  3.685   20.892  1.00 65.47  ? 200  GLU A OE2 1 
ATOM   1431 N  N   . ARG A 1 201 ? -12.163 3.909   16.594  1.00 48.78  ? 201  ARG A N   1 
ATOM   1432 C  CA  . ARG A 1 201 ? -13.153 2.777   16.586  1.00 49.17  ? 201  ARG A CA  1 
ATOM   1433 C  C   . ARG A 1 201 ? -13.449 2.270   15.196  1.00 46.32  ? 201  ARG A C   1 
ATOM   1434 O  O   . ARG A 1 201 ? -13.605 1.038   14.962  1.00 45.84  ? 201  ARG A O   1 
ATOM   1435 C  CB  . ARG A 1 201 ? -14.486 3.126   17.304  1.00 50.98  ? 201  ARG A CB  1 
ATOM   1436 C  CG  . ARG A 1 201 ? -15.137 4.433   16.884  1.00 55.68  ? 201  ARG A CG  1 
ATOM   1437 C  CD  . ARG A 1 201 ? -16.228 4.800   17.920  1.00 62.58  ? 201  ARG A CD  1 
ATOM   1438 N  NE  . ARG A 1 201 ? -16.940 6.015   17.552  1.00 66.13  ? 201  ARG A NE  1 
ATOM   1439 C  CZ  . ARG A 1 201 ? -18.040 6.439   18.176  1.00 71.85  ? 201  ARG A CZ  1 
ATOM   1440 N  NH1 . ARG A 1 201 ? -18.546 5.739   19.208  1.00 71.53  ? 201  ARG A NH1 1 
ATOM   1441 N  NH2 . ARG A 1 201 ? -18.634 7.560   17.767  1.00 71.54  ? 201  ARG A NH2 1 
ATOM   1442 N  N   . ARG A 1 202 ? -13.460 3.209   14.261  1.00 44.97  ? 202  ARG A N   1 
ATOM   1443 C  CA  . ARG A 1 202 ? -13.672 2.860   12.821  1.00 43.53  ? 202  ARG A CA  1 
ATOM   1444 C  C   . ARG A 1 202 ? -12.544 1.963   12.424  1.00 42.31  ? 202  ARG A C   1 
ATOM   1445 O  O   . ARG A 1 202 ? -12.759 0.839   11.927  1.00 41.76  ? 202  ARG A O   1 
ATOM   1446 C  CB  . ARG A 1 202 ? -13.793 4.104   11.937  1.00 43.28  ? 202  ARG A CB  1 
ATOM   1447 C  CG  . ARG A 1 202 ? -14.090 3.787   10.423  1.00 41.84  ? 202  ARG A CG  1 
ATOM   1448 C  CD  . ARG A 1 202 ? -15.254 2.852   10.302  1.00 44.18  ? 202  ARG A CD  1 
ATOM   1449 N  NE  . ARG A 1 202 ? -15.728 2.777   8.927   1.00 42.19  ? 202  ARG A NE  1 
ATOM   1450 C  CZ  . ARG A 1 202 ? -16.136 1.655   8.349   1.00 44.11  ? 202  ARG A CZ  1 
ATOM   1451 N  NH1 . ARG A 1 202 ? -16.148 0.516   9.031   1.00 43.06  ? 202  ARG A NH1 1 
ATOM   1452 N  NH2 . ARG A 1 202 ? -16.497 1.658   7.059   1.00 41.15  ? 202  ARG A NH2 1 
ATOM   1453 N  N   . ILE A 1 203 ? -11.319 2.355   12.745  1.00 42.05  ? 203  ILE A N   1 
ATOM   1454 C  CA  . ILE A 1 203 ? -10.160 1.473   12.324  1.00 40.24  ? 203  ILE A CA  1 
ATOM   1455 C  C   . ILE A 1 203 ? -10.135 0.109   12.974  1.00 41.65  ? 203  ILE A C   1 
ATOM   1456 O  O   . ILE A 1 203 ? -9.936  -0.916  12.282  1.00 41.85  ? 203  ILE A O   1 
ATOM   1457 C  CB  . ILE A 1 203 ? -8.761  2.146   12.442  1.00 39.88  ? 203  ILE A CB  1 
ATOM   1458 C  CG1 . ILE A 1 203 ? -8.726  3.466   11.673  0.50 34.26  ? 203  ILE A CG1 1 
ATOM   1459 C  CG2 . ILE A 1 203 ? -7.695  1.197   11.888  0.50 36.91  ? 203  ILE A CG2 1 
ATOM   1460 C  CD1 . ILE A 1 203 ? -7.654  4.380   12.088  0.50 33.49  ? 203  ILE A CD1 1 
ATOM   1461 N  N   . LYS A 1 204 ? -10.318 0.080   14.302  1.00 43.54  ? 204  LYS A N   1 
ATOM   1462 C  CA  . LYS A 1 204 ? -10.446 -1.170  15.057  1.00 44.30  ? 204  LYS A CA  1 
ATOM   1463 C  C   . LYS A 1 204 ? -11.519 -2.040  14.540  1.00 44.02  ? 204  LYS A C   1 
ATOM   1464 O  O   . LYS A 1 204 ? -11.308 -3.239  14.355  1.00 45.36  ? 204  LYS A O   1 
ATOM   1465 C  CB  . LYS A 1 204 ? -10.817 -0.885  16.524  1.00 45.71  ? 204  LYS A CB  1 
ATOM   1466 C  CG  . LYS A 1 204 ? -9.638  -0.841  17.514  1.00 47.07  ? 204  LYS A CG  1 
ATOM   1467 C  CD  . LYS A 1 204 ? -10.058 -0.045  18.727  1.00 51.83  ? 204  LYS A CD  1 
ATOM   1468 C  CE  . LYS A 1 204 ? -9.344  -0.531  19.960  1.00 56.96  ? 204  LYS A CE  1 
ATOM   1469 N  NZ  . LYS A 1 204 ? -9.742  0.312   21.132  1.00 59.71  ? 204  LYS A NZ  1 
ATOM   1470 N  N   . GLU A 1 205 ? -12.714 -1.494  14.352  1.00 44.46  ? 205  GLU A N   1 
ATOM   1471 C  CA  . GLU A 1 205 ? -13.750 -2.323  13.684  1.00 45.23  ? 205  GLU A CA  1 
ATOM   1472 C  C   . GLU A 1 205 ? -13.252 -2.928  12.367  1.00 45.27  ? 205  GLU A C   1 
ATOM   1473 O  O   . GLU A 1 205 ? -13.484 -4.125  12.057  1.00 45.96  ? 205  GLU A O   1 
ATOM   1474 C  CB  . GLU A 1 205 ? -15.114 -1.559  13.514  1.00 44.33  ? 205  GLU A CB  1 
ATOM   1475 C  CG  . GLU A 1 205 ? -16.124 -2.143  12.455  1.00 47.83  ? 205  GLU A CG  1 
ATOM   1476 C  CD  . GLU A 1 205 ? -17.194 -1.096  12.125  1.00 51.63  ? 205  GLU A CD  1 
ATOM   1477 O  OE1 . GLU A 1 205 ? -16.800 -0.011  11.645  1.00 48.83  ? 205  GLU A OE1 1 
ATOM   1478 O  OE2 . GLU A 1 205 ? -18.397 -1.297  12.430  1.00 52.28  ? 205  GLU A OE2 1 
ATOM   1479 N  N   . ILE A 1 206 ? -12.585 -2.139  11.531  1.00 45.09  ? 206  ILE A N   1 
ATOM   1480 C  CA  . ILE A 1 206 ? -12.212 -2.763  10.246  1.00 45.79  ? 206  ILE A CA  1 
ATOM   1481 C  C   . ILE A 1 206 ? -11.094 -3.833  10.349  1.00 46.87  ? 206  ILE A C   1 
ATOM   1482 O  O   . ILE A 1 206 ? -11.109 -4.878  9.695   1.00 45.01  ? 206  ILE A O   1 
ATOM   1483 C  CB  . ILE A 1 206 ? -11.841 -1.682  9.249   1.00 46.75  ? 206  ILE A CB  1 
ATOM   1484 C  CG1 . ILE A 1 206 ? -13.075 -0.780  9.041   1.00 46.07  ? 206  ILE A CG1 1 
ATOM   1485 C  CG2 . ILE A 1 206 ? -11.331 -2.354  7.968   1.00 45.44  ? 206  ILE A CG2 1 
ATOM   1486 C  CD1 . ILE A 1 206 ? -12.761 0.542   8.458   1.00 49.18  ? 206  ILE A CD1 1 
ATOM   1487 N  N   . VAL A 1 207 ? -10.090 -3.543  11.158  1.00 48.57  ? 207  VAL A N   1 
ATOM   1488 C  CA  . VAL A 1 207 ? -9.040  -4.518  11.415  1.00 51.43  ? 207  VAL A CA  1 
ATOM   1489 C  C   . VAL A 1 207 ? -9.699  -5.747  11.982  1.00 53.14  ? 207  VAL A C   1 
ATOM   1490 O  O   . VAL A 1 207 ? -9.431  -6.870  11.569  1.00 53.84  ? 207  VAL A O   1 
ATOM   1491 C  CB  . VAL A 1 207 ? -8.075  -3.967  12.502  1.00 50.92  ? 207  VAL A CB  1 
ATOM   1492 C  CG1 . VAL A 1 207 ? -7.130  -5.038  12.994  1.00 51.88  ? 207  VAL A CG1 1 
ATOM   1493 C  CG2 . VAL A 1 207 ? -7.336  -2.765  11.970  1.00 50.60  ? 207  VAL A CG2 1 
ATOM   1494 N  N   . LYS A 1 208 ? -10.584 -5.539  12.958  1.00 55.73  ? 208  LYS A N   1 
ATOM   1495 C  CA  . LYS A 1 208 ? -11.069 -6.689  13.677  1.00 58.18  ? 208  LYS A CA  1 
ATOM   1496 C  C   . LYS A 1 208 ? -11.928 -7.481  12.735  1.00 58.72  ? 208  LYS A C   1 
ATOM   1497 O  O   . LYS A 1 208 ? -11.937 -8.690  12.776  1.00 59.91  ? 208  LYS A O   1 
ATOM   1498 C  CB  . LYS A 1 208 ? -11.826 -6.312  14.947  1.00 59.04  ? 208  LYS A CB  1 
ATOM   1499 C  CG  . LYS A 1 208 ? -12.798 -7.394  15.353  1.00 60.43  ? 208  LYS A CG  1 
ATOM   1500 C  CD  . LYS A 1 208 ? -13.486 -7.073  16.665  1.00 65.23  ? 208  LYS A CD  1 
ATOM   1501 C  CE  . LYS A 1 208 ? -14.454 -8.232  17.006  1.00 67.97  ? 208  LYS A CE  1 
ATOM   1502 N  NZ  . LYS A 1 208 ? -14.642 -8.376  18.461  1.00 69.76  ? 208  LYS A NZ  1 
ATOM   1503 N  N   . LYS A 1 209 ? -12.613 -6.797  11.838  1.00 59.83  ? 209  LYS A N   1 
ATOM   1504 C  CA  . LYS A 1 209 ? -13.463 -7.503  10.891  1.00 61.26  ? 209  LYS A CA  1 
ATOM   1505 C  C   . LYS A 1 209 ? -12.751 -8.242  9.778   1.00 61.65  ? 209  LYS A C   1 
ATOM   1506 O  O   . LYS A 1 209 ? -13.172 -9.309  9.416   1.00 62.06  ? 209  LYS A O   1 
ATOM   1507 C  CB  . LYS A 1 209 ? -14.493 -6.570  10.248  1.00 61.00  ? 209  LYS A CB  1 
ATOM   1508 C  CG  . LYS A 1 209 ? -15.336 -7.365  9.294   1.00 63.64  ? 209  LYS A CG  1 
ATOM   1509 C  CD  . LYS A 1 209 ? -15.911 -6.550  8.158   1.00 67.03  ? 209  LYS A CD  1 
ATOM   1510 C  CE  . LYS A 1 209 ? -17.039 -5.627  8.629   1.00 68.37  ? 209  LYS A CE  1 
ATOM   1511 N  NZ  . LYS A 1 209 ? -18.133 -5.539  7.574   1.00 67.53  ? 209  LYS A NZ  1 
ATOM   1512 N  N   . HIS A 1 210 ? -11.707 -7.656  9.184   1.00 63.61  ? 210  HIS A N   1 
ATOM   1513 C  CA  . HIS A 1 210 ? -11.146 -8.189  7.904   1.00 64.25  ? 210  HIS A CA  1 
ATOM   1514 C  C   . HIS A 1 210 ? -9.731  -8.741  8.048   1.00 65.11  ? 210  HIS A C   1 
ATOM   1515 O  O   . HIS A 1 210 ? -9.207  -9.384  7.151   1.00 65.86  ? 210  HIS A O   1 
ATOM   1516 C  CB  . HIS A 1 210 ? -11.130 -7.120  6.778   1.00 64.15  ? 210  HIS A CB  1 
ATOM   1517 C  CG  . HIS A 1 210 ? -12.486 -6.705  6.284   1.00 63.72  ? 210  HIS A CG  1 
ATOM   1518 N  ND1 . HIS A 1 210 ? -13.368 -7.581  5.682   1.00 63.00  ? 210  HIS A ND1 1 
ATOM   1519 C  CD2 . HIS A 1 210 ? -13.103 -5.498  6.292   1.00 64.86  ? 210  HIS A CD2 1 
ATOM   1520 C  CE1 . HIS A 1 210 ? -14.474 -6.940  5.356   1.00 62.46  ? 210  HIS A CE1 1 
ATOM   1521 N  NE2 . HIS A 1 210 ? -14.340 -5.672  5.711   1.00 65.87  ? 210  HIS A NE2 1 
ATOM   1522 N  N   . SER A 1 211 ? -9.101  -8.484  9.175   1.00 65.98  ? 211  SER A N   1 
ATOM   1523 C  CA  . SER A 1 211 ? -7.703  -8.803  9.285   1.00 66.29  ? 211  SER A CA  1 
ATOM   1524 C  C   . SER A 1 211 ? -7.431  -9.361  10.670  1.00 67.03  ? 211  SER A C   1 
ATOM   1525 O  O   . SER A 1 211 ? -6.354  -9.142  11.232  1.00 67.30  ? 211  SER A O   1 
ATOM   1526 C  CB  . SER A 1 211 ? -6.875  -7.519  9.066   1.00 66.03  ? 211  SER A CB  1 
ATOM   1527 O  OG  . SER A 1 211 ? -7.079  -6.929  7.797   1.00 64.36  ? 211  SER A OG  1 
ATOM   1528 N  N   . GLN A 1 212 ? -8.391  -10.066 11.258  1.00 68.09  ? 212  GLN A N   1 
ATOM   1529 C  CA  . GLN A 1 212 ? -8.165  -10.475 12.658  1.00 68.76  ? 212  GLN A CA  1 
ATOM   1530 C  C   . GLN A 1 212 ? -7.139  -11.577 12.822  1.00 68.15  ? 212  GLN A C   1 
ATOM   1531 O  O   . GLN A 1 212 ? -6.700  -11.858 13.936  1.00 68.51  ? 212  GLN A O   1 
ATOM   1532 C  CB  . GLN A 1 212 ? -9.467  -10.818 13.414  1.00 69.25  ? 212  GLN A CB  1 
ATOM   1533 C  CG  . GLN A 1 212 ? -10.532 -11.520 12.597  1.00 71.58  ? 212  GLN A CG  1 
ATOM   1534 C  CD  . GLN A 1 212 ? -11.182 -12.640 13.404  1.00 75.32  ? 212  GLN A CD  1 
ATOM   1535 O  OE1 . GLN A 1 212 ? -12.061 -12.414 14.241  1.00 73.70  ? 212  GLN A OE1 1 
ATOM   1536 N  NE2 . GLN A 1 212 ? -10.731 -13.862 13.158  1.00 77.80  ? 212  GLN A NE2 1 
ATOM   1537 N  N   . PHE A 1 213 ? -6.742  -12.211 11.738  1.00 67.42  ? 213  PHE A N   1 
ATOM   1538 C  CA  . PHE A 1 213 ? -5.849  -13.318 11.917  1.00 67.28  ? 213  PHE A CA  1 
ATOM   1539 C  C   . PHE A 1 213 ? -4.553  -13.175 11.151  1.00 67.10  ? 213  PHE A C   1 
ATOM   1540 O  O   . PHE A 1 213 ? -4.013  -14.148 10.660  1.00 67.50  ? 213  PHE A O   1 
ATOM   1541 C  CB  . PHE A 1 213 ? -6.551  -14.609 11.566  1.00 67.52  ? 213  PHE A CB  1 
ATOM   1542 C  CG  . PHE A 1 213 ? -7.698  -14.947 12.493  1.00 68.71  ? 213  PHE A CG  1 
ATOM   1543 C  CD1 . PHE A 1 213 ? -7.498  -14.989 13.892  1.00 67.62  ? 213  PHE A CD1 1 
ATOM   1544 C  CD2 . PHE A 1 213 ? -8.966  -15.229 11.978  1.00 68.26  ? 213  PHE A CD2 1 
ATOM   1545 C  CE1 . PHE A 1 213 ? -8.535  -15.301 14.766  1.00 67.90  ? 213  PHE A CE1 1 
ATOM   1546 C  CE2 . PHE A 1 213 ? -10.017 -15.550 12.839  1.00 68.57  ? 213  PHE A CE2 1 
ATOM   1547 C  CZ  . PHE A 1 213 ? -9.802  -15.586 14.253  1.00 69.95  ? 213  PHE A CZ  1 
ATOM   1548 N  N   . ILE A 1 214 ? -4.043  -11.949 11.095  1.00 66.05  ? 214  ILE A N   1 
ATOM   1549 C  CA  . ILE A 1 214 ? -2.773  -11.669 10.439  1.00 64.78  ? 214  ILE A CA  1 
ATOM   1550 C  C   . ILE A 1 214 ? -1.653  -12.184 11.319  1.00 64.54  ? 214  ILE A C   1 
ATOM   1551 O  O   . ILE A 1 214 ? -1.740  -12.078 12.532  1.00 64.66  ? 214  ILE A O   1 
ATOM   1552 C  CB  . ILE A 1 214 ? -2.622  -10.157 10.190  1.00 64.35  ? 214  ILE A CB  1 
ATOM   1553 C  CG1 . ILE A 1 214 ? -3.313  -9.806  8.887   1.00 62.68  ? 214  ILE A CG1 1 
ATOM   1554 C  CG2 . ILE A 1 214 ? -1.167  -9.747  10.088  1.00 64.49  ? 214  ILE A CG2 1 
ATOM   1555 C  CD1 . ILE A 1 214 ? -2.939  -10.739 7.803   1.00 58.80  ? 214  ILE A CD1 1 
ATOM   1556 N  N   . GLY A 1 215 ? -0.607  -12.750 10.717  1.00 64.06  ? 215  GLY A N   1 
ATOM   1557 C  CA  . GLY A 1 215 ? 0.528   -13.282 11.500  1.00 63.12  ? 215  GLY A CA  1 
ATOM   1558 C  C   . GLY A 1 215 ? 1.448   -12.349 12.305  1.00 62.41  ? 215  GLY A C   1 
ATOM   1559 O  O   . GLY A 1 215 ? 2.391   -12.821 12.922  1.00 63.47  ? 215  GLY A O   1 
ATOM   1560 N  N   . TYR A 1 216 ? 1.196   -11.043 12.350  1.00 60.52  ? 216  TYR A N   1 
ATOM   1561 C  CA  . TYR A 1 216 ? 2.207   -10.127 12.873  1.00 59.11  ? 216  TYR A CA  1 
ATOM   1562 C  C   . TYR A 1 216 ? 1.521   -9.103  13.707  1.00 57.85  ? 216  TYR A C   1 
ATOM   1563 O  O   . TYR A 1 216 ? 0.397   -8.751  13.441  1.00 58.84  ? 216  TYR A O   1 
ATOM   1564 C  CB  . TYR A 1 216 ? 2.931   -9.392  11.719  1.00 58.91  ? 216  TYR A CB  1 
ATOM   1565 C  CG  . TYR A 1 216 ? 3.632   -10.321 10.753  1.00 58.78  ? 216  TYR A CG  1 
ATOM   1566 C  CD1 . TYR A 1 216 ? 4.918   -10.789 11.016  1.00 59.04  ? 216  TYR A CD1 1 
ATOM   1567 C  CD2 . TYR A 1 216 ? 3.007   -10.754 9.591   1.00 58.19  ? 216  TYR A CD2 1 
ATOM   1568 C  CE1 . TYR A 1 216 ? 5.558   -11.661 10.157  1.00 56.25  ? 216  TYR A CE1 1 
ATOM   1569 C  CE2 . TYR A 1 216 ? 3.632   -11.599 8.723   1.00 58.25  ? 216  TYR A CE2 1 
ATOM   1570 C  CZ  . TYR A 1 216 ? 4.919   -12.067 9.011   1.00 59.79  ? 216  TYR A CZ  1 
ATOM   1571 O  OH  . TYR A 1 216 ? 5.555   -12.946 8.132   1.00 59.38  ? 216  TYR A OH  1 
ATOM   1572 N  N   . PRO A 1 217 ? 2.184   -8.592  14.728  1.00 57.05  ? 217  PRO A N   1 
ATOM   1573 C  CA  . PRO A 1 217 ? 1.373   -7.603  15.461  1.00 55.26  ? 217  PRO A CA  1 
ATOM   1574 C  C   . PRO A 1 217 ? 0.989   -6.373  14.639  1.00 54.19  ? 217  PRO A C   1 
ATOM   1575 O  O   . PRO A 1 217 ? 1.769   -5.861  13.812  1.00 54.87  ? 217  PRO A O   1 
ATOM   1576 C  CB  . PRO A 1 217 ? 2.250   -7.211  16.651  1.00 55.45  ? 217  PRO A CB  1 
ATOM   1577 C  CG  . PRO A 1 217 ? 3.456   -8.111  16.601  1.00 56.28  ? 217  PRO A CG  1 
ATOM   1578 C  CD  . PRO A 1 217 ? 3.293   -9.137  15.526  1.00 56.61  ? 217  PRO A CD  1 
ATOM   1579 N  N   . ILE A 1 218 ? -0.209  -5.876  14.891  1.00 51.70  ? 218  ILE A N   1 
ATOM   1580 C  CA  . ILE A 1 218 ? -0.683  -4.699  14.271  1.00 49.54  ? 218  ILE A CA  1 
ATOM   1581 C  C   . ILE A 1 218 ? -0.960  -3.711  15.336  1.00 49.12  ? 218  ILE A C   1 
ATOM   1582 O  O   . ILE A 1 218 ? -1.815  -3.931  16.153  1.00 48.70  ? 218  ILE A O   1 
ATOM   1583 C  CB  . ILE A 1 218 ? -2.008  -4.962  13.583  1.00 49.30  ? 218  ILE A CB  1 
ATOM   1584 C  CG1 . ILE A 1 218 ? -1.813  -5.985  12.465  1.00 49.56  ? 218  ILE A CG1 1 
ATOM   1585 C  CG2 . ILE A 1 218 ? -2.543  -3.697  13.036  1.00 46.62  ? 218  ILE A CG2 1 
ATOM   1586 C  CD1 . ILE A 1 218 ? -3.029  -6.119  11.619  1.00 49.25  ? 218  ILE A CD1 1 
ATOM   1587 N  N   . THR A 1 219 ? -0.309  -2.570  15.332  1.00 47.83  ? 219  THR A N   1 
ATOM   1588 C  CA  . THR A 1 219 ? -0.512  -1.701  16.465  1.00 46.57  ? 219  THR A CA  1 
ATOM   1589 C  C   . THR A 1 219 ? -1.227  -0.545  15.891  1.00 46.58  ? 219  THR A C   1 
ATOM   1590 O  O   . THR A 1 219 ? -0.742  0.041   14.903  1.00 47.00  ? 219  THR A O   1 
ATOM   1591 C  CB  . THR A 1 219 ? 0.837   -1.209  16.972  1.00 46.70  ? 219  THR A CB  1 
ATOM   1592 O  OG1 . THR A 1 219 ? 1.565   -2.344  17.377  1.00 47.75  ? 219  THR A OG1 1 
ATOM   1593 C  CG2 . THR A 1 219 ? 0.732   -0.242  18.147  1.00 46.77  ? 219  THR A CG2 1 
ATOM   1594 N  N   . LEU A 1 220 ? -2.379  -0.208  16.462  1.00 44.89  ? 220  LEU A N   1 
ATOM   1595 C  CA  . LEU A 1 220 ? -3.049  0.985   16.040  1.00 45.14  ? 220  LEU A CA  1 
ATOM   1596 C  C   . LEU A 1 220 ? -2.628  2.093   16.996  1.00 45.55  ? 220  LEU A C   1 
ATOM   1597 O  O   . LEU A 1 220 ? -2.909  1.995   18.167  1.00 44.49  ? 220  LEU A O   1 
ATOM   1598 C  CB  . LEU A 1 220 ? -4.606  0.804   16.013  1.00 44.02  ? 220  LEU A CB  1 
ATOM   1599 C  CG  . LEU A 1 220 ? -5.360  2.141   16.004  1.00 43.05  ? 220  LEU A CG  1 
ATOM   1600 C  CD1 . LEU A 1 220 ? -5.009  2.872   14.684  1.00 44.13  ? 220  LEU A CD1 1 
ATOM   1601 C  CD2 . LEU A 1 220 ? -6.931  1.962   16.173  1.00 41.57  ? 220  LEU A CD2 1 
ATOM   1602 N  N   . PHE A 1 221 ? -1.952  3.129   16.495  1.00 46.64  ? 221  PHE A N   1 
ATOM   1603 C  CA  . PHE A 1 221 ? -1.507  4.267   17.334  1.00 46.97  ? 221  PHE A CA  1 
ATOM   1604 C  C   . PHE A 1 221 ? -2.650  5.194   17.718  1.00 48.92  ? 221  PHE A C   1 
ATOM   1605 O  O   . PHE A 1 221 ? -3.594  5.385   16.904  1.00 49.43  ? 221  PHE A O   1 
ATOM   1606 C  CB  . PHE A 1 221 ? -0.526  5.176   16.559  1.00 45.38  ? 221  PHE A CB  1 
ATOM   1607 C  CG  . PHE A 1 221 ? 0.849   4.590   16.350  1.00 43.37  ? 221  PHE A CG  1 
ATOM   1608 C  CD1 . PHE A 1 221 ? 1.056   3.224   16.363  1.00 41.26  ? 221  PHE A CD1 1 
ATOM   1609 C  CD2 . PHE A 1 221 ? 1.914   5.414   16.099  1.00 41.43  ? 221  PHE A CD2 1 
ATOM   1610 C  CE1 . PHE A 1 221 ? 2.314   2.702   16.166  1.00 40.51  ? 221  PHE A CE1 1 
ATOM   1611 C  CE2 . PHE A 1 221 ? 3.158   4.886   15.837  1.00 39.33  ? 221  PHE A CE2 1 
ATOM   1612 C  CZ  . PHE A 1 221 ? 3.360   3.538   15.898  1.00 37.57  ? 221  PHE A CZ  1 
ATOM   1613 N  N   . VAL A 1 222 ? -2.522  5.877   18.872  1.00 49.08  ? 222  VAL A N   1 
ATOM   1614 C  CA  . VAL A 1 222 ? -3.479  6.907   19.228  1.00 50.32  ? 222  VAL A CA  1 
ATOM   1615 C  C   . VAL A 1 222 ? -2.912  8.255   19.066  1.00 50.68  ? 222  VAL A C   1 
ATOM   1616 O  O   . VAL A 1 222 ? -1.710  8.421   19.032  1.00 51.29  ? 222  VAL A O   1 
ATOM   1617 C  CB  . VAL A 1 222 ? -4.044  6.671   20.617  1.00 51.21  ? 222  VAL A CB  1 
ATOM   1618 C  CG1 . VAL A 1 222 ? -4.847  5.362   20.550  1.00 53.10  ? 222  VAL A CG1 1 
ATOM   1619 C  CG2 . VAL A 1 222 ? -2.945  6.477   21.631  1.00 49.88  ? 222  VAL A CG2 1 
ATOM   1620 N  N   . GLU A 1 223 ? -3.751  9.247   18.922  1.00 52.11  ? 223  GLU A N   1 
ATOM   1621 C  CA  . GLU A 1 223 ? -3.239  10.509  18.461  1.00 54.14  ? 223  GLU A CA  1 
ATOM   1622 C  C   . GLU A 1 223 ? -3.130  11.412  19.608  1.00 55.81  ? 223  GLU A C   1 
ATOM   1623 O  O   . GLU A 1 223 ? -3.904  11.110  20.519  1.00 56.75  ? 223  GLU A O   1 
ATOM   1624 C  CB  . GLU A 1 223 ? -4.215  11.125  17.490  1.00 54.38  ? 223  GLU A CB  1 
ATOM   1625 C  CG  . GLU A 1 223 ? -4.461  10.289  16.247  1.00 56.41  ? 223  GLU A CG  1 
ATOM   1626 C  CD  . GLU A 1 223 ? -5.232  11.101  15.211  1.00 57.80  ? 223  GLU A CD  1 
ATOM   1627 O  OE1 . GLU A 1 223 ? -4.845  12.263  14.976  1.00 55.38  ? 223  GLU A OE1 1 
ATOM   1628 O  OE2 . GLU A 1 223 ? -6.267  10.611  14.694  1.00 60.42  ? 223  GLU A OE2 1 
ATOM   1629 N  N   . LYS A 1 224 ? -2.348  12.414  19.633  1.00 57.77  ? 224  LYS A N   1 
HETATM 1630 CL CL2 . ZZ6 B 2 .   ? 3.458   -0.427  -2.105  1.00 47.99  ? 1224 ZZ6 A CL2 1 
HETATM 1631 C  C21 . ZZ6 B 2 .   ? 2.884   -1.775  -3.143  1.00 43.25  ? 1224 ZZ6 A C21 1 
HETATM 1632 C  C20 . ZZ6 B 2 .   ? 2.102   -1.520  -4.261  1.00 41.15  ? 1224 ZZ6 A C20 1 
HETATM 1633 C  C19 . ZZ6 B 2 .   ? 1.663   -2.573  -5.058  1.00 40.85  ? 1224 ZZ6 A C19 1 
HETATM 1634 CL CL1 . ZZ6 B 2 .   ? 0.653   -2.229  -6.501  1.00 49.98  ? 1224 ZZ6 A CL1 1 
HETATM 1635 C  C18 . ZZ6 B 2 .   ? 1.997   -3.890  -4.750  1.00 41.34  ? 1224 ZZ6 A C18 1 
HETATM 1636 C  C17 . ZZ6 B 2 .   ? 2.778   -4.197  -3.640  1.00 42.78  ? 1224 ZZ6 A C17 1 
HETATM 1637 C  C11 . ZZ6 B 2 .   ? 3.239   -3.178  -2.816  1.00 45.89  ? 1224 ZZ6 A C11 1 
HETATM 1638 C  C2  . ZZ6 B 2 .   ? 4.075   -3.490  -1.627  1.00 49.38  ? 1224 ZZ6 A C2  1 
HETATM 1639 N  N1  . ZZ6 B 2 .   ? 3.697   -3.078  -0.393  1.00 48.85  ? 1224 ZZ6 A N1  1 
HETATM 1640 C  C4  . ZZ6 B 2 .   ? 4.427   -3.338  0.724   1.00 49.46  ? 1224 ZZ6 A C4  1 
HETATM 1641 N  N10 . ZZ6 B 2 .   ? 3.978   -2.889  1.920   1.00 45.90  ? 1224 ZZ6 A N10 1 
HETATM 1642 N  N3  . ZZ6 B 2 .   ? 5.592   -4.032  0.681   1.00 50.35  ? 1224 ZZ6 A N3  1 
HETATM 1643 C  C5  . ZZ6 B 2 .   ? 6.053   -4.486  -0.506  1.00 53.49  ? 1224 ZZ6 A C5  1 
HETATM 1644 S  S9  . ZZ6 B 2 .   ? 7.456   -5.359  -0.788  1.00 56.66  ? 1224 ZZ6 A S9  1 
HETATM 1645 C  C6  . ZZ6 B 2 .   ? 5.336   -4.257  -1.771  1.00 53.56  ? 1224 ZZ6 A C6  1 
HETATM 1646 C  C7  . ZZ6 B 2 .   ? 6.009   -4.831  -2.922  1.00 53.80  ? 1224 ZZ6 A C7  1 
HETATM 1647 C  C8  . ZZ6 B 2 .   ? 7.193   -5.468  -2.510  1.00 57.49  ? 1224 ZZ6 A C8  1 
HETATM 1648 C  C12 . ZZ6 B 2 .   ? 8.252   -6.206  -3.254  1.00 57.20  ? 1224 ZZ6 A C12 1 
HETATM 1649 O  O13 . ZZ6 B 2 .   ? 8.085   -6.463  -4.434  1.00 60.36  ? 1224 ZZ6 A O13 1 
HETATM 1650 N  N14 . ZZ6 B 2 .   ? 9.356   -6.568  -2.607  1.00 58.90  ? 1224 ZZ6 A N14 1 
HETATM 1651 C  C15 . ZZ6 B 2 .   ? 10.350  -7.425  -3.224  1.00 62.92  ? 1224 ZZ6 A C15 1 
HETATM 1652 C  C16 . ZZ6 B 2 .   ? 11.649  -6.693  -3.478  1.00 60.35  ? 1224 ZZ6 A C16 1 
HETATM 1653 O  O   . HOH C 3 .   ? 17.524  12.091  -12.101 1.00 75.08  ? 2001 HOH A O   1 
HETATM 1654 O  O   . HOH C 3 .   ? 5.363   2.966   -17.486 1.00 58.37  ? 2002 HOH A O   1 
HETATM 1655 O  O   . HOH C 3 .   ? 1.024   1.630   -21.480 1.00 54.21  ? 2003 HOH A O   1 
HETATM 1656 O  O   . HOH C 3 .   ? -14.916 2.468   -6.775  1.00 52.76  ? 2004 HOH A O   1 
HETATM 1657 O  O   . HOH C 3 .   ? -22.002 5.517   -1.018  1.00 62.48  ? 2005 HOH A O   1 
HETATM 1658 O  O   . HOH C 3 .   ? -3.697  -6.407  -1.311  1.00 65.88  ? 2006 HOH A O   1 
HETATM 1659 O  O   . HOH C 3 .   ? 0.914   -1.774  2.683   1.00 44.18  ? 2007 HOH A O   1 
HETATM 1660 O  O   . HOH C 3 .   ? 0.639   -1.980  0.008   1.00 45.50  ? 2008 HOH A O   1 
HETATM 1661 O  O   . HOH C 3 .   ? 10.167  -13.459 -2.495  0.50 110.03 ? 2009 HOH A O   1 
HETATM 1662 O  O   . HOH C 3 .   ? 6.321   -10.092 14.881  1.00 81.31  ? 2010 HOH A O   1 
HETATM 1663 O  O   . HOH C 3 .   ? 5.577   -0.546  16.789  1.00 63.79  ? 2011 HOH A O   1 
HETATM 1664 O  O   . HOH C 3 .   ? 6.288   2.972   12.463  1.00 60.77  ? 2012 HOH A O   1 
HETATM 1665 O  O   . HOH C 3 .   ? -0.730  9.347   9.255   1.00 45.81  ? 2013 HOH A O   1 
HETATM 1666 O  O   . HOH C 3 .   ? -0.756  10.330  14.733  1.00 53.12  ? 2014 HOH A O   1 
HETATM 1667 O  O   . HOH C 3 .   ? 1.563   10.893  12.982  1.00 55.97  ? 2015 HOH A O   1 
HETATM 1668 O  O   . HOH C 3 .   ? 3.070   -0.207  4.236   1.00 40.22  ? 2016 HOH A O   1 
HETATM 1669 O  O   . HOH C 3 .   ? -1.260  -4.723  -4.271  1.00 44.50  ? 2017 HOH A O   1 
HETATM 1670 O  O   . HOH C 3 .   ? 15.381  0.204   -1.037  1.00 55.80  ? 2018 HOH A O   1 
HETATM 1671 O  O   . HOH C 3 .   ? 22.265  -4.219  -0.087  1.00 75.30  ? 2019 HOH A O   1 
HETATM 1672 O  O   . HOH C 3 .   ? 21.347  -0.065  -0.435  1.00 79.72  ? 2020 HOH A O   1 
HETATM 1673 O  O   . HOH C 3 .   ? 8.143   10.861  -5.330  1.00 39.90  ? 2021 HOH A O   1 
HETATM 1674 O  O   . HOH C 3 .   ? -2.988  15.677  -5.055  1.00 68.49  ? 2022 HOH A O   1 
HETATM 1675 O  O   . HOH C 3 .   ? -3.464  7.155   -12.715 1.00 46.59  ? 2023 HOH A O   1 
HETATM 1676 O  O   . HOH C 3 .   ? 2.785   12.251  -10.723 1.00 56.39  ? 2024 HOH A O   1 
HETATM 1677 O  O   . HOH C 3 .   ? 4.378   12.875  -6.793  1.00 61.33  ? 2025 HOH A O   1 
HETATM 1678 O  O   . HOH C 3 .   ? 7.529   -3.603  2.539   1.00 46.57  ? 2026 HOH A O   1 
HETATM 1679 O  O   . HOH C 3 .   ? -18.401 7.189   0.517   1.00 74.23  ? 2027 HOH A O   1 
HETATM 1680 O  O   . HOH C 3 .   ? -11.891 11.772  11.522  1.00 49.54  ? 2028 HOH A O   1 
HETATM 1681 O  O   . HOH C 3 .   ? -16.052 4.952   3.085   1.00 51.82  ? 2029 HOH A O   1 
HETATM 1682 O  O   . HOH C 3 .   ? -9.623  -4.350  15.654  1.00 69.98  ? 2030 HOH A O   1 
HETATM 1683 O  O   . HOH C 3 .   ? -5.628  -7.465  6.179   1.00 60.61  ? 2031 HOH A O   1 
# 
loop_
_pdbx_poly_seq_scheme.asym_id 
_pdbx_poly_seq_scheme.entity_id 
_pdbx_poly_seq_scheme.seq_id 
_pdbx_poly_seq_scheme.mon_id 
_pdbx_poly_seq_scheme.ndb_seq_num 
_pdbx_poly_seq_scheme.pdb_seq_num 
_pdbx_poly_seq_scheme.auth_seq_num 
_pdbx_poly_seq_scheme.pdb_mon_id 
_pdbx_poly_seq_scheme.auth_mon_id 
_pdbx_poly_seq_scheme.pdb_strand_id 
_pdbx_poly_seq_scheme.pdb_ins_code 
_pdbx_poly_seq_scheme.hetero 
A 1 1   MET 1   1   ?   ?   ?   A . n 
A 1 2   PRO 2   2   ?   ?   ?   A . n 
A 1 3   GLU 3   3   ?   ?   ?   A . n 
A 1 4   GLU 4   4   ?   ?   ?   A . n 
A 1 5   THR 5   5   ?   ?   ?   A . n 
A 1 6   GLN 6   6   ?   ?   ?   A . n 
A 1 7   THR 7   7   ?   ?   ?   A . n 
A 1 8   GLN 8   8   ?   ?   ?   A . n 
A 1 9   ASP 9   9   ?   ?   ?   A . n 
A 1 10  GLN 10  10  ?   ?   ?   A . n 
A 1 11  PRO 11  11  ?   ?   ?   A . n 
A 1 12  MET 12  12  ?   ?   ?   A . n 
A 1 13  GLU 13  13  ?   ?   ?   A . n 
A 1 14  GLU 14  14  ?   ?   ?   A . n 
A 1 15  GLU 15  15  ?   ?   ?   A . n 
A 1 16  GLU 16  16  16  GLU GLU A . n 
A 1 17  VAL 17  17  17  VAL VAL A . n 
A 1 18  GLU 18  18  18  GLU GLU A . n 
A 1 19  THR 19  19  19  THR THR A . n 
A 1 20  PHE 20  20  20  PHE PHE A . n 
A 1 21  ALA 21  21  21  ALA ALA A . n 
A 1 22  PHE 22  22  22  PHE PHE A . n 
A 1 23  GLN 23  23  23  GLN GLN A . n 
A 1 24  ALA 24  24  24  ALA ALA A . n 
A 1 25  GLU 25  25  25  GLU GLU A . n 
A 1 26  ILE 26  26  26  ILE ILE A . n 
A 1 27  ALA 27  27  27  ALA ALA A . n 
A 1 28  GLN 28  28  28  GLN GLN A . n 
A 1 29  LEU 29  29  29  LEU LEU A . n 
A 1 30  MET 30  30  30  MET MET A . n 
A 1 31  SER 31  31  31  SER SER A . n 
A 1 32  LEU 32  32  32  LEU LEU A . n 
A 1 33  ILE 33  33  33  ILE ILE A . n 
A 1 34  ILE 34  34  34  ILE ILE A . n 
A 1 35  ASN 35  35  35  ASN ASN A . n 
A 1 36  THR 36  36  36  THR THR A . n 
A 1 37  PHE 37  37  37  PHE PHE A . n 
A 1 38  TYR 38  38  38  TYR TYR A . n 
A 1 39  SER 39  39  39  SER SER A . n 
A 1 40  ASN 40  40  40  ASN ASN A . n 
A 1 41  LYS 41  41  41  LYS LYS A . n 
A 1 42  GLU 42  42  42  GLU GLU A . n 
A 1 43  ILE 43  43  43  ILE ILE A . n 
A 1 44  PHE 44  44  44  PHE PHE A . n 
A 1 45  LEU 45  45  45  LEU LEU A . n 
A 1 46  ARG 46  46  46  ARG ARG A . n 
A 1 47  GLU 47  47  47  GLU GLU A . n 
A 1 48  LEU 48  48  48  LEU LEU A . n 
A 1 49  ILE 49  49  49  ILE ILE A . n 
A 1 50  SER 50  50  50  SER SER A . n 
A 1 51  ASN 51  51  51  ASN ASN A . n 
A 1 52  SER 52  52  52  SER SER A . n 
A 1 53  SER 53  53  53  SER SER A . n 
A 1 54  ASP 54  54  54  ASP ASP A . n 
A 1 55  ALA 55  55  55  ALA ALA A . n 
A 1 56  LEU 56  56  56  LEU LEU A . n 
A 1 57  ASP 57  57  57  ASP ASP A . n 
A 1 58  LYS 58  58  58  LYS LYS A . n 
A 1 59  ILE 59  59  59  ILE ILE A . n 
A 1 60  ARG 60  60  60  ARG ARG A . n 
A 1 61  TYR 61  61  61  TYR TYR A . n 
A 1 62  GLU 62  62  62  GLU GLU A . n 
A 1 63  SER 63  63  63  SER SER A . n 
A 1 64  LEU 64  64  64  LEU LEU A . n 
A 1 65  THR 65  65  65  THR THR A . n 
A 1 66  ASP 66  66  66  ASP ASP A . n 
A 1 67  PRO 67  67  67  PRO PRO A . n 
A 1 68  SER 68  68  68  SER SER A . n 
A 1 69  LYS 69  69  69  LYS LYS A . n 
A 1 70  LEU 70  70  70  LEU LEU A . n 
A 1 71  ASP 71  71  71  ASP ASP A . n 
A 1 72  SER 72  72  72  SER SER A . n 
A 1 73  GLY 73  73  73  GLY GLY A . n 
A 1 74  LYS 74  74  74  LYS LYS A . n 
A 1 75  GLU 75  75  75  GLU GLU A . n 
A 1 76  LEU 76  76  76  LEU LEU A . n 
A 1 77  HIS 77  77  77  HIS HIS A . n 
A 1 78  ILE 78  78  78  ILE ILE A . n 
A 1 79  ASN 79  79  79  ASN ASN A . n 
A 1 80  LEU 80  80  80  LEU LEU A . n 
A 1 81  ILE 81  81  81  ILE ILE A . n 
A 1 82  PRO 82  82  82  PRO PRO A . n 
A 1 83  ASN 83  83  83  ASN ASN A . n 
A 1 84  LYS 84  84  84  LYS LYS A . n 
A 1 85  GLN 85  85  85  GLN GLN A . n 
A 1 86  ASP 86  86  86  ASP ASP A . n 
A 1 87  ARG 87  87  87  ARG ARG A . n 
A 1 88  THR 88  88  88  THR THR A . n 
A 1 89  LEU 89  89  89  LEU LEU A . n 
A 1 90  THR 90  90  90  THR THR A . n 
A 1 91  ILE 91  91  91  ILE ILE A . n 
A 1 92  VAL 92  92  92  VAL VAL A . n 
A 1 93  ASP 93  93  93  ASP ASP A . n 
A 1 94  THR 94  94  94  THR THR A . n 
A 1 95  GLY 95  95  95  GLY GLY A . n 
A 1 96  ILE 96  96  96  ILE ILE A . n 
A 1 97  GLY 97  97  97  GLY GLY A . n 
A 1 98  MET 98  98  98  MET MET A . n 
A 1 99  THR 99  99  99  THR THR A . n 
A 1 100 LYS 100 100 100 LYS LYS A . n 
A 1 101 ALA 101 101 101 ALA ALA A . n 
A 1 102 ASP 102 102 102 ASP ASP A . n 
A 1 103 LEU 103 103 103 LEU LEU A . n 
A 1 104 ILE 104 104 104 ILE ILE A . n 
A 1 105 ASN 105 105 105 ASN ASN A . n 
A 1 106 ASN 106 106 106 ASN ASN A . n 
A 1 107 LEU 107 107 107 LEU LEU A . n 
A 1 108 GLY 108 108 108 GLY GLY A . n 
A 1 109 THR 109 109 109 THR THR A . n 
A 1 110 ILE 110 110 110 ILE ILE A . n 
A 1 111 ALA 111 111 111 ALA ALA A . n 
A 1 112 LYS 112 112 112 LYS LYS A . n 
A 1 113 SER 113 113 113 SER SER A . n 
A 1 114 GLY 114 114 114 GLY GLY A . n 
A 1 115 THR 115 115 115 THR THR A . n 
A 1 116 LYS 116 116 116 LYS LYS A . n 
A 1 117 ALA 117 117 117 ALA ALA A . n 
A 1 118 PHE 118 118 118 PHE PHE A . n 
A 1 119 MET 119 119 119 MET MET A . n 
A 1 120 GLU 120 120 120 GLU GLU A . n 
A 1 121 ALA 121 121 121 ALA ALA A . n 
A 1 122 LEU 122 122 122 LEU LEU A . n 
A 1 123 GLN 123 123 123 GLN GLN A . n 
A 1 124 ALA 124 124 124 ALA ALA A . n 
A 1 125 GLY 125 125 125 GLY GLY A . n 
A 1 126 ALA 126 126 126 ALA ALA A . n 
A 1 127 ASP 127 127 127 ASP ASP A . n 
A 1 128 ILE 128 128 128 ILE ILE A . n 
A 1 129 SER 129 129 129 SER SER A . n 
A 1 130 MET 130 130 130 MET MET A . n 
A 1 131 ILE 131 131 131 ILE ILE A . n 
A 1 132 GLY 132 132 132 GLY GLY A . n 
A 1 133 GLN 133 133 133 GLN GLN A . n 
A 1 134 PHE 134 134 134 PHE PHE A . n 
A 1 135 GLY 135 135 135 GLY GLY A . n 
A 1 136 VAL 136 136 136 VAL VAL A . n 
A 1 137 GLY 137 137 137 GLY GLY A . n 
A 1 138 PHE 138 138 138 PHE PHE A . n 
A 1 139 TYR 139 139 139 TYR TYR A . n 
A 1 140 SER 140 140 140 SER SER A . n 
A 1 141 ALA 141 141 141 ALA ALA A . n 
A 1 142 TYR 142 142 142 TYR TYR A . n 
A 1 143 LEU 143 143 143 LEU LEU A . n 
A 1 144 VAL 144 144 144 VAL VAL A . n 
A 1 145 ALA 145 145 145 ALA ALA A . n 
A 1 146 GLU 146 146 146 GLU GLU A . n 
A 1 147 LYS 147 147 147 LYS LYS A . n 
A 1 148 VAL 148 148 148 VAL VAL A . n 
A 1 149 THR 149 149 149 THR THR A . n 
A 1 150 VAL 150 150 150 VAL VAL A . n 
A 1 151 ILE 151 151 151 ILE ILE A . n 
A 1 152 THR 152 152 152 THR THR A . n 
A 1 153 LYS 153 153 153 LYS LYS A . n 
A 1 154 HIS 154 154 154 HIS HIS A . n 
A 1 155 ASN 155 155 155 ASN ASN A . n 
A 1 156 ASP 156 156 156 ASP ASP A . n 
A 1 157 ASP 157 157 157 ASP ASP A . n 
A 1 158 GLU 158 158 158 GLU GLU A . n 
A 1 159 GLN 159 159 159 GLN GLN A . n 
A 1 160 TYR 160 160 160 TYR TYR A . n 
A 1 161 ALA 161 161 161 ALA ALA A . n 
A 1 162 TRP 162 162 162 TRP TRP A . n 
A 1 163 GLU 163 163 163 GLU GLU A . n 
A 1 164 SER 164 164 164 SER SER A . n 
A 1 165 SER 165 165 165 SER SER A . n 
A 1 166 ALA 166 166 166 ALA ALA A . n 
A 1 167 GLY 167 167 167 GLY GLY A . n 
A 1 168 GLY 168 168 168 GLY GLY A . n 
A 1 169 SER 169 169 169 SER SER A . n 
A 1 170 PHE 170 170 170 PHE PHE A . n 
A 1 171 THR 171 171 171 THR THR A . n 
A 1 172 VAL 172 172 172 VAL VAL A . n 
A 1 173 ARG 173 173 173 ARG ARG A . n 
A 1 174 THR 174 174 174 THR THR A . n 
A 1 175 ASP 175 175 175 ASP ASP A . n 
A 1 176 THR 176 176 176 THR THR A . n 
A 1 177 GLY 177 177 177 GLY GLY A . n 
A 1 178 GLU 178 178 178 GLU GLU A . n 
A 1 179 PRO 179 179 179 PRO PRO A . n 
A 1 180 MET 180 180 180 MET MET A . n 
A 1 181 GLY 181 181 181 GLY GLY A . n 
A 1 182 ARG 182 182 182 ARG ARG A . n 
A 1 183 GLY 183 183 183 GLY GLY A . n 
A 1 184 THR 184 184 184 THR THR A . n 
A 1 185 LYS 185 185 185 LYS LYS A . n 
A 1 186 VAL 186 186 186 VAL VAL A . n 
A 1 187 ILE 187 187 187 ILE ILE A . n 
A 1 188 LEU 188 188 188 LEU LEU A . n 
A 1 189 HIS 189 189 189 HIS HIS A . n 
A 1 190 LEU 190 190 190 LEU LEU A . n 
A 1 191 LYS 191 191 191 LYS LYS A . n 
A 1 192 GLU 192 192 192 GLU GLU A . n 
A 1 193 ASP 193 193 193 ASP ASP A . n 
A 1 194 GLN 194 194 194 GLN GLN A . n 
A 1 195 THR 195 195 195 THR THR A . n 
A 1 196 GLU 196 196 196 GLU GLU A . n 
A 1 197 TYR 197 197 197 TYR TYR A . n 
A 1 198 LEU 198 198 198 LEU LEU A . n 
A 1 199 GLU 199 199 199 GLU GLU A . n 
A 1 200 GLU 200 200 200 GLU GLU A . n 
A 1 201 ARG 201 201 201 ARG ARG A . n 
A 1 202 ARG 202 202 202 ARG ARG A . n 
A 1 203 ILE 203 203 203 ILE ILE A . n 
A 1 204 LYS 204 204 204 LYS LYS A . n 
A 1 205 GLU 205 205 205 GLU GLU A . n 
A 1 206 ILE 206 206 206 ILE ILE A . n 
A 1 207 VAL 207 207 207 VAL VAL A . n 
A 1 208 LYS 208 208 208 LYS LYS A . n 
A 1 209 LYS 209 209 209 LYS LYS A . n 
A 1 210 HIS 210 210 210 HIS HIS A . n 
A 1 211 SER 211 211 211 SER SER A . n 
A 1 212 GLN 212 212 212 GLN GLN A . n 
A 1 213 PHE 213 213 213 PHE PHE A . n 
A 1 214 ILE 214 214 214 ILE ILE A . n 
A 1 215 GLY 215 215 215 GLY GLY A . n 
A 1 216 TYR 216 216 216 TYR TYR A . n 
A 1 217 PRO 217 217 217 PRO PRO A . n 
A 1 218 ILE 218 218 218 ILE ILE A . n 
A 1 219 THR 219 219 219 THR THR A . n 
A 1 220 LEU 220 220 220 LEU LEU A . n 
A 1 221 PHE 221 221 221 PHE PHE A . n 
A 1 222 VAL 222 222 222 VAL VAL A . n 
A 1 223 GLU 223 223 223 GLU GLU A . n 
A 1 224 LYS 224 224 224 LYS LYS A . n 
A 1 225 GLU 225 225 ?   ?   ?   A . n 
A 1 226 ARG 226 226 ?   ?   ?   A . n 
A 1 227 ASP 227 227 ?   ?   ?   A . n 
A 1 228 LYS 228 228 ?   ?   ?   A . n 
A 1 229 GLU 229 229 ?   ?   ?   A . n 
A 1 230 VAL 230 230 ?   ?   ?   A . n 
A 1 231 SER 231 231 ?   ?   ?   A . n 
A 1 232 ASP 232 232 ?   ?   ?   A . n 
A 1 233 ASP 233 233 ?   ?   ?   A . n 
A 1 234 GLU 234 234 ?   ?   ?   A . n 
A 1 235 ALA 235 235 ?   ?   ?   A . n 
A 1 236 GLU 236 236 ?   ?   ?   A . n 
# 
loop_
_pdbx_nonpoly_scheme.asym_id 
_pdbx_nonpoly_scheme.entity_id 
_pdbx_nonpoly_scheme.mon_id 
_pdbx_nonpoly_scheme.ndb_seq_num 
_pdbx_nonpoly_scheme.pdb_seq_num 
_pdbx_nonpoly_scheme.auth_seq_num 
_pdbx_nonpoly_scheme.pdb_mon_id 
_pdbx_nonpoly_scheme.auth_mon_id 
_pdbx_nonpoly_scheme.pdb_strand_id 
_pdbx_nonpoly_scheme.pdb_ins_code 
B 2 ZZ6 1  1224 1224 ZZ6 ZZ6 A . 
C 3 HOH 1  2001 2001 HOH HOH A . 
C 3 HOH 2  2002 2002 HOH HOH A . 
C 3 HOH 3  2003 2003 HOH HOH A . 
C 3 HOH 4  2004 2004 HOH HOH A . 
C 3 HOH 5  2005 2005 HOH HOH A . 
C 3 HOH 6  2006 2006 HOH HOH A . 
C 3 HOH 7  2007 2007 HOH HOH A . 
C 3 HOH 8  2008 2008 HOH HOH A . 
C 3 HOH 9  2009 2009 HOH HOH A . 
C 3 HOH 10 2010 2010 HOH HOH A . 
C 3 HOH 11 2011 2011 HOH HOH A . 
C 3 HOH 12 2012 2012 HOH HOH A . 
C 3 HOH 13 2013 2013 HOH HOH A . 
C 3 HOH 14 2014 2014 HOH HOH A . 
C 3 HOH 15 2015 2015 HOH HOH A . 
C 3 HOH 16 2016 2016 HOH HOH A . 
C 3 HOH 17 2017 2017 HOH HOH A . 
C 3 HOH 18 2018 2018 HOH HOH A . 
C 3 HOH 19 2019 2019 HOH HOH A . 
C 3 HOH 20 2020 2020 HOH HOH A . 
C 3 HOH 21 2021 2021 HOH HOH A . 
C 3 HOH 22 2022 2022 HOH HOH A . 
C 3 HOH 23 2023 2023 HOH HOH A . 
C 3 HOH 24 2024 2024 HOH HOH A . 
C 3 HOH 25 2025 2025 HOH HOH A . 
C 3 HOH 26 2026 2026 HOH HOH A . 
C 3 HOH 27 2027 2027 HOH HOH A . 
C 3 HOH 28 2028 2028 HOH HOH A . 
C 3 HOH 29 2029 2029 HOH HOH A . 
C 3 HOH 30 2030 2030 HOH HOH A . 
C 3 HOH 31 2031 2031 HOH HOH A . 
# 
_pdbx_struct_assembly.id                   1 
_pdbx_struct_assembly.details              author_and_software_defined_assembly 
_pdbx_struct_assembly.method_details       PISA 
_pdbx_struct_assembly.oligomeric_details   monomeric 
_pdbx_struct_assembly.oligomeric_count     1 
# 
_pdbx_struct_assembly_gen.assembly_id       1 
_pdbx_struct_assembly_gen.oper_expression   1 
_pdbx_struct_assembly_gen.asym_id_list      A,B,C 
# 
_pdbx_struct_oper_list.id                   1 
_pdbx_struct_oper_list.type                 'identity operation' 
_pdbx_struct_oper_list.name                 1_555 
_pdbx_struct_oper_list.symmetry_operation   x,y,z 
_pdbx_struct_oper_list.matrix[1][1]         1.0000000000 
_pdbx_struct_oper_list.matrix[1][2]         0.0000000000 
_pdbx_struct_oper_list.matrix[1][3]         0.0000000000 
_pdbx_struct_oper_list.vector[1]            0.0000000000 
_pdbx_struct_oper_list.matrix[2][1]         0.0000000000 
_pdbx_struct_oper_list.matrix[2][2]         1.0000000000 
_pdbx_struct_oper_list.matrix[2][3]         0.0000000000 
_pdbx_struct_oper_list.vector[2]            0.0000000000 
_pdbx_struct_oper_list.matrix[3][1]         0.0000000000 
_pdbx_struct_oper_list.matrix[3][2]         0.0000000000 
_pdbx_struct_oper_list.matrix[3][3]         1.0000000000 
_pdbx_struct_oper_list.vector[3]            0.0000000000 
# 
loop_
_pdbx_audit_revision_history.ordinal 
_pdbx_audit_revision_history.data_content_type 
_pdbx_audit_revision_history.major_revision 
_pdbx_audit_revision_history.minor_revision 
_pdbx_audit_revision_history.revision_date 
1 'Structure model' 1 0 2009-07-28 
2 'Structure model' 1 1 2011-08-10 
3 'Structure model' 1 2 2023-12-13 
# 
_pdbx_audit_revision_details.ordinal             1 
_pdbx_audit_revision_details.revision_ordinal    1 
_pdbx_audit_revision_details.data_content_type   'Structure model' 
_pdbx_audit_revision_details.provider            repository 
_pdbx_audit_revision_details.type                'Initial release' 
_pdbx_audit_revision_details.description         ? 
_pdbx_audit_revision_details.details             ? 
# 
loop_
_pdbx_audit_revision_group.ordinal 
_pdbx_audit_revision_group.revision_ordinal 
_pdbx_audit_revision_group.data_content_type 
_pdbx_audit_revision_group.group 
1  2 'Structure model' 'Database references'       
2  2 'Structure model' 'Derived calculations'      
3  2 'Structure model' 'Non-polymer description'   
4  2 'Structure model' Other                       
5  2 'Structure model' 'Structure summary'         
6  2 'Structure model' 'Version format compliance' 
7  3 'Structure model' 'Data collection'           
8  3 'Structure model' 'Database references'       
9  3 'Structure model' 'Derived calculations'      
10 3 'Structure model' Other                       
11 3 'Structure model' 'Refinement description'    
# 
loop_
_pdbx_audit_revision_category.ordinal 
_pdbx_audit_revision_category.revision_ordinal 
_pdbx_audit_revision_category.data_content_type 
_pdbx_audit_revision_category.category 
1 3 'Structure model' chem_comp_atom                
2 3 'Structure model' chem_comp_bond                
3 3 'Structure model' database_2                    
4 3 'Structure model' pdbx_database_status          
5 3 'Structure model' pdbx_initial_refinement_model 
6 3 'Structure model' struct_site                   
# 
loop_
_pdbx_audit_revision_item.ordinal 
_pdbx_audit_revision_item.revision_ordinal 
_pdbx_audit_revision_item.data_content_type 
_pdbx_audit_revision_item.item 
1 3 'Structure model' '_database_2.pdbx_DOI'                 
2 3 'Structure model' '_database_2.pdbx_database_accession'  
3 3 'Structure model' '_pdbx_database_status.status_code_sf' 
4 3 'Structure model' '_struct_site.pdbx_auth_asym_id'       
5 3 'Structure model' '_struct_site.pdbx_auth_comp_id'       
6 3 'Structure model' '_struct_site.pdbx_auth_seq_id'        
# 
loop_
_software.name 
_software.classification 
_software.version 
_software.citation_id 
_software.pdbx_ordinal 
REFMAC refinement       5.5.0066 ? 1 
d*TREK 'data reduction' .        ? 2 
d*TREK 'data scaling'   .        ? 3 
AMoRE  phasing          .        ? 4 
# 
loop_
_pdbx_validate_close_contact.id 
_pdbx_validate_close_contact.PDB_model_num 
_pdbx_validate_close_contact.auth_atom_id_1 
_pdbx_validate_close_contact.auth_asym_id_1 
_pdbx_validate_close_contact.auth_comp_id_1 
_pdbx_validate_close_contact.auth_seq_id_1 
_pdbx_validate_close_contact.PDB_ins_code_1 
_pdbx_validate_close_contact.label_alt_id_1 
_pdbx_validate_close_contact.auth_atom_id_2 
_pdbx_validate_close_contact.auth_asym_id_2 
_pdbx_validate_close_contact.auth_comp_id_2 
_pdbx_validate_close_contact.auth_seq_id_2 
_pdbx_validate_close_contact.PDB_ins_code_2 
_pdbx_validate_close_contact.label_alt_id_2 
_pdbx_validate_close_contact.dist 
1 1 O  A ASP 156 ? ? O   A HOH 2020 ? ? 1.91 
2 1 CE A LYS 116 ? ? OE1 A GLU 120  ? ? 1.95 
# 
loop_
_pdbx_validate_torsion.id 
_pdbx_validate_torsion.PDB_model_num 
_pdbx_validate_torsion.auth_comp_id 
_pdbx_validate_torsion.auth_asym_id 
_pdbx_validate_torsion.auth_seq_id 
_pdbx_validate_torsion.PDB_ins_code 
_pdbx_validate_torsion.label_alt_id 
_pdbx_validate_torsion.phi 
_pdbx_validate_torsion.psi 
1  1 TYR A 38  ? ? -165.52 111.13  
2  1 ASP A 66  ? ? 132.73  66.03   
3  1 PRO A 67  ? ? -64.62  25.79   
4  1 LYS A 74  ? ? 75.45   -50.27  
5  1 THR A 94  ? ? -97.85  43.82   
6  1 THR A 109 ? ? -154.11 -108.07 
7  1 ILE A 110 ? ? 36.82   -61.01  
8  1 ALA A 111 ? ? -105.15 44.60   
9  1 ALA A 121 ? ? -32.35  -32.96  
10 1 ALA A 124 ? ? 101.32  31.83   
11 1 GLU A 158 ? ? -65.93  -179.31 
12 1 ALA A 166 ? ? 67.53   -149.64 
13 1 GLU A 178 ? ? -58.77  100.06  
14 1 PRO A 179 ? ? -39.13  150.53  
15 1 MET A 180 ? ? -155.03 57.43   
16 1 ARG A 182 ? ? 176.85  143.24  
17 1 SER A 211 ? ? -140.47 32.51   
# 
_pdbx_validate_peptide_omega.id               1 
_pdbx_validate_peptide_omega.PDB_model_num    1 
_pdbx_validate_peptide_omega.auth_comp_id_1   ASP 
_pdbx_validate_peptide_omega.auth_asym_id_1   A 
_pdbx_validate_peptide_omega.auth_seq_id_1    156 
_pdbx_validate_peptide_omega.PDB_ins_code_1   ? 
_pdbx_validate_peptide_omega.label_alt_id_1   ? 
_pdbx_validate_peptide_omega.auth_comp_id_2   ASP 
_pdbx_validate_peptide_omega.auth_asym_id_2   A 
_pdbx_validate_peptide_omega.auth_seq_id_2    157 
_pdbx_validate_peptide_omega.PDB_ins_code_2   ? 
_pdbx_validate_peptide_omega.label_alt_id_2   ? 
_pdbx_validate_peptide_omega.omega            -148.36 
# 
loop_
_pdbx_unobs_or_zero_occ_atoms.id 
_pdbx_unobs_or_zero_occ_atoms.PDB_model_num 
_pdbx_unobs_or_zero_occ_atoms.polymer_flag 
_pdbx_unobs_or_zero_occ_atoms.occupancy_flag 
_pdbx_unobs_or_zero_occ_atoms.auth_asym_id 
_pdbx_unobs_or_zero_occ_atoms.auth_comp_id 
_pdbx_unobs_or_zero_occ_atoms.auth_seq_id 
_pdbx_unobs_or_zero_occ_atoms.PDB_ins_code 
_pdbx_unobs_or_zero_occ_atoms.auth_atom_id 
_pdbx_unobs_or_zero_occ_atoms.label_alt_id 
_pdbx_unobs_or_zero_occ_atoms.label_asym_id 
_pdbx_unobs_or_zero_occ_atoms.label_comp_id 
_pdbx_unobs_or_zero_occ_atoms.label_seq_id 
_pdbx_unobs_or_zero_occ_atoms.label_atom_id 
1  1 Y 1 A ILE 110 ? CG1 ? A ILE 110 CG1 
2  1 Y 1 A ILE 110 ? CG2 ? A ILE 110 CG2 
3  1 Y 1 A ILE 110 ? CD1 ? A ILE 110 CD1 
4  1 Y 1 A LYS 112 ? CG  ? A LYS 112 CG  
5  1 Y 1 A LYS 112 ? CD  ? A LYS 112 CD  
6  1 Y 1 A LYS 112 ? CE  ? A LYS 112 CE  
7  1 Y 1 A LYS 112 ? NZ  ? A LYS 112 NZ  
8  1 Y 1 A LYS 224 ? CA  ? A LYS 224 CA  
9  1 Y 1 A LYS 224 ? C   ? A LYS 224 C   
10 1 Y 1 A LYS 224 ? O   ? A LYS 224 O   
11 1 Y 1 A LYS 224 ? CB  ? A LYS 224 CB  
12 1 Y 1 A LYS 224 ? CG  ? A LYS 224 CG  
13 1 Y 1 A LYS 224 ? CD  ? A LYS 224 CD  
14 1 Y 1 A LYS 224 ? CE  ? A LYS 224 CE  
15 1 Y 1 A LYS 224 ? NZ  ? A LYS 224 NZ  
# 
loop_
_pdbx_unobs_or_zero_occ_residues.id 
_pdbx_unobs_or_zero_occ_residues.PDB_model_num 
_pdbx_unobs_or_zero_occ_residues.polymer_flag 
_pdbx_unobs_or_zero_occ_residues.occupancy_flag 
_pdbx_unobs_or_zero_occ_residues.auth_asym_id 
_pdbx_unobs_or_zero_occ_residues.auth_comp_id 
_pdbx_unobs_or_zero_occ_residues.auth_seq_id 
_pdbx_unobs_or_zero_occ_residues.PDB_ins_code 
_pdbx_unobs_or_zero_occ_residues.label_asym_id 
_pdbx_unobs_or_zero_occ_residues.label_comp_id 
_pdbx_unobs_or_zero_occ_residues.label_seq_id 
1  1 Y 1 A MET 1   ? A MET 1   
2  1 Y 1 A PRO 2   ? A PRO 2   
3  1 Y 1 A GLU 3   ? A GLU 3   
4  1 Y 1 A GLU 4   ? A GLU 4   
5  1 Y 1 A THR 5   ? A THR 5   
6  1 Y 1 A GLN 6   ? A GLN 6   
7  1 Y 1 A THR 7   ? A THR 7   
8  1 Y 1 A GLN 8   ? A GLN 8   
9  1 Y 1 A ASP 9   ? A ASP 9   
10 1 Y 1 A GLN 10  ? A GLN 10  
11 1 Y 1 A PRO 11  ? A PRO 11  
12 1 Y 1 A MET 12  ? A MET 12  
13 1 Y 1 A GLU 13  ? A GLU 13  
14 1 Y 1 A GLU 14  ? A GLU 14  
15 1 Y 1 A GLU 15  ? A GLU 15  
16 1 Y 1 A GLU 225 ? A GLU 225 
17 1 Y 1 A ARG 226 ? A ARG 226 
18 1 Y 1 A ASP 227 ? A ASP 227 
19 1 Y 1 A LYS 228 ? A LYS 228 
20 1 Y 1 A GLU 229 ? A GLU 229 
21 1 Y 1 A VAL 230 ? A VAL 230 
22 1 Y 1 A SER 231 ? A SER 231 
23 1 Y 1 A ASP 232 ? A ASP 232 
24 1 Y 1 A ASP 233 ? A ASP 233 
25 1 Y 1 A GLU 234 ? A GLU 234 
26 1 Y 1 A ALA 235 ? A ALA 235 
27 1 Y 1 A GLU 236 ? A GLU 236 
# 
loop_
_chem_comp_atom.comp_id 
_chem_comp_atom.atom_id 
_chem_comp_atom.type_symbol 
_chem_comp_atom.pdbx_aromatic_flag 
_chem_comp_atom.pdbx_stereo_config 
_chem_comp_atom.pdbx_ordinal 
ALA N    N  N N 1   
ALA CA   C  N S 2   
ALA C    C  N N 3   
ALA O    O  N N 4   
ALA CB   C  N N 5   
ALA OXT  O  N N 6   
ALA H    H  N N 7   
ALA H2   H  N N 8   
ALA HA   H  N N 9   
ALA HB1  H  N N 10  
ALA HB2  H  N N 11  
ALA HB3  H  N N 12  
ALA HXT  H  N N 13  
ARG N    N  N N 14  
ARG CA   C  N S 15  
ARG C    C  N N 16  
ARG O    O  N N 17  
ARG CB   C  N N 18  
ARG CG   C  N N 19  
ARG CD   C  N N 20  
ARG NE   N  N N 21  
ARG CZ   C  N N 22  
ARG NH1  N  N N 23  
ARG NH2  N  N N 24  
ARG OXT  O  N N 25  
ARG H    H  N N 26  
ARG H2   H  N N 27  
ARG HA   H  N N 28  
ARG HB2  H  N N 29  
ARG HB3  H  N N 30  
ARG HG2  H  N N 31  
ARG HG3  H  N N 32  
ARG HD2  H  N N 33  
ARG HD3  H  N N 34  
ARG HE   H  N N 35  
ARG HH11 H  N N 36  
ARG HH12 H  N N 37  
ARG HH21 H  N N 38  
ARG HH22 H  N N 39  
ARG HXT  H  N N 40  
ASN N    N  N N 41  
ASN CA   C  N S 42  
ASN C    C  N N 43  
ASN O    O  N N 44  
ASN CB   C  N N 45  
ASN CG   C  N N 46  
ASN OD1  O  N N 47  
ASN ND2  N  N N 48  
ASN OXT  O  N N 49  
ASN H    H  N N 50  
ASN H2   H  N N 51  
ASN HA   H  N N 52  
ASN HB2  H  N N 53  
ASN HB3  H  N N 54  
ASN HD21 H  N N 55  
ASN HD22 H  N N 56  
ASN HXT  H  N N 57  
ASP N    N  N N 58  
ASP CA   C  N S 59  
ASP C    C  N N 60  
ASP O    O  N N 61  
ASP CB   C  N N 62  
ASP CG   C  N N 63  
ASP OD1  O  N N 64  
ASP OD2  O  N N 65  
ASP OXT  O  N N 66  
ASP H    H  N N 67  
ASP H2   H  N N 68  
ASP HA   H  N N 69  
ASP HB2  H  N N 70  
ASP HB3  H  N N 71  
ASP HD2  H  N N 72  
ASP HXT  H  N N 73  
GLN N    N  N N 74  
GLN CA   C  N S 75  
GLN C    C  N N 76  
GLN O    O  N N 77  
GLN CB   C  N N 78  
GLN CG   C  N N 79  
GLN CD   C  N N 80  
GLN OE1  O  N N 81  
GLN NE2  N  N N 82  
GLN OXT  O  N N 83  
GLN H    H  N N 84  
GLN H2   H  N N 85  
GLN HA   H  N N 86  
GLN HB2  H  N N 87  
GLN HB3  H  N N 88  
GLN HG2  H  N N 89  
GLN HG3  H  N N 90  
GLN HE21 H  N N 91  
GLN HE22 H  N N 92  
GLN HXT  H  N N 93  
GLU N    N  N N 94  
GLU CA   C  N S 95  
GLU C    C  N N 96  
GLU O    O  N N 97  
GLU CB   C  N N 98  
GLU CG   C  N N 99  
GLU CD   C  N N 100 
GLU OE1  O  N N 101 
GLU OE2  O  N N 102 
GLU OXT  O  N N 103 
GLU H    H  N N 104 
GLU H2   H  N N 105 
GLU HA   H  N N 106 
GLU HB2  H  N N 107 
GLU HB3  H  N N 108 
GLU HG2  H  N N 109 
GLU HG3  H  N N 110 
GLU HE2  H  N N 111 
GLU HXT  H  N N 112 
GLY N    N  N N 113 
GLY CA   C  N N 114 
GLY C    C  N N 115 
GLY O    O  N N 116 
GLY OXT  O  N N 117 
GLY H    H  N N 118 
GLY H2   H  N N 119 
GLY HA2  H  N N 120 
GLY HA3  H  N N 121 
GLY HXT  H  N N 122 
HIS N    N  N N 123 
HIS CA   C  N S 124 
HIS C    C  N N 125 
HIS O    O  N N 126 
HIS CB   C  N N 127 
HIS CG   C  Y N 128 
HIS ND1  N  Y N 129 
HIS CD2  C  Y N 130 
HIS CE1  C  Y N 131 
HIS NE2  N  Y N 132 
HIS OXT  O  N N 133 
HIS H    H  N N 134 
HIS H2   H  N N 135 
HIS HA   H  N N 136 
HIS HB2  H  N N 137 
HIS HB3  H  N N 138 
HIS HD1  H  N N 139 
HIS HD2  H  N N 140 
HIS HE1  H  N N 141 
HIS HE2  H  N N 142 
HIS HXT  H  N N 143 
HOH O    O  N N 144 
HOH H1   H  N N 145 
HOH H2   H  N N 146 
ILE N    N  N N 147 
ILE CA   C  N S 148 
ILE C    C  N N 149 
ILE O    O  N N 150 
ILE CB   C  N S 151 
ILE CG1  C  N N 152 
ILE CG2  C  N N 153 
ILE CD1  C  N N 154 
ILE OXT  O  N N 155 
ILE H    H  N N 156 
ILE H2   H  N N 157 
ILE HA   H  N N 158 
ILE HB   H  N N 159 
ILE HG12 H  N N 160 
ILE HG13 H  N N 161 
ILE HG21 H  N N 162 
ILE HG22 H  N N 163 
ILE HG23 H  N N 164 
ILE HD11 H  N N 165 
ILE HD12 H  N N 166 
ILE HD13 H  N N 167 
ILE HXT  H  N N 168 
LEU N    N  N N 169 
LEU CA   C  N S 170 
LEU C    C  N N 171 
LEU O    O  N N 172 
LEU CB   C  N N 173 
LEU CG   C  N N 174 
LEU CD1  C  N N 175 
LEU CD2  C  N N 176 
LEU OXT  O  N N 177 
LEU H    H  N N 178 
LEU H2   H  N N 179 
LEU HA   H  N N 180 
LEU HB2  H  N N 181 
LEU HB3  H  N N 182 
LEU HG   H  N N 183 
LEU HD11 H  N N 184 
LEU HD12 H  N N 185 
LEU HD13 H  N N 186 
LEU HD21 H  N N 187 
LEU HD22 H  N N 188 
LEU HD23 H  N N 189 
LEU HXT  H  N N 190 
LYS N    N  N N 191 
LYS CA   C  N S 192 
LYS C    C  N N 193 
LYS O    O  N N 194 
LYS CB   C  N N 195 
LYS CG   C  N N 196 
LYS CD   C  N N 197 
LYS CE   C  N N 198 
LYS NZ   N  N N 199 
LYS OXT  O  N N 200 
LYS H    H  N N 201 
LYS H2   H  N N 202 
LYS HA   H  N N 203 
LYS HB2  H  N N 204 
LYS HB3  H  N N 205 
LYS HG2  H  N N 206 
LYS HG3  H  N N 207 
LYS HD2  H  N N 208 
LYS HD3  H  N N 209 
LYS HE2  H  N N 210 
LYS HE3  H  N N 211 
LYS HZ1  H  N N 212 
LYS HZ2  H  N N 213 
LYS HZ3  H  N N 214 
LYS HXT  H  N N 215 
MET N    N  N N 216 
MET CA   C  N S 217 
MET C    C  N N 218 
MET O    O  N N 219 
MET CB   C  N N 220 
MET CG   C  N N 221 
MET SD   S  N N 222 
MET CE   C  N N 223 
MET OXT  O  N N 224 
MET H    H  N N 225 
MET H2   H  N N 226 
MET HA   H  N N 227 
MET HB2  H  N N 228 
MET HB3  H  N N 229 
MET HG2  H  N N 230 
MET HG3  H  N N 231 
MET HE1  H  N N 232 
MET HE2  H  N N 233 
MET HE3  H  N N 234 
MET HXT  H  N N 235 
PHE N    N  N N 236 
PHE CA   C  N S 237 
PHE C    C  N N 238 
PHE O    O  N N 239 
PHE CB   C  N N 240 
PHE CG   C  Y N 241 
PHE CD1  C  Y N 242 
PHE CD2  C  Y N 243 
PHE CE1  C  Y N 244 
PHE CE2  C  Y N 245 
PHE CZ   C  Y N 246 
PHE OXT  O  N N 247 
PHE H    H  N N 248 
PHE H2   H  N N 249 
PHE HA   H  N N 250 
PHE HB2  H  N N 251 
PHE HB3  H  N N 252 
PHE HD1  H  N N 253 
PHE HD2  H  N N 254 
PHE HE1  H  N N 255 
PHE HE2  H  N N 256 
PHE HZ   H  N N 257 
PHE HXT  H  N N 258 
PRO N    N  N N 259 
PRO CA   C  N S 260 
PRO C    C  N N 261 
PRO O    O  N N 262 
PRO CB   C  N N 263 
PRO CG   C  N N 264 
PRO CD   C  N N 265 
PRO OXT  O  N N 266 
PRO H    H  N N 267 
PRO HA   H  N N 268 
PRO HB2  H  N N 269 
PRO HB3  H  N N 270 
PRO HG2  H  N N 271 
PRO HG3  H  N N 272 
PRO HD2  H  N N 273 
PRO HD3  H  N N 274 
PRO HXT  H  N N 275 
SER N    N  N N 276 
SER CA   C  N S 277 
SER C    C  N N 278 
SER O    O  N N 279 
SER CB   C  N N 280 
SER OG   O  N N 281 
SER OXT  O  N N 282 
SER H    H  N N 283 
SER H2   H  N N 284 
SER HA   H  N N 285 
SER HB2  H  N N 286 
SER HB3  H  N N 287 
SER HG   H  N N 288 
SER HXT  H  N N 289 
THR N    N  N N 290 
THR CA   C  N S 291 
THR C    C  N N 292 
THR O    O  N N 293 
THR CB   C  N R 294 
THR OG1  O  N N 295 
THR CG2  C  N N 296 
THR OXT  O  N N 297 
THR H    H  N N 298 
THR H2   H  N N 299 
THR HA   H  N N 300 
THR HB   H  N N 301 
THR HG1  H  N N 302 
THR HG21 H  N N 303 
THR HG22 H  N N 304 
THR HG23 H  N N 305 
THR HXT  H  N N 306 
TRP N    N  N N 307 
TRP CA   C  N S 308 
TRP C    C  N N 309 
TRP O    O  N N 310 
TRP CB   C  N N 311 
TRP CG   C  Y N 312 
TRP CD1  C  Y N 313 
TRP CD2  C  Y N 314 
TRP NE1  N  Y N 315 
TRP CE2  C  Y N 316 
TRP CE3  C  Y N 317 
TRP CZ2  C  Y N 318 
TRP CZ3  C  Y N 319 
TRP CH2  C  Y N 320 
TRP OXT  O  N N 321 
TRP H    H  N N 322 
TRP H2   H  N N 323 
TRP HA   H  N N 324 
TRP HB2  H  N N 325 
TRP HB3  H  N N 326 
TRP HD1  H  N N 327 
TRP HE1  H  N N 328 
TRP HE3  H  N N 329 
TRP HZ2  H  N N 330 
TRP HZ3  H  N N 331 
TRP HH2  H  N N 332 
TRP HXT  H  N N 333 
TYR N    N  N N 334 
TYR CA   C  N S 335 
TYR C    C  N N 336 
TYR O    O  N N 337 
TYR CB   C  N N 338 
TYR CG   C  Y N 339 
TYR CD1  C  Y N 340 
TYR CD2  C  Y N 341 
TYR CE1  C  Y N 342 
TYR CE2  C  Y N 343 
TYR CZ   C  Y N 344 
TYR OH   O  N N 345 
TYR OXT  O  N N 346 
TYR H    H  N N 347 
TYR H2   H  N N 348 
TYR HA   H  N N 349 
TYR HB2  H  N N 350 
TYR HB3  H  N N 351 
TYR HD1  H  N N 352 
TYR HD2  H  N N 353 
TYR HE1  H  N N 354 
TYR HE2  H  N N 355 
TYR HH   H  N N 356 
TYR HXT  H  N N 357 
VAL N    N  N N 358 
VAL CA   C  N S 359 
VAL C    C  N N 360 
VAL O    O  N N 361 
VAL CB   C  N N 362 
VAL CG1  C  N N 363 
VAL CG2  C  N N 364 
VAL OXT  O  N N 365 
VAL H    H  N N 366 
VAL H2   H  N N 367 
VAL HA   H  N N 368 
VAL HB   H  N N 369 
VAL HG11 H  N N 370 
VAL HG12 H  N N 371 
VAL HG13 H  N N 372 
VAL HG21 H  N N 373 
VAL HG22 H  N N 374 
VAL HG23 H  N N 375 
VAL HXT  H  N N 376 
ZZ6 CL2  CL N N 377 
ZZ6 C21  C  Y N 378 
ZZ6 C20  C  Y N 379 
ZZ6 C19  C  Y N 380 
ZZ6 CL1  CL N N 381 
ZZ6 C18  C  Y N 382 
ZZ6 C17  C  Y N 383 
ZZ6 C11  C  Y N 384 
ZZ6 C2   C  Y N 385 
ZZ6 N1   N  Y N 386 
ZZ6 C4   C  Y N 387 
ZZ6 N10  N  N N 388 
ZZ6 N3   N  Y N 389 
ZZ6 C5   C  Y N 390 
ZZ6 S9   S  Y N 391 
ZZ6 C6   C  Y N 392 
ZZ6 C7   C  Y N 393 
ZZ6 C8   C  Y N 394 
ZZ6 C12  C  N N 395 
ZZ6 O13  O  N N 396 
ZZ6 N14  N  N N 397 
ZZ6 C15  C  N N 398 
ZZ6 C16  C  N N 399 
ZZ6 H20  H  N N 400 
ZZ6 H18  H  N N 401 
ZZ6 H17  H  N N 402 
ZZ6 H101 H  N N 403 
ZZ6 H102 H  N N 404 
ZZ6 H7   H  N N 405 
ZZ6 H14  H  N N 406 
ZZ6 H151 H  N N 407 
ZZ6 H152 H  N N 408 
ZZ6 H161 H  N N 409 
ZZ6 H162 H  N N 410 
ZZ6 H163 H  N N 411 
# 
loop_
_chem_comp_bond.comp_id 
_chem_comp_bond.atom_id_1 
_chem_comp_bond.atom_id_2 
_chem_comp_bond.value_order 
_chem_comp_bond.pdbx_aromatic_flag 
_chem_comp_bond.pdbx_stereo_config 
_chem_comp_bond.pdbx_ordinal 
ALA N   CA   sing N N 1   
ALA N   H    sing N N 2   
ALA N   H2   sing N N 3   
ALA CA  C    sing N N 4   
ALA CA  CB   sing N N 5   
ALA CA  HA   sing N N 6   
ALA C   O    doub N N 7   
ALA C   OXT  sing N N 8   
ALA CB  HB1  sing N N 9   
ALA CB  HB2  sing N N 10  
ALA CB  HB3  sing N N 11  
ALA OXT HXT  sing N N 12  
ARG N   CA   sing N N 13  
ARG N   H    sing N N 14  
ARG N   H2   sing N N 15  
ARG CA  C    sing N N 16  
ARG CA  CB   sing N N 17  
ARG CA  HA   sing N N 18  
ARG C   O    doub N N 19  
ARG C   OXT  sing N N 20  
ARG CB  CG   sing N N 21  
ARG CB  HB2  sing N N 22  
ARG CB  HB3  sing N N 23  
ARG CG  CD   sing N N 24  
ARG CG  HG2  sing N N 25  
ARG CG  HG3  sing N N 26  
ARG CD  NE   sing N N 27  
ARG CD  HD2  sing N N 28  
ARG CD  HD3  sing N N 29  
ARG NE  CZ   sing N N 30  
ARG NE  HE   sing N N 31  
ARG CZ  NH1  sing N N 32  
ARG CZ  NH2  doub N N 33  
ARG NH1 HH11 sing N N 34  
ARG NH1 HH12 sing N N 35  
ARG NH2 HH21 sing N N 36  
ARG NH2 HH22 sing N N 37  
ARG OXT HXT  sing N N 38  
ASN N   CA   sing N N 39  
ASN N   H    sing N N 40  
ASN N   H2   sing N N 41  
ASN CA  C    sing N N 42  
ASN CA  CB   sing N N 43  
ASN CA  HA   sing N N 44  
ASN C   O    doub N N 45  
ASN C   OXT  sing N N 46  
ASN CB  CG   sing N N 47  
ASN CB  HB2  sing N N 48  
ASN CB  HB3  sing N N 49  
ASN CG  OD1  doub N N 50  
ASN CG  ND2  sing N N 51  
ASN ND2 HD21 sing N N 52  
ASN ND2 HD22 sing N N 53  
ASN OXT HXT  sing N N 54  
ASP N   CA   sing N N 55  
ASP N   H    sing N N 56  
ASP N   H2   sing N N 57  
ASP CA  C    sing N N 58  
ASP CA  CB   sing N N 59  
ASP CA  HA   sing N N 60  
ASP C   O    doub N N 61  
ASP C   OXT  sing N N 62  
ASP CB  CG   sing N N 63  
ASP CB  HB2  sing N N 64  
ASP CB  HB3  sing N N 65  
ASP CG  OD1  doub N N 66  
ASP CG  OD2  sing N N 67  
ASP OD2 HD2  sing N N 68  
ASP OXT HXT  sing N N 69  
GLN N   CA   sing N N 70  
GLN N   H    sing N N 71  
GLN N   H2   sing N N 72  
GLN CA  C    sing N N 73  
GLN CA  CB   sing N N 74  
GLN CA  HA   sing N N 75  
GLN C   O    doub N N 76  
GLN C   OXT  sing N N 77  
GLN CB  CG   sing N N 78  
GLN CB  HB2  sing N N 79  
GLN CB  HB3  sing N N 80  
GLN CG  CD   sing N N 81  
GLN CG  HG2  sing N N 82  
GLN CG  HG3  sing N N 83  
GLN CD  OE1  doub N N 84  
GLN CD  NE2  sing N N 85  
GLN NE2 HE21 sing N N 86  
GLN NE2 HE22 sing N N 87  
GLN OXT HXT  sing N N 88  
GLU N   CA   sing N N 89  
GLU N   H    sing N N 90  
GLU N   H2   sing N N 91  
GLU CA  C    sing N N 92  
GLU CA  CB   sing N N 93  
GLU CA  HA   sing N N 94  
GLU C   O    doub N N 95  
GLU C   OXT  sing N N 96  
GLU CB  CG   sing N N 97  
GLU CB  HB2  sing N N 98  
GLU CB  HB3  sing N N 99  
GLU CG  CD   sing N N 100 
GLU CG  HG2  sing N N 101 
GLU CG  HG3  sing N N 102 
GLU CD  OE1  doub N N 103 
GLU CD  OE2  sing N N 104 
GLU OE2 HE2  sing N N 105 
GLU OXT HXT  sing N N 106 
GLY N   CA   sing N N 107 
GLY N   H    sing N N 108 
GLY N   H2   sing N N 109 
GLY CA  C    sing N N 110 
GLY CA  HA2  sing N N 111 
GLY CA  HA3  sing N N 112 
GLY C   O    doub N N 113 
GLY C   OXT  sing N N 114 
GLY OXT HXT  sing N N 115 
HIS N   CA   sing N N 116 
HIS N   H    sing N N 117 
HIS N   H2   sing N N 118 
HIS CA  C    sing N N 119 
HIS CA  CB   sing N N 120 
HIS CA  HA   sing N N 121 
HIS C   O    doub N N 122 
HIS C   OXT  sing N N 123 
HIS CB  CG   sing N N 124 
HIS CB  HB2  sing N N 125 
HIS CB  HB3  sing N N 126 
HIS CG  ND1  sing Y N 127 
HIS CG  CD2  doub Y N 128 
HIS ND1 CE1  doub Y N 129 
HIS ND1 HD1  sing N N 130 
HIS CD2 NE2  sing Y N 131 
HIS CD2 HD2  sing N N 132 
HIS CE1 NE2  sing Y N 133 
HIS CE1 HE1  sing N N 134 
HIS NE2 HE2  sing N N 135 
HIS OXT HXT  sing N N 136 
HOH O   H1   sing N N 137 
HOH O   H2   sing N N 138 
ILE N   CA   sing N N 139 
ILE N   H    sing N N 140 
ILE N   H2   sing N N 141 
ILE CA  C    sing N N 142 
ILE CA  CB   sing N N 143 
ILE CA  HA   sing N N 144 
ILE C   O    doub N N 145 
ILE C   OXT  sing N N 146 
ILE CB  CG1  sing N N 147 
ILE CB  CG2  sing N N 148 
ILE CB  HB   sing N N 149 
ILE CG1 CD1  sing N N 150 
ILE CG1 HG12 sing N N 151 
ILE CG1 HG13 sing N N 152 
ILE CG2 HG21 sing N N 153 
ILE CG2 HG22 sing N N 154 
ILE CG2 HG23 sing N N 155 
ILE CD1 HD11 sing N N 156 
ILE CD1 HD12 sing N N 157 
ILE CD1 HD13 sing N N 158 
ILE OXT HXT  sing N N 159 
LEU N   CA   sing N N 160 
LEU N   H    sing N N 161 
LEU N   H2   sing N N 162 
LEU CA  C    sing N N 163 
LEU CA  CB   sing N N 164 
LEU CA  HA   sing N N 165 
LEU C   O    doub N N 166 
LEU C   OXT  sing N N 167 
LEU CB  CG   sing N N 168 
LEU CB  HB2  sing N N 169 
LEU CB  HB3  sing N N 170 
LEU CG  CD1  sing N N 171 
LEU CG  CD2  sing N N 172 
LEU CG  HG   sing N N 173 
LEU CD1 HD11 sing N N 174 
LEU CD1 HD12 sing N N 175 
LEU CD1 HD13 sing N N 176 
LEU CD2 HD21 sing N N 177 
LEU CD2 HD22 sing N N 178 
LEU CD2 HD23 sing N N 179 
LEU OXT HXT  sing N N 180 
LYS N   CA   sing N N 181 
LYS N   H    sing N N 182 
LYS N   H2   sing N N 183 
LYS CA  C    sing N N 184 
LYS CA  CB   sing N N 185 
LYS CA  HA   sing N N 186 
LYS C   O    doub N N 187 
LYS C   OXT  sing N N 188 
LYS CB  CG   sing N N 189 
LYS CB  HB2  sing N N 190 
LYS CB  HB3  sing N N 191 
LYS CG  CD   sing N N 192 
LYS CG  HG2  sing N N 193 
LYS CG  HG3  sing N N 194 
LYS CD  CE   sing N N 195 
LYS CD  HD2  sing N N 196 
LYS CD  HD3  sing N N 197 
LYS CE  NZ   sing N N 198 
LYS CE  HE2  sing N N 199 
LYS CE  HE3  sing N N 200 
LYS NZ  HZ1  sing N N 201 
LYS NZ  HZ2  sing N N 202 
LYS NZ  HZ3  sing N N 203 
LYS OXT HXT  sing N N 204 
MET N   CA   sing N N 205 
MET N   H    sing N N 206 
MET N   H2   sing N N 207 
MET CA  C    sing N N 208 
MET CA  CB   sing N N 209 
MET CA  HA   sing N N 210 
MET C   O    doub N N 211 
MET C   OXT  sing N N 212 
MET CB  CG   sing N N 213 
MET CB  HB2  sing N N 214 
MET CB  HB3  sing N N 215 
MET CG  SD   sing N N 216 
MET CG  HG2  sing N N 217 
MET CG  HG3  sing N N 218 
MET SD  CE   sing N N 219 
MET CE  HE1  sing N N 220 
MET CE  HE2  sing N N 221 
MET CE  HE3  sing N N 222 
MET OXT HXT  sing N N 223 
PHE N   CA   sing N N 224 
PHE N   H    sing N N 225 
PHE N   H2   sing N N 226 
PHE CA  C    sing N N 227 
PHE CA  CB   sing N N 228 
PHE CA  HA   sing N N 229 
PHE C   O    doub N N 230 
PHE C   OXT  sing N N 231 
PHE CB  CG   sing N N 232 
PHE CB  HB2  sing N N 233 
PHE CB  HB3  sing N N 234 
PHE CG  CD1  doub Y N 235 
PHE CG  CD2  sing Y N 236 
PHE CD1 CE1  sing Y N 237 
PHE CD1 HD1  sing N N 238 
PHE CD2 CE2  doub Y N 239 
PHE CD2 HD2  sing N N 240 
PHE CE1 CZ   doub Y N 241 
PHE CE1 HE1  sing N N 242 
PHE CE2 CZ   sing Y N 243 
PHE CE2 HE2  sing N N 244 
PHE CZ  HZ   sing N N 245 
PHE OXT HXT  sing N N 246 
PRO N   CA   sing N N 247 
PRO N   CD   sing N N 248 
PRO N   H    sing N N 249 
PRO CA  C    sing N N 250 
PRO CA  CB   sing N N 251 
PRO CA  HA   sing N N 252 
PRO C   O    doub N N 253 
PRO C   OXT  sing N N 254 
PRO CB  CG   sing N N 255 
PRO CB  HB2  sing N N 256 
PRO CB  HB3  sing N N 257 
PRO CG  CD   sing N N 258 
PRO CG  HG2  sing N N 259 
PRO CG  HG3  sing N N 260 
PRO CD  HD2  sing N N 261 
PRO CD  HD3  sing N N 262 
PRO OXT HXT  sing N N 263 
SER N   CA   sing N N 264 
SER N   H    sing N N 265 
SER N   H2   sing N N 266 
SER CA  C    sing N N 267 
SER CA  CB   sing N N 268 
SER CA  HA   sing N N 269 
SER C   O    doub N N 270 
SER C   OXT  sing N N 271 
SER CB  OG   sing N N 272 
SER CB  HB2  sing N N 273 
SER CB  HB3  sing N N 274 
SER OG  HG   sing N N 275 
SER OXT HXT  sing N N 276 
THR N   CA   sing N N 277 
THR N   H    sing N N 278 
THR N   H2   sing N N 279 
THR CA  C    sing N N 280 
THR CA  CB   sing N N 281 
THR CA  HA   sing N N 282 
THR C   O    doub N N 283 
THR C   OXT  sing N N 284 
THR CB  OG1  sing N N 285 
THR CB  CG2  sing N N 286 
THR CB  HB   sing N N 287 
THR OG1 HG1  sing N N 288 
THR CG2 HG21 sing N N 289 
THR CG2 HG22 sing N N 290 
THR CG2 HG23 sing N N 291 
THR OXT HXT  sing N N 292 
TRP N   CA   sing N N 293 
TRP N   H    sing N N 294 
TRP N   H2   sing N N 295 
TRP CA  C    sing N N 296 
TRP CA  CB   sing N N 297 
TRP CA  HA   sing N N 298 
TRP C   O    doub N N 299 
TRP C   OXT  sing N N 300 
TRP CB  CG   sing N N 301 
TRP CB  HB2  sing N N 302 
TRP CB  HB3  sing N N 303 
TRP CG  CD1  doub Y N 304 
TRP CG  CD2  sing Y N 305 
TRP CD1 NE1  sing Y N 306 
TRP CD1 HD1  sing N N 307 
TRP CD2 CE2  doub Y N 308 
TRP CD2 CE3  sing Y N 309 
TRP NE1 CE2  sing Y N 310 
TRP NE1 HE1  sing N N 311 
TRP CE2 CZ2  sing Y N 312 
TRP CE3 CZ3  doub Y N 313 
TRP CE3 HE3  sing N N 314 
TRP CZ2 CH2  doub Y N 315 
TRP CZ2 HZ2  sing N N 316 
TRP CZ3 CH2  sing Y N 317 
TRP CZ3 HZ3  sing N N 318 
TRP CH2 HH2  sing N N 319 
TRP OXT HXT  sing N N 320 
TYR N   CA   sing N N 321 
TYR N   H    sing N N 322 
TYR N   H2   sing N N 323 
TYR CA  C    sing N N 324 
TYR CA  CB   sing N N 325 
TYR CA  HA   sing N N 326 
TYR C   O    doub N N 327 
TYR C   OXT  sing N N 328 
TYR CB  CG   sing N N 329 
TYR CB  HB2  sing N N 330 
TYR CB  HB3  sing N N 331 
TYR CG  CD1  doub Y N 332 
TYR CG  CD2  sing Y N 333 
TYR CD1 CE1  sing Y N 334 
TYR CD1 HD1  sing N N 335 
TYR CD2 CE2  doub Y N 336 
TYR CD2 HD2  sing N N 337 
TYR CE1 CZ   doub Y N 338 
TYR CE1 HE1  sing N N 339 
TYR CE2 CZ   sing Y N 340 
TYR CE2 HE2  sing N N 341 
TYR CZ  OH   sing N N 342 
TYR OH  HH   sing N N 343 
TYR OXT HXT  sing N N 344 
VAL N   CA   sing N N 345 
VAL N   H    sing N N 346 
VAL N   H2   sing N N 347 
VAL CA  C    sing N N 348 
VAL CA  CB   sing N N 349 
VAL CA  HA   sing N N 350 
VAL C   O    doub N N 351 
VAL C   OXT  sing N N 352 
VAL CB  CG1  sing N N 353 
VAL CB  CG2  sing N N 354 
VAL CB  HB   sing N N 355 
VAL CG1 HG11 sing N N 356 
VAL CG1 HG12 sing N N 357 
VAL CG1 HG13 sing N N 358 
VAL CG2 HG21 sing N N 359 
VAL CG2 HG22 sing N N 360 
VAL CG2 HG23 sing N N 361 
VAL OXT HXT  sing N N 362 
ZZ6 CL2 C21  sing N N 363 
ZZ6 C21 C20  sing Y N 364 
ZZ6 C21 C11  doub Y N 365 
ZZ6 C20 C19  doub Y N 366 
ZZ6 C19 CL1  sing N N 367 
ZZ6 C19 C18  sing Y N 368 
ZZ6 C18 C17  doub Y N 369 
ZZ6 C17 C11  sing Y N 370 
ZZ6 C11 C2   sing Y N 371 
ZZ6 C2  N1   sing Y N 372 
ZZ6 C2  C6   doub Y N 373 
ZZ6 N1  C4   doub Y N 374 
ZZ6 C4  N10  sing N N 375 
ZZ6 C4  N3   sing Y N 376 
ZZ6 N3  C5   doub Y N 377 
ZZ6 C5  S9   sing Y N 378 
ZZ6 C5  C6   sing Y N 379 
ZZ6 S9  C8   sing Y N 380 
ZZ6 C6  C7   sing Y N 381 
ZZ6 C7  C8   doub Y N 382 
ZZ6 C8  C12  sing N N 383 
ZZ6 C12 O13  doub N N 384 
ZZ6 C12 N14  sing N N 385 
ZZ6 N14 C15  sing N N 386 
ZZ6 C15 C16  sing N N 387 
ZZ6 C20 H20  sing N N 388 
ZZ6 C18 H18  sing N N 389 
ZZ6 C17 H17  sing N N 390 
ZZ6 N10 H101 sing N N 391 
ZZ6 N10 H102 sing N N 392 
ZZ6 C7  H7   sing N N 393 
ZZ6 N14 H14  sing N N 394 
ZZ6 C15 H151 sing N N 395 
ZZ6 C15 H152 sing N N 396 
ZZ6 C16 H161 sing N N 397 
ZZ6 C16 H162 sing N N 398 
ZZ6 C16 H163 sing N N 399 
# 
loop_
_pdbx_entity_nonpoly.entity_id 
_pdbx_entity_nonpoly.name 
_pdbx_entity_nonpoly.comp_id 
2 '2-AMINO-4-(2,4-DICHLOROPHENYL)-N-ETHYLTHIENO[2,3-D]PYRIMIDINE-6-CARBOXAMIDE' ZZ6 
3 water                                                                         HOH 
# 
_pdbx_initial_refinement_model.id               1 
_pdbx_initial_refinement_model.entity_id_list   ? 
_pdbx_initial_refinement_model.type             'experimental model' 
_pdbx_initial_refinement_model.source_name      PDB 
_pdbx_initial_refinement_model.accession_code   1UY6 
_pdbx_initial_refinement_model.details          'PDB ENTRY 1UY6' 
# 
